data_6IEW
# 
_entry.id   6IEW 
# 
_audit_conform.dict_name       mmcif_pdbx.dic 
_audit_conform.dict_version    5.387 
_audit_conform.dict_location   http://mmcif.pdb.org/dictionaries/ascii/mmcif_pdbx.dic 
# 
loop_
_database_2.database_id 
_database_2.database_code 
_database_2.pdbx_database_accession 
_database_2.pdbx_DOI 
PDB   6IEW         pdb_00006iew 10.2210/pdb6iew/pdb 
WWPDB D_1300009073 ?            ?                   
# 
loop_
_pdbx_audit_revision_history.ordinal 
_pdbx_audit_revision_history.data_content_type 
_pdbx_audit_revision_history.major_revision 
_pdbx_audit_revision_history.minor_revision 
_pdbx_audit_revision_history.revision_date 
1 'Structure model' 1 0 2019-08-21 
2 'Structure model' 1 1 2020-02-26 
3 'Structure model' 1 2 2024-03-27 
# 
_pdbx_audit_revision_details.ordinal             1 
_pdbx_audit_revision_details.revision_ordinal    1 
_pdbx_audit_revision_details.data_content_type   'Structure model' 
_pdbx_audit_revision_details.provider            repository 
_pdbx_audit_revision_details.type                'Initial release' 
_pdbx_audit_revision_details.description         ? 
_pdbx_audit_revision_details.details             ? 
# 
loop_
_pdbx_audit_revision_group.ordinal 
_pdbx_audit_revision_group.revision_ordinal 
_pdbx_audit_revision_group.data_content_type 
_pdbx_audit_revision_group.group 
1 2 'Structure model' 'Database references' 
2 3 'Structure model' 'Data collection'     
3 3 'Structure model' 'Database references' 
# 
loop_
_pdbx_audit_revision_category.ordinal 
_pdbx_audit_revision_category.revision_ordinal 
_pdbx_audit_revision_category.data_content_type 
_pdbx_audit_revision_category.category 
1 2 'Structure model' citation        
2 2 'Structure model' citation_author 
3 3 'Structure model' chem_comp_atom  
4 3 'Structure model' chem_comp_bond  
5 3 'Structure model' database_2      
# 
loop_
_pdbx_audit_revision_item.ordinal 
_pdbx_audit_revision_item.revision_ordinal 
_pdbx_audit_revision_item.data_content_type 
_pdbx_audit_revision_item.item 
1  2 'Structure model' '_citation.country'                   
2  2 'Structure model' '_citation.journal_abbrev'            
3  2 'Structure model' '_citation.journal_id_CSD'            
4  2 'Structure model' '_citation.journal_id_ISSN'           
5  2 'Structure model' '_citation.journal_volume'            
6  2 'Structure model' '_citation.page_first'                
7  2 'Structure model' '_citation.page_last'                 
8  2 'Structure model' '_citation.pdbx_database_id_DOI'      
9  2 'Structure model' '_citation.pdbx_database_id_PubMed'   
10 2 'Structure model' '_citation.title'                     
11 2 'Structure model' '_citation.year'                      
12 3 'Structure model' '_database_2.pdbx_DOI'                
13 3 'Structure model' '_database_2.pdbx_database_accession' 
# 
_pdbx_database_status.status_code                     REL 
_pdbx_database_status.status_code_sf                  REL 
_pdbx_database_status.status_code_mr                  ? 
_pdbx_database_status.entry_id                        6IEW 
_pdbx_database_status.recvd_initial_deposition_date   2018-09-17 
_pdbx_database_status.SG_entry                        N 
_pdbx_database_status.deposit_site                    PDBJ 
_pdbx_database_status.process_site                    PDBJ 
_pdbx_database_status.status_code_cs                  ? 
_pdbx_database_status.methods_development_category    ? 
_pdbx_database_status.pdb_format_compatible           Y 
_pdbx_database_status.status_code_nmr_data            ? 
# 
loop_
_audit_author.name 
_audit_author.pdbx_ordinal 
_audit_author.identifier_ORCID 
'Huang, Y.' 1 0000-0002-2806-2874 
'Cheng, S.' 2 0000-0001-9906-1062 
# 
_citation.abstract                  ? 
_citation.abstract_id_CAS           ? 
_citation.book_id_ISBN              ? 
_citation.book_publisher            ? 
_citation.book_publisher_city       ? 
_citation.book_title                ? 
_citation.coordinate_linkage        ? 
_citation.country                   UK 
_citation.database_id_Medline       ? 
_citation.details                   ? 
_citation.id                        primary 
_citation.journal_abbrev            'Nat.Cell Biol.' 
_citation.journal_id_ASTM           ? 
_citation.journal_id_CSD            ? 
_citation.journal_id_ISSN           1465-7392 
_citation.journal_full              ? 
_citation.journal_issue             ? 
_citation.journal_volume            21 
_citation.language                  ? 
_citation.page_first                1261 
_citation.page_last                 1272 
_citation.title                     
'A Pandas complex adapted for piRNA-guided transcriptional silencing and heterochromatin formation.' 
_citation.year                      2019 
_citation.database_id_CSD           ? 
_citation.pdbx_database_id_DOI      10.1038/s41556-019-0396-0 
_citation.pdbx_database_id_PubMed   31570835 
_citation.unpublished_flag          ? 
# 
loop_
_citation_author.citation_id 
_citation_author.name 
_citation_author.ordinal 
_citation_author.identifier_ORCID 
primary 'Zhao, K.'   1  ?                   
primary 'Cheng, S.'  2  ?                   
primary 'Miao, N.'   3  ?                   
primary 'Xu, P.'     4  ?                   
primary 'Lu, X.'     5  ?                   
primary 'Zhang, Y.'  6  ?                   
primary 'Wang, M.'   7  0000-0002-1959-4879 
primary 'Ouyang, X.' 8  ?                   
primary 'Yuan, X.'   9  ?                   
primary 'Liu, W.'    10 ?                   
primary 'Lu, X.'     11 ?                   
primary 'Zhou, P.'   12 ?                   
primary 'Gu, J.'     13 0000-0002-5304-1688 
primary 'Zhang, Y.'  14 ?                   
primary 'Qiu, D.'    15 ?                   
primary 'Jin, Z.'    16 ?                   
primary 'Su, C.'     17 ?                   
primary 'Peng, C.'   18 ?                   
primary 'Wang, J.H.' 19 ?                   
primary 'Dong, M.Q.' 20 0000-0002-6094-1182 
primary 'Wan, Y.'    21 ?                   
primary 'Ma, J.'     22 0000-0002-0232-1786 
primary 'Cheng, H.'  23 ?                   
primary 'Huang, Y.'  24 0000-0002-2806-2874 
primary 'Yu, Y.'     25 0000-0003-0536-2783 
# 
loop_
_entity.id 
_entity.type 
_entity.src_method 
_entity.pdbx_description 
_entity.formula_weight 
_entity.pdbx_number_of_molecules 
_entity.pdbx_ec 
_entity.pdbx_mutation 
_entity.pdbx_fragment 
_entity.details 
1 polymer     man 'Fusion protein of Nuclear RNA export factor 2 and Protein panoramix' 10248.549 1   ? ? ? ? 
2 non-polymer syn GLYCEROL                                                              92.094    1   ? ? ? ? 
3 water       nat water                                                                 18.015    216 ? ? ? ? 
# 
_entity_name_com.entity_id   1 
_entity_name_com.name        'Protein silencio' 
# 
_entity_poly.entity_id                      1 
_entity_poly.type                           'polypeptide(L)' 
_entity_poly.nstd_linkage                   no 
_entity_poly.nstd_monomer                   no 
_entity_poly.pdbx_seq_one_letter_code       
;GPLGSDVKDHKLLLFQEVTGLISTWVTSIVEEADWDFERALKLFIQKNADHEIPDLAFAGSGSGSGSLSKADKRSLAVAR
AELVLEQIQQKANK
;
_entity_poly.pdbx_seq_one_letter_code_can   
;GPLGSDVKDHKLLLFQEVTGLISTWVTSIVEEADWDFERALKLFIQKNADHEIPDLAFAGSGSGSGSLSKADKRSLAVAR
AELVLEQIQQKANK
;
_entity_poly.pdbx_strand_id                 A 
_entity_poly.pdbx_target_identifier         ? 
# 
loop_
_pdbx_entity_nonpoly.entity_id 
_pdbx_entity_nonpoly.name 
_pdbx_entity_nonpoly.comp_id 
2 GLYCEROL GOL 
3 water    HOH 
# 
loop_
_entity_poly_seq.entity_id 
_entity_poly_seq.num 
_entity_poly_seq.mon_id 
_entity_poly_seq.hetero 
1 1  GLY n 
1 2  PRO n 
1 3  LEU n 
1 4  GLY n 
1 5  SER n 
1 6  ASP n 
1 7  VAL n 
1 8  LYS n 
1 9  ASP n 
1 10 HIS n 
1 11 LYS n 
1 12 LEU n 
1 13 LEU n 
1 14 LEU n 
1 15 PHE n 
1 16 GLN n 
1 17 GLU n 
1 18 VAL n 
1 19 THR n 
1 20 GLY n 
1 21 LEU n 
1 22 ILE n 
1 23 SER n 
1 24 THR n 
1 25 TRP n 
1 26 VAL n 
1 27 THR n 
1 28 SER n 
1 29 ILE n 
1 30 VAL n 
1 31 GLU n 
1 32 GLU n 
1 33 ALA n 
1 34 ASP n 
1 35 TRP n 
1 36 ASP n 
1 37 PHE n 
1 38 GLU n 
1 39 ARG n 
1 40 ALA n 
1 41 LEU n 
1 42 LYS n 
1 43 LEU n 
1 44 PHE n 
1 45 ILE n 
1 46 GLN n 
1 47 LYS n 
1 48 ASN n 
1 49 ALA n 
1 50 ASP n 
1 51 HIS n 
1 52 GLU n 
1 53 ILE n 
1 54 PRO n 
1 55 ASP n 
1 56 LEU n 
1 57 ALA n 
1 58 PHE n 
1 59 ALA n 
1 60 GLY n 
1 61 SER n 
1 62 GLY n 
1 63 SER n 
1 64 GLY n 
1 65 SER n 
1 66 GLY n 
1 67 SER n 
1 68 LEU n 
1 69 SER n 
1 70 LYS n 
1 71 ALA n 
1 72 ASP n 
1 73 LYS n 
1 74 ARG n 
1 75 SER n 
1 76 LEU n 
1 77 ALA n 
1 78 VAL n 
1 79 ALA n 
1 80 ARG n 
1 81 ALA n 
1 82 GLU n 
1 83 LEU n 
1 84 VAL n 
1 85 LEU n 
1 86 GLU n 
1 87 GLN n 
1 88 ILE n 
1 89 GLN n 
1 90 GLN n 
1 91 LYS n 
1 92 ALA n 
1 93 ASN n 
1 94 LYS n 
# 
loop_
_entity_src_gen.entity_id 
_entity_src_gen.pdbx_src_id 
_entity_src_gen.pdbx_alt_source_flag 
_entity_src_gen.pdbx_seq_type 
_entity_src_gen.pdbx_beg_seq_num 
_entity_src_gen.pdbx_end_seq_num 
_entity_src_gen.gene_src_common_name 
_entity_src_gen.gene_src_genus 
_entity_src_gen.pdbx_gene_src_gene 
_entity_src_gen.gene_src_species 
_entity_src_gen.gene_src_strain 
_entity_src_gen.gene_src_tissue 
_entity_src_gen.gene_src_tissue_fraction 
_entity_src_gen.gene_src_details 
_entity_src_gen.pdbx_gene_src_fragment 
_entity_src_gen.pdbx_gene_src_scientific_name 
_entity_src_gen.pdbx_gene_src_ncbi_taxonomy_id 
_entity_src_gen.pdbx_gene_src_variant 
_entity_src_gen.pdbx_gene_src_cell_line 
_entity_src_gen.pdbx_gene_src_atcc 
_entity_src_gen.pdbx_gene_src_organ 
_entity_src_gen.pdbx_gene_src_organelle 
_entity_src_gen.pdbx_gene_src_cell 
_entity_src_gen.pdbx_gene_src_cellular_location 
_entity_src_gen.host_org_common_name 
_entity_src_gen.pdbx_host_org_scientific_name 
_entity_src_gen.pdbx_host_org_ncbi_taxonomy_id 
_entity_src_gen.host_org_genus 
_entity_src_gen.pdbx_host_org_gene 
_entity_src_gen.pdbx_host_org_organ 
_entity_src_gen.host_org_species 
_entity_src_gen.pdbx_host_org_tissue 
_entity_src_gen.pdbx_host_org_tissue_fraction 
_entity_src_gen.pdbx_host_org_strain 
_entity_src_gen.pdbx_host_org_variant 
_entity_src_gen.pdbx_host_org_cell_line 
_entity_src_gen.pdbx_host_org_atcc 
_entity_src_gen.pdbx_host_org_culture_collection 
_entity_src_gen.pdbx_host_org_cell 
_entity_src_gen.pdbx_host_org_organelle 
_entity_src_gen.pdbx_host_org_cellular_location 
_entity_src_gen.pdbx_host_org_vector_type 
_entity_src_gen.pdbx_host_org_vector 
_entity_src_gen.host_org_details 
_entity_src_gen.expression_system_id 
_entity_src_gen.plasmid_name 
_entity_src_gen.plasmid_details 
_entity_src_gen.pdbx_description 
1 1 sample 'Biological sequence' 1  67 'Fruit fly' ? 'nxf2, CG4118' ? ? ? ? ? ? 'Drosophila melanogaster' 7227 ? ? ? ? ? ? ? ? 
'Escherichia coli' 562 ? ? ? ? ? ? ? ? ? ? ? ? ? ? ? ? ? ? ? ? ? 
1 2 sample 'Biological sequence' 68 94 'Fruit fly' ? 'Panx, CG9754' ? ? ? ? ? ? 'Drosophila melanogaster' 7227 ? ? ? ? ? ? ? ? 
'Escherichia coli' 562 ? ? ? ? ? ? ? ? ? ? ? ? ? ? ? ? ? ? ? ? ? 
# 
loop_
_chem_comp.id 
_chem_comp.type 
_chem_comp.mon_nstd_flag 
_chem_comp.name 
_chem_comp.pdbx_synonyms 
_chem_comp.formula 
_chem_comp.formula_weight 
ALA 'L-peptide linking' y ALANINE         ?                               'C3 H7 N O2'     89.093  
ARG 'L-peptide linking' y ARGININE        ?                               'C6 H15 N4 O2 1' 175.209 
ASN 'L-peptide linking' y ASPARAGINE      ?                               'C4 H8 N2 O3'    132.118 
ASP 'L-peptide linking' y 'ASPARTIC ACID' ?                               'C4 H7 N O4'     133.103 
GLN 'L-peptide linking' y GLUTAMINE       ?                               'C5 H10 N2 O3'   146.144 
GLU 'L-peptide linking' y 'GLUTAMIC ACID' ?                               'C5 H9 N O4'     147.129 
GLY 'peptide linking'   y GLYCINE         ?                               'C2 H5 N O2'     75.067  
GOL non-polymer         . GLYCEROL        'GLYCERIN; PROPANE-1,2,3-TRIOL' 'C3 H8 O3'       92.094  
HIS 'L-peptide linking' y HISTIDINE       ?                               'C6 H10 N3 O2 1' 156.162 
HOH non-polymer         . WATER           ?                               'H2 O'           18.015  
ILE 'L-peptide linking' y ISOLEUCINE      ?                               'C6 H13 N O2'    131.173 
LEU 'L-peptide linking' y LEUCINE         ?                               'C6 H13 N O2'    131.173 
LYS 'L-peptide linking' y LYSINE          ?                               'C6 H15 N2 O2 1' 147.195 
PHE 'L-peptide linking' y PHENYLALANINE   ?                               'C9 H11 N O2'    165.189 
PRO 'L-peptide linking' y PROLINE         ?                               'C5 H9 N O2'     115.130 
SER 'L-peptide linking' y SERINE          ?                               'C3 H7 N O3'     105.093 
THR 'L-peptide linking' y THREONINE       ?                               'C4 H9 N O3'     119.119 
TRP 'L-peptide linking' y TRYPTOPHAN      ?                               'C11 H12 N2 O2'  204.225 
VAL 'L-peptide linking' y VALINE          ?                               'C5 H11 N O2'    117.146 
# 
loop_
_pdbx_poly_seq_scheme.asym_id 
_pdbx_poly_seq_scheme.entity_id 
_pdbx_poly_seq_scheme.seq_id 
_pdbx_poly_seq_scheme.mon_id 
_pdbx_poly_seq_scheme.ndb_seq_num 
_pdbx_poly_seq_scheme.pdb_seq_num 
_pdbx_poly_seq_scheme.auth_seq_num 
_pdbx_poly_seq_scheme.pdb_mon_id 
_pdbx_poly_seq_scheme.auth_mon_id 
_pdbx_poly_seq_scheme.pdb_strand_id 
_pdbx_poly_seq_scheme.pdb_ins_code 
_pdbx_poly_seq_scheme.hetero 
A 1 1  GLY 1  788 783 GLY GLY A . n 
A 1 2  PRO 2  789 784 PRO PRO A . n 
A 1 3  LEU 3  790 785 LEU LEU A . n 
A 1 4  GLY 4  791 786 GLY GLY A . n 
A 1 5  SER 5  792 787 SER SER A . n 
A 1 6  ASP 6  793 788 ASP ASP A . n 
A 1 7  VAL 7  794 789 VAL VAL A . n 
A 1 8  LYS 8  795 790 LYS LYS A . n 
A 1 9  ASP 9  796 791 ASP ASP A . n 
A 1 10 HIS 10 797 792 HIS HIS A . n 
A 1 11 LYS 11 798 793 LYS LYS A . n 
A 1 12 LEU 12 799 794 LEU LEU A . n 
A 1 13 LEU 13 800 795 LEU LEU A . n 
A 1 14 LEU 14 801 796 LEU LEU A . n 
A 1 15 PHE 15 802 797 PHE PHE A . n 
A 1 16 GLN 16 803 798 GLN GLN A . n 
A 1 17 GLU 17 804 799 GLU GLU A . n 
A 1 18 VAL 18 805 800 VAL VAL A . n 
A 1 19 THR 19 806 801 THR THR A . n 
A 1 20 GLY 20 807 802 GLY GLY A . n 
A 1 21 LEU 21 808 803 LEU LEU A . n 
A 1 22 ILE 22 809 804 ILE ILE A . n 
A 1 23 SER 23 810 805 SER SER A . n 
A 1 24 THR 24 811 806 THR THR A . n 
A 1 25 TRP 25 812 807 TRP TRP A . n 
A 1 26 VAL 26 813 808 VAL VAL A . n 
A 1 27 THR 27 814 809 THR THR A . n 
A 1 28 SER 28 815 810 SER SER A . n 
A 1 29 ILE 29 816 811 ILE ILE A . n 
A 1 30 VAL 30 817 812 VAL VAL A . n 
A 1 31 GLU 31 818 813 GLU GLU A . n 
A 1 32 GLU 32 819 814 GLU GLU A . n 
A 1 33 ALA 33 820 815 ALA ALA A . n 
A 1 34 ASP 34 821 816 ASP ASP A . n 
A 1 35 TRP 35 822 817 TRP TRP A . n 
A 1 36 ASP 36 823 818 ASP ASP A . n 
A 1 37 PHE 37 824 819 PHE PHE A . n 
A 1 38 GLU 38 825 820 GLU GLU A . n 
A 1 39 ARG 39 826 821 ARG ARG A . n 
A 1 40 ALA 40 827 822 ALA ALA A . n 
A 1 41 LEU 41 828 823 LEU LEU A . n 
A 1 42 LYS 42 829 824 LYS LYS A . n 
A 1 43 LEU 43 830 825 LEU LEU A . n 
A 1 44 PHE 44 831 826 PHE PHE A . n 
A 1 45 ILE 45 832 827 ILE ILE A . n 
A 1 46 GLN 46 833 828 GLN GLN A . n 
A 1 47 LYS 47 834 829 LYS LYS A . n 
A 1 48 ASN 48 835 830 ASN ASN A . n 
A 1 49 ALA 49 836 831 ALA ALA A . n 
A 1 50 ASP 50 837 832 ASP ASP A . n 
A 1 51 HIS 51 838 833 HIS HIS A . n 
A 1 52 GLU 52 839 834 GLU GLU A . n 
A 1 53 ILE 53 840 835 ILE ILE A . n 
A 1 54 PRO 54 841 836 PRO PRO A . n 
A 1 55 ASP 55 842 837 ASP ASP A . n 
A 1 56 LEU 56 843 838 LEU LEU A . n 
A 1 57 ALA 57 844 839 ALA ALA A . n 
A 1 58 PHE 58 845 840 PHE PHE A . n 
A 1 59 ALA 59 846 841 ALA ALA A . n 
A 1 60 GLY 60 847 842 GLY GLY A . n 
A 1 61 SER 61 848 843 SER SER A . n 
A 1 62 GLY 62 849 844 GLY GLY A . n 
A 1 63 SER 63 850 845 SER SER A . n 
A 1 64 GLY 64 851 ?   ?   ?   A . n 
A 1 65 SER 65 852 ?   ?   ?   A . n 
A 1 66 GLY 66 853 ?   ?   ?   A . n 
A 1 67 SER 67 854 314 SER SER A . n 
A 1 68 LEU 68 315 315 LEU LEU A . n 
A 1 69 SER 69 316 316 SER SER A . n 
A 1 70 LYS 70 317 317 LYS LYS A . n 
A 1 71 ALA 71 318 318 ALA ALA A . n 
A 1 72 ASP 72 319 319 ASP ASP A . n 
A 1 73 LYS 73 320 320 LYS LYS A . n 
A 1 74 ARG 74 321 321 ARG ARG A . n 
A 1 75 SER 75 322 322 SER SER A . n 
A 1 76 LEU 76 323 323 LEU LEU A . n 
A 1 77 ALA 77 324 324 ALA ALA A . n 
A 1 78 VAL 78 325 325 VAL VAL A . n 
A 1 79 ALA 79 326 326 ALA ALA A . n 
A 1 80 ARG 80 327 327 ARG ARG A . n 
A 1 81 ALA 81 328 328 ALA ALA A . n 
A 1 82 GLU 82 329 329 GLU GLU A . n 
A 1 83 LEU 83 330 330 LEU LEU A . n 
A 1 84 VAL 84 331 331 VAL VAL A . n 
A 1 85 LEU 85 332 332 LEU LEU A . n 
A 1 86 GLU 86 333 333 GLU GLU A . n 
A 1 87 GLN 87 334 334 GLN GLN A . n 
A 1 88 ILE 88 335 335 ILE ILE A . n 
A 1 89 GLN 89 336 336 GLN GLN A . n 
A 1 90 GLN 90 337 337 GLN GLN A . n 
A 1 91 LYS 91 338 338 LYS LYS A . n 
A 1 92 ALA 92 339 339 ALA ALA A . n 
A 1 93 ASN 93 340 340 ASN ASN A . n 
A 1 94 LYS 94 341 341 LYS LYS A . n 
# 
loop_
_pdbx_nonpoly_scheme.asym_id 
_pdbx_nonpoly_scheme.entity_id 
_pdbx_nonpoly_scheme.mon_id 
_pdbx_nonpoly_scheme.ndb_seq_num 
_pdbx_nonpoly_scheme.pdb_seq_num 
_pdbx_nonpoly_scheme.auth_seq_num 
_pdbx_nonpoly_scheme.pdb_mon_id 
_pdbx_nonpoly_scheme.auth_mon_id 
_pdbx_nonpoly_scheme.pdb_strand_id 
_pdbx_nonpoly_scheme.pdb_ins_code 
B 2 GOL 1   1000 1000 GOL GOL A . 
C 3 HOH 1   1101 192  HOH HOH A . 
C 3 HOH 2   1102 154  HOH HOH A . 
C 3 HOH 3   1103 76   HOH HOH A . 
C 3 HOH 4   1104 85   HOH HOH A . 
C 3 HOH 5   1105 157  HOH HOH A . 
C 3 HOH 6   1106 94   HOH HOH A . 
C 3 HOH 7   1107 142  HOH HOH A . 
C 3 HOH 8   1108 74   HOH HOH A . 
C 3 HOH 9   1109 133  HOH HOH A . 
C 3 HOH 10  1110 96   HOH HOH A . 
C 3 HOH 11  1111 90   HOH HOH A . 
C 3 HOH 12  1112 3    HOH HOH A . 
C 3 HOH 13  1113 119  HOH HOH A . 
C 3 HOH 14  1114 18   HOH HOH A . 
C 3 HOH 15  1115 111  HOH HOH A . 
C 3 HOH 16  1116 107  HOH HOH A . 
C 3 HOH 17  1117 84   HOH HOH A . 
C 3 HOH 18  1118 127  HOH HOH A . 
C 3 HOH 19  1119 164  HOH HOH A . 
C 3 HOH 20  1120 45   HOH HOH A . 
C 3 HOH 21  1121 72   HOH HOH A . 
C 3 HOH 22  1122 141  HOH HOH A . 
C 3 HOH 23  1123 2    HOH HOH A . 
C 3 HOH 24  1124 61   HOH HOH A . 
C 3 HOH 25  1125 208  HOH HOH A . 
C 3 HOH 26  1126 123  HOH HOH A . 
C 3 HOH 27  1127 181  HOH HOH A . 
C 3 HOH 28  1128 59   HOH HOH A . 
C 3 HOH 29  1129 180  HOH HOH A . 
C 3 HOH 30  1130 16   HOH HOH A . 
C 3 HOH 31  1131 93   HOH HOH A . 
C 3 HOH 32  1132 104  HOH HOH A . 
C 3 HOH 33  1133 75   HOH HOH A . 
C 3 HOH 34  1134 56   HOH HOH A . 
C 3 HOH 35  1135 1    HOH HOH A . 
C 3 HOH 36  1136 150  HOH HOH A . 
C 3 HOH 37  1137 117  HOH HOH A . 
C 3 HOH 38  1138 14   HOH HOH A . 
C 3 HOH 39  1139 200  HOH HOH A . 
C 3 HOH 40  1140 29   HOH HOH A . 
C 3 HOH 41  1141 42   HOH HOH A . 
C 3 HOH 42  1142 55   HOH HOH A . 
C 3 HOH 43  1143 50   HOH HOH A . 
C 3 HOH 44  1144 24   HOH HOH A . 
C 3 HOH 45  1145 100  HOH HOH A . 
C 3 HOH 46  1146 22   HOH HOH A . 
C 3 HOH 47  1147 48   HOH HOH A . 
C 3 HOH 48  1148 51   HOH HOH A . 
C 3 HOH 49  1149 20   HOH HOH A . 
C 3 HOH 50  1150 5    HOH HOH A . 
C 3 HOH 51  1151 87   HOH HOH A . 
C 3 HOH 52  1152 4    HOH HOH A . 
C 3 HOH 53  1153 30   HOH HOH A . 
C 3 HOH 54  1154 126  HOH HOH A . 
C 3 HOH 55  1155 9    HOH HOH A . 
C 3 HOH 56  1156 187  HOH HOH A . 
C 3 HOH 57  1157 88   HOH HOH A . 
C 3 HOH 58  1158 54   HOH HOH A . 
C 3 HOH 59  1159 86   HOH HOH A . 
C 3 HOH 60  1160 28   HOH HOH A . 
C 3 HOH 61  1161 103  HOH HOH A . 
C 3 HOH 62  1162 73   HOH HOH A . 
C 3 HOH 63  1163 40   HOH HOH A . 
C 3 HOH 64  1164 128  HOH HOH A . 
C 3 HOH 65  1165 6    HOH HOH A . 
C 3 HOH 66  1166 15   HOH HOH A . 
C 3 HOH 67  1167 27   HOH HOH A . 
C 3 HOH 68  1168 37   HOH HOH A . 
C 3 HOH 69  1169 44   HOH HOH A . 
C 3 HOH 70  1170 8    HOH HOH A . 
C 3 HOH 71  1171 41   HOH HOH A . 
C 3 HOH 72  1172 47   HOH HOH A . 
C 3 HOH 73  1173 31   HOH HOH A . 
C 3 HOH 74  1174 12   HOH HOH A . 
C 3 HOH 75  1175 11   HOH HOH A . 
C 3 HOH 76  1176 65   HOH HOH A . 
C 3 HOH 77  1177 13   HOH HOH A . 
C 3 HOH 78  1178 130  HOH HOH A . 
C 3 HOH 79  1179 163  HOH HOH A . 
C 3 HOH 80  1180 25   HOH HOH A . 
C 3 HOH 81  1181 58   HOH HOH A . 
C 3 HOH 82  1182 64   HOH HOH A . 
C 3 HOH 83  1183 82   HOH HOH A . 
C 3 HOH 84  1184 125  HOH HOH A . 
C 3 HOH 85  1185 46   HOH HOH A . 
C 3 HOH 86  1186 120  HOH HOH A . 
C 3 HOH 87  1187 7    HOH HOH A . 
C 3 HOH 88  1188 204  HOH HOH A . 
C 3 HOH 89  1189 169  HOH HOH A . 
C 3 HOH 90  1190 77   HOH HOH A . 
C 3 HOH 91  1191 118  HOH HOH A . 
C 3 HOH 92  1192 122  HOH HOH A . 
C 3 HOH 93  1193 132  HOH HOH A . 
C 3 HOH 94  1194 26   HOH HOH A . 
C 3 HOH 95  1195 193  HOH HOH A . 
C 3 HOH 96  1196 62   HOH HOH A . 
C 3 HOH 97  1197 17   HOH HOH A . 
C 3 HOH 98  1198 121  HOH HOH A . 
C 3 HOH 99  1199 112  HOH HOH A . 
C 3 HOH 100 1200 95   HOH HOH A . 
C 3 HOH 101 1201 81   HOH HOH A . 
C 3 HOH 102 1202 136  HOH HOH A . 
C 3 HOH 103 1203 151  HOH HOH A . 
C 3 HOH 104 1204 35   HOH HOH A . 
C 3 HOH 105 1205 33   HOH HOH A . 
C 3 HOH 106 1206 134  HOH HOH A . 
C 3 HOH 107 1207 114  HOH HOH A . 
C 3 HOH 108 1208 115  HOH HOH A . 
C 3 HOH 109 1209 149  HOH HOH A . 
C 3 HOH 110 1210 34   HOH HOH A . 
C 3 HOH 111 1211 19   HOH HOH A . 
C 3 HOH 112 1212 23   HOH HOH A . 
C 3 HOH 113 1213 99   HOH HOH A . 
C 3 HOH 114 1214 43   HOH HOH A . 
C 3 HOH 115 1215 195  HOH HOH A . 
C 3 HOH 116 1216 160  HOH HOH A . 
C 3 HOH 117 1217 52   HOH HOH A . 
C 3 HOH 118 1218 32   HOH HOH A . 
C 3 HOH 119 1219 182  HOH HOH A . 
C 3 HOH 120 1220 214  HOH HOH A . 
C 3 HOH 121 1221 210  HOH HOH A . 
C 3 HOH 122 1222 92   HOH HOH A . 
C 3 HOH 123 1223 216  HOH HOH A . 
C 3 HOH 124 1224 168  HOH HOH A . 
C 3 HOH 125 1225 175  HOH HOH A . 
C 3 HOH 126 1226 190  HOH HOH A . 
C 3 HOH 127 1227 139  HOH HOH A . 
C 3 HOH 128 1228 205  HOH HOH A . 
C 3 HOH 129 1229 161  HOH HOH A . 
C 3 HOH 130 1230 203  HOH HOH A . 
C 3 HOH 131 1231 188  HOH HOH A . 
C 3 HOH 132 1232 131  HOH HOH A . 
C 3 HOH 133 1233 171  HOH HOH A . 
C 3 HOH 134 1234 106  HOH HOH A . 
C 3 HOH 135 1235 183  HOH HOH A . 
C 3 HOH 136 1236 167  HOH HOH A . 
C 3 HOH 137 1237 109  HOH HOH A . 
C 3 HOH 138 1238 206  HOH HOH A . 
C 3 HOH 139 1239 158  HOH HOH A . 
C 3 HOH 140 1240 10   HOH HOH A . 
C 3 HOH 141 1241 179  HOH HOH A . 
C 3 HOH 142 1242 170  HOH HOH A . 
C 3 HOH 143 1243 143  HOH HOH A . 
C 3 HOH 144 1244 63   HOH HOH A . 
C 3 HOH 145 1245 49   HOH HOH A . 
C 3 HOH 146 1246 135  HOH HOH A . 
C 3 HOH 147 1247 108  HOH HOH A . 
C 3 HOH 148 1248 21   HOH HOH A . 
C 3 HOH 149 1249 197  HOH HOH A . 
C 3 HOH 150 1250 39   HOH HOH A . 
C 3 HOH 151 1251 113  HOH HOH A . 
C 3 HOH 152 1252 207  HOH HOH A . 
C 3 HOH 153 1253 215  HOH HOH A . 
C 3 HOH 154 1254 201  HOH HOH A . 
C 3 HOH 155 1255 156  HOH HOH A . 
C 3 HOH 156 1256 172  HOH HOH A . 
C 3 HOH 157 1257 209  HOH HOH A . 
C 3 HOH 158 1258 57   HOH HOH A . 
C 3 HOH 159 1259 110  HOH HOH A . 
C 3 HOH 160 1260 71   HOH HOH A . 
C 3 HOH 161 1261 165  HOH HOH A . 
C 3 HOH 162 1262 162  HOH HOH A . 
C 3 HOH 163 1263 185  HOH HOH A . 
C 3 HOH 164 1264 124  HOH HOH A . 
C 3 HOH 165 1265 80   HOH HOH A . 
C 3 HOH 166 1266 116  HOH HOH A . 
C 3 HOH 167 1267 98   HOH HOH A . 
C 3 HOH 168 1268 184  HOH HOH A . 
C 3 HOH 169 1269 199  HOH HOH A . 
C 3 HOH 170 1270 69   HOH HOH A . 
C 3 HOH 171 1271 155  HOH HOH A . 
C 3 HOH 172 1272 191  HOH HOH A . 
C 3 HOH 173 1273 68   HOH HOH A . 
C 3 HOH 174 1274 202  HOH HOH A . 
C 3 HOH 175 1275 60   HOH HOH A . 
C 3 HOH 176 1276 89   HOH HOH A . 
C 3 HOH 177 1277 105  HOH HOH A . 
C 3 HOH 178 1278 196  HOH HOH A . 
C 3 HOH 179 1279 146  HOH HOH A . 
C 3 HOH 180 1280 189  HOH HOH A . 
C 3 HOH 181 1281 38   HOH HOH A . 
C 3 HOH 182 1282 129  HOH HOH A . 
C 3 HOH 183 1283 147  HOH HOH A . 
C 3 HOH 184 1284 36   HOH HOH A . 
C 3 HOH 185 1285 91   HOH HOH A . 
C 3 HOH 186 1286 153  HOH HOH A . 
C 3 HOH 187 1287 166  HOH HOH A . 
C 3 HOH 188 1288 102  HOH HOH A . 
C 3 HOH 189 1289 178  HOH HOH A . 
C 3 HOH 190 1290 148  HOH HOH A . 
C 3 HOH 191 1291 159  HOH HOH A . 
C 3 HOH 192 1292 137  HOH HOH A . 
C 3 HOH 193 1293 53   HOH HOH A . 
C 3 HOH 194 1294 67   HOH HOH A . 
C 3 HOH 195 1295 97   HOH HOH A . 
C 3 HOH 196 1296 83   HOH HOH A . 
C 3 HOH 197 1297 198  HOH HOH A . 
C 3 HOH 198 1298 174  HOH HOH A . 
C 3 HOH 199 1299 194  HOH HOH A . 
C 3 HOH 200 1300 78   HOH HOH A . 
C 3 HOH 201 1301 213  HOH HOH A . 
C 3 HOH 202 1302 173  HOH HOH A . 
C 3 HOH 203 1303 138  HOH HOH A . 
C 3 HOH 204 1304 177  HOH HOH A . 
C 3 HOH 205 1305 79   HOH HOH A . 
C 3 HOH 206 1306 152  HOH HOH A . 
C 3 HOH 207 1307 101  HOH HOH A . 
C 3 HOH 208 1308 70   HOH HOH A . 
C 3 HOH 209 1309 140  HOH HOH A . 
C 3 HOH 210 1310 212  HOH HOH A . 
C 3 HOH 211 1311 145  HOH HOH A . 
C 3 HOH 212 1312 186  HOH HOH A . 
C 3 HOH 213 1313 66   HOH HOH A . 
C 3 HOH 214 1314 176  HOH HOH A . 
C 3 HOH 215 1315 144  HOH HOH A . 
C 3 HOH 216 1316 211  HOH HOH A . 
# 
loop_
_software.citation_id 
_software.classification 
_software.compiler_name 
_software.compiler_version 
_software.contact_author 
_software.contact_author_email 
_software.date 
_software.description 
_software.dependencies 
_software.hardware 
_software.language 
_software.location 
_software.mods 
_software.name 
_software.os 
_software.os_version 
_software.type 
_software.version 
_software.pdbx_ordinal 
? refinement        ? ? ? ? ? ? ? ? ? ? ? PHENIX   ? ? ? '(1.13_2998: ???)' 1 
? 'data collection' ? ? ? ? ? ? ? ? ? ? ? HKL-3000 ? ? ? .                  2 
? 'model building'  ? ? ? ? ? ? ? ? ? ? ? Coot     ? ? ? .                  3 
? phasing           ? ? ? ? ? ? ? ? ? ? ? PHENIX   ? ? ? .                  4 
? refinement        ? ? ? ? ? ? ? ? ? ? ? PHENIX   ? ? ? .                  5 
? 'data reduction'  ? ? ? ? ? ? ? ? ? ? ? HKL-3000 ? ? ? .                  6 
? 'data scaling'    ? ? ? ? ? ? ? ? ? ? ? HKL-3000 ? ? ? .                  7 
# 
_cell.angle_alpha                  90.00 
_cell.angle_alpha_esd              ? 
_cell.angle_beta                   90.00 
_cell.angle_beta_esd               ? 
_cell.angle_gamma                  90.00 
_cell.angle_gamma_esd              ? 
_cell.entry_id                     6IEW 
_cell.details                      ? 
_cell.formula_units_Z              ? 
_cell.length_a                     29.074 
_cell.length_a_esd                 ? 
_cell.length_b                     40.925 
_cell.length_b_esd                 ? 
_cell.length_c                     83.091 
_cell.length_c_esd                 ? 
_cell.volume                       ? 
_cell.volume_esd                   ? 
_cell.Z_PDB                        4 
_cell.reciprocal_angle_alpha       ? 
_cell.reciprocal_angle_beta        ? 
_cell.reciprocal_angle_gamma       ? 
_cell.reciprocal_angle_alpha_esd   ? 
_cell.reciprocal_angle_beta_esd    ? 
_cell.reciprocal_angle_gamma_esd   ? 
_cell.reciprocal_length_a          ? 
_cell.reciprocal_length_b          ? 
_cell.reciprocal_length_c          ? 
_cell.reciprocal_length_a_esd      ? 
_cell.reciprocal_length_b_esd      ? 
_cell.reciprocal_length_c_esd      ? 
_cell.pdbx_unique_axis             ? 
# 
_symmetry.entry_id                         6IEW 
_symmetry.cell_setting                     ? 
_symmetry.Int_Tables_number                18 
_symmetry.space_group_name_Hall            ? 
_symmetry.space_group_name_H-M             'P 2 21 21' 
_symmetry.pdbx_full_space_group_name_H-M   ? 
# 
_exptl.absorpt_coefficient_mu     ? 
_exptl.absorpt_correction_T_max   ? 
_exptl.absorpt_correction_T_min   ? 
_exptl.absorpt_correction_type    ? 
_exptl.absorpt_process_details    ? 
_exptl.entry_id                   6IEW 
_exptl.crystals_number            1 
_exptl.details                    ? 
_exptl.method                     'X-RAY DIFFRACTION' 
_exptl.method_details             ? 
# 
_exptl_crystal.colour                      ? 
_exptl_crystal.density_diffrn              ? 
_exptl_crystal.density_Matthews            2.56 
_exptl_crystal.density_method              ? 
_exptl_crystal.density_percent_sol         51.91 
_exptl_crystal.description                 ? 
_exptl_crystal.F_000                       ? 
_exptl_crystal.id                          1 
_exptl_crystal.preparation                 ? 
_exptl_crystal.size_max                    ? 
_exptl_crystal.size_mid                    ? 
_exptl_crystal.size_min                    ? 
_exptl_crystal.size_rad                    ? 
_exptl_crystal.colour_lustre               ? 
_exptl_crystal.colour_modifier             ? 
_exptl_crystal.colour_primary              ? 
_exptl_crystal.density_meas                ? 
_exptl_crystal.density_meas_esd            ? 
_exptl_crystal.density_meas_gt             ? 
_exptl_crystal.density_meas_lt             ? 
_exptl_crystal.density_meas_temp           ? 
_exptl_crystal.density_meas_temp_esd       ? 
_exptl_crystal.density_meas_temp_gt        ? 
_exptl_crystal.density_meas_temp_lt        ? 
_exptl_crystal.pdbx_crystal_image_url      ? 
_exptl_crystal.pdbx_crystal_image_format   ? 
_exptl_crystal.pdbx_mosaicity              ? 
_exptl_crystal.pdbx_mosaicity_esd          ? 
# 
_exptl_crystal_grow.apparatus       ? 
_exptl_crystal_grow.atmosphere      ? 
_exptl_crystal_grow.crystal_id      1 
_exptl_crystal_grow.details         ? 
_exptl_crystal_grow.method          'VAPOR DIFFUSION, HANGING DROP' 
_exptl_crystal_grow.method_ref      ? 
_exptl_crystal_grow.pH              ? 
_exptl_crystal_grow.pressure        ? 
_exptl_crystal_grow.pressure_esd    ? 
_exptl_crystal_grow.seeding         ? 
_exptl_crystal_grow.seeding_ref     ? 
_exptl_crystal_grow.temp            290 
_exptl_crystal_grow.temp_details    ? 
_exptl_crystal_grow.temp_esd        ? 
_exptl_crystal_grow.time            ? 
_exptl_crystal_grow.pdbx_details    '30%(w/v) PEG3350, 0.1M Tris (pH 9.0), 0.2M sodium acetate trihydrate' 
_exptl_crystal_grow.pdbx_pH_range   ? 
# 
_diffrn.ambient_environment              ? 
_diffrn.ambient_temp                     100 
_diffrn.ambient_temp_details             ? 
_diffrn.ambient_temp_esd                 ? 
_diffrn.crystal_id                       1 
_diffrn.crystal_support                  ? 
_diffrn.crystal_treatment                ? 
_diffrn.details                          ? 
_diffrn.id                               1 
_diffrn.ambient_pressure                 ? 
_diffrn.ambient_pressure_esd             ? 
_diffrn.ambient_pressure_gt              ? 
_diffrn.ambient_pressure_lt              ? 
_diffrn.ambient_temp_gt                  ? 
_diffrn.ambient_temp_lt                  ? 
_diffrn.pdbx_serial_crystal_experiment   ? 
# 
_diffrn_detector.details                      ? 
_diffrn_detector.detector                     PIXEL 
_diffrn_detector.diffrn_id                    1 
_diffrn_detector.type                         'DECTRIS PILATUS3 S 6M' 
_diffrn_detector.area_resol_mean              ? 
_diffrn_detector.dtime                        ? 
_diffrn_detector.pdbx_frames_total            ? 
_diffrn_detector.pdbx_collection_time_total   ? 
_diffrn_detector.pdbx_collection_date         2017-06-10 
_diffrn_detector.pdbx_frequency               ? 
# 
_diffrn_radiation.collimation                      ? 
_diffrn_radiation.diffrn_id                        1 
_diffrn_radiation.filter_edge                      ? 
_diffrn_radiation.inhomogeneity                    ? 
_diffrn_radiation.monochromator                    ? 
_diffrn_radiation.polarisn_norm                    ? 
_diffrn_radiation.polarisn_ratio                   ? 
_diffrn_radiation.probe                            ? 
_diffrn_radiation.type                             ? 
_diffrn_radiation.xray_symbol                      ? 
_diffrn_radiation.wavelength_id                    1 
_diffrn_radiation.pdbx_monochromatic_or_laue_m_l   M 
_diffrn_radiation.pdbx_wavelength_list             ? 
_diffrn_radiation.pdbx_wavelength                  ? 
_diffrn_radiation.pdbx_diffrn_protocol             'SINGLE WAVELENGTH' 
_diffrn_radiation.pdbx_analyzer                    ? 
_diffrn_radiation.pdbx_scattering_type             x-ray 
# 
_diffrn_radiation_wavelength.id           1 
_diffrn_radiation_wavelength.wavelength   0.9778 
_diffrn_radiation_wavelength.wt           1.0 
# 
_diffrn_source.current                     ? 
_diffrn_source.details                     ? 
_diffrn_source.diffrn_id                   1 
_diffrn_source.power                       ? 
_diffrn_source.size                        ? 
_diffrn_source.source                      SYNCHROTRON 
_diffrn_source.target                      ? 
_diffrn_source.type                        'SSRF BEAMLINE BL19U1' 
_diffrn_source.voltage                     ? 
_diffrn_source.take-off_angle              ? 
_diffrn_source.pdbx_wavelength_list        0.9778 
_diffrn_source.pdbx_wavelength             ? 
_diffrn_source.pdbx_synchrotron_beamline   BL19U1 
_diffrn_source.pdbx_synchrotron_site       SSRF 
# 
_reflns.B_iso_Wilson_estimate            ? 
_reflns.entry_id                         6IEW 
_reflns.data_reduction_details           ? 
_reflns.data_reduction_method            ? 
_reflns.d_resolution_high                1.50 
_reflns.d_resolution_low                 30 
_reflns.details                          ? 
_reflns.limit_h_max                      ? 
_reflns.limit_h_min                      ? 
_reflns.limit_k_max                      ? 
_reflns.limit_k_min                      ? 
_reflns.limit_l_max                      ? 
_reflns.limit_l_min                      ? 
_reflns.number_all                       ? 
_reflns.number_obs                       16378 
_reflns.observed_criterion               ? 
_reflns.observed_criterion_F_max         ? 
_reflns.observed_criterion_F_min         ? 
_reflns.observed_criterion_I_max         ? 
_reflns.observed_criterion_I_min         ? 
_reflns.observed_criterion_sigma_F       ? 
_reflns.observed_criterion_sigma_I       ? 
_reflns.percent_possible_obs             98.8 
_reflns.R_free_details                   ? 
_reflns.Rmerge_F_all                     ? 
_reflns.Rmerge_F_obs                     ? 
_reflns.Friedel_coverage                 ? 
_reflns.number_gt                        ? 
_reflns.threshold_expression             ? 
_reflns.pdbx_redundancy                  9.9 
_reflns.pdbx_Rmerge_I_obs                0.14 
_reflns.pdbx_Rmerge_I_all                ? 
_reflns.pdbx_Rsym_value                  ? 
_reflns.pdbx_netI_over_av_sigmaI         ? 
_reflns.pdbx_netI_over_sigmaI            21.7 
_reflns.pdbx_res_netI_over_av_sigmaI_2   ? 
_reflns.pdbx_res_netI_over_sigmaI_2      ? 
_reflns.pdbx_chi_squared                 ? 
_reflns.pdbx_scaling_rejects             ? 
_reflns.pdbx_d_res_high_opt              ? 
_reflns.pdbx_d_res_low_opt               ? 
_reflns.pdbx_d_res_opt_method            ? 
_reflns.phase_calculation_details        ? 
_reflns.pdbx_Rrim_I_all                  ? 
_reflns.pdbx_Rpim_I_all                  ? 
_reflns.pdbx_d_opt                       ? 
_reflns.pdbx_number_measured_all         ? 
_reflns.pdbx_diffrn_id                   1 
_reflns.pdbx_ordinal                     1 
_reflns.pdbx_CC_half                     ? 
_reflns.pdbx_R_split                     ? 
# 
_reflns_shell.d_res_high                  1.50 
_reflns_shell.d_res_low                   1.55 
_reflns_shell.meanI_over_sigI_all         ? 
_reflns_shell.meanI_over_sigI_obs         3.8 
_reflns_shell.number_measured_all         ? 
_reflns_shell.number_measured_obs         ? 
_reflns_shell.number_possible             ? 
_reflns_shell.number_unique_all           ? 
_reflns_shell.number_unique_obs           1469 
_reflns_shell.percent_possible_all        90.3 
_reflns_shell.percent_possible_obs        ? 
_reflns_shell.Rmerge_F_all                ? 
_reflns_shell.Rmerge_F_obs                ? 
_reflns_shell.Rmerge_I_all                ? 
_reflns_shell.Rmerge_I_obs                0.28 
_reflns_shell.meanI_over_sigI_gt          ? 
_reflns_shell.meanI_over_uI_all           ? 
_reflns_shell.meanI_over_uI_gt            ? 
_reflns_shell.number_measured_gt          ? 
_reflns_shell.number_unique_gt            ? 
_reflns_shell.percent_possible_gt         ? 
_reflns_shell.Rmerge_F_gt                 ? 
_reflns_shell.Rmerge_I_gt                 ? 
_reflns_shell.pdbx_redundancy             5.9 
_reflns_shell.pdbx_Rsym_value             ? 
_reflns_shell.pdbx_chi_squared            ? 
_reflns_shell.pdbx_netI_over_sigmaI_all   ? 
_reflns_shell.pdbx_netI_over_sigmaI_obs   ? 
_reflns_shell.pdbx_Rrim_I_all             ? 
_reflns_shell.pdbx_Rpim_I_all             ? 
_reflns_shell.pdbx_rejects                ? 
_reflns_shell.pdbx_ordinal                1 
_reflns_shell.pdbx_diffrn_id              1 
_reflns_shell.pdbx_CC_half                ? 
_reflns_shell.pdbx_R_split                ? 
# 
_refine.aniso_B[1][1]                            ? 
_refine.aniso_B[1][2]                            ? 
_refine.aniso_B[1][3]                            ? 
_refine.aniso_B[2][2]                            ? 
_refine.aniso_B[2][3]                            ? 
_refine.aniso_B[3][3]                            ? 
_refine.B_iso_max                                ? 
_refine.B_iso_mean                               ? 
_refine.B_iso_min                                ? 
_refine.correlation_coeff_Fo_to_Fc               ? 
_refine.correlation_coeff_Fo_to_Fc_free          ? 
_refine.details                                  ? 
_refine.diff_density_max                         ? 
_refine.diff_density_max_esd                     ? 
_refine.diff_density_min                         ? 
_refine.diff_density_min_esd                     ? 
_refine.diff_density_rms                         ? 
_refine.diff_density_rms_esd                     ? 
_refine.entry_id                                 6IEW 
_refine.pdbx_refine_id                           'X-RAY DIFFRACTION' 
_refine.ls_abs_structure_details                 ? 
_refine.ls_abs_structure_Flack                   ? 
_refine.ls_abs_structure_Flack_esd               ? 
_refine.ls_abs_structure_Rogers                  ? 
_refine.ls_abs_structure_Rogers_esd              ? 
_refine.ls_d_res_high                            1.500 
_refine.ls_d_res_low                             29.074 
_refine.ls_extinction_coef                       ? 
_refine.ls_extinction_coef_esd                   ? 
_refine.ls_extinction_expression                 ? 
_refine.ls_extinction_method                     ? 
_refine.ls_goodness_of_fit_all                   ? 
_refine.ls_goodness_of_fit_all_esd               ? 
_refine.ls_goodness_of_fit_obs                   ? 
_refine.ls_goodness_of_fit_obs_esd               ? 
_refine.ls_hydrogen_treatment                    ? 
_refine.ls_matrix_type                           ? 
_refine.ls_number_constraints                    ? 
_refine.ls_number_parameters                     ? 
_refine.ls_number_reflns_all                     ? 
_refine.ls_number_reflns_obs                     16378 
_refine.ls_number_reflns_R_free                  1638 
_refine.ls_number_reflns_R_work                  ? 
_refine.ls_number_restraints                     ? 
_refine.ls_percent_reflns_obs                    98.87 
_refine.ls_percent_reflns_R_free                 10.00 
_refine.ls_R_factor_all                          ? 
_refine.ls_R_factor_obs                          0.1647 
_refine.ls_R_factor_R_free                       0.1732 
_refine.ls_R_factor_R_free_error                 ? 
_refine.ls_R_factor_R_free_error_details         ? 
_refine.ls_R_factor_R_work                       0.1637 
_refine.ls_R_Fsqd_factor_obs                     ? 
_refine.ls_R_I_factor_obs                        ? 
_refine.ls_redundancy_reflns_all                 ? 
_refine.ls_redundancy_reflns_obs                 ? 
_refine.ls_restrained_S_all                      ? 
_refine.ls_restrained_S_obs                      ? 
_refine.ls_shift_over_esd_max                    ? 
_refine.ls_shift_over_esd_mean                   ? 
_refine.ls_structure_factor_coef                 ? 
_refine.ls_weighting_details                     ? 
_refine.ls_weighting_scheme                      ? 
_refine.ls_wR_factor_all                         ? 
_refine.ls_wR_factor_obs                         ? 
_refine.ls_wR_factor_R_free                      ? 
_refine.ls_wR_factor_R_work                      ? 
_refine.occupancy_max                            ? 
_refine.occupancy_min                            ? 
_refine.solvent_model_details                    ? 
_refine.solvent_model_param_bsol                 ? 
_refine.solvent_model_param_ksol                 ? 
_refine.ls_R_factor_gt                           ? 
_refine.ls_goodness_of_fit_gt                    ? 
_refine.ls_goodness_of_fit_ref                   ? 
_refine.ls_shift_over_su_max                     ? 
_refine.ls_shift_over_su_max_lt                  ? 
_refine.ls_shift_over_su_mean                    ? 
_refine.ls_shift_over_su_mean_lt                 ? 
_refine.pdbx_ls_sigma_I                          ? 
_refine.pdbx_ls_sigma_F                          1.50 
_refine.pdbx_ls_sigma_Fsqd                       ? 
_refine.pdbx_data_cutoff_high_absF               ? 
_refine.pdbx_data_cutoff_high_rms_absF           ? 
_refine.pdbx_data_cutoff_low_absF                ? 
_refine.pdbx_isotropic_thermal_model             ? 
_refine.pdbx_ls_cross_valid_method               'FREE R-VALUE' 
_refine.pdbx_method_to_determine_struct          SAD 
_refine.pdbx_starting_model                      ? 
_refine.pdbx_stereochemistry_target_values       ? 
_refine.pdbx_R_Free_selection_details            ? 
_refine.pdbx_stereochem_target_val_spec_case     ? 
_refine.pdbx_overall_ESU_R                       ? 
_refine.pdbx_overall_ESU_R_Free                  ? 
_refine.pdbx_solvent_vdw_probe_radii             1.11 
_refine.pdbx_solvent_ion_probe_radii             ? 
_refine.pdbx_solvent_shrinkage_radii             0.90 
_refine.pdbx_real_space_R                        ? 
_refine.pdbx_density_correlation                 ? 
_refine.pdbx_pd_number_of_powder_patterns        ? 
_refine.pdbx_pd_number_of_points                 ? 
_refine.pdbx_pd_meas_number_of_points            ? 
_refine.pdbx_pd_proc_ls_prof_R_factor            ? 
_refine.pdbx_pd_proc_ls_prof_wR_factor           ? 
_refine.pdbx_pd_Marquardt_correlation_coeff      ? 
_refine.pdbx_pd_Fsqrd_R_factor                   ? 
_refine.pdbx_pd_ls_matrix_band_width             ? 
_refine.pdbx_overall_phase_error                 15.52 
_refine.pdbx_overall_SU_R_free_Cruickshank_DPI   ? 
_refine.pdbx_overall_SU_R_free_Blow_DPI          ? 
_refine.pdbx_overall_SU_R_Blow_DPI               ? 
_refine.pdbx_TLS_residual_ADP_flag               ? 
_refine.pdbx_diffrn_id                           1 
_refine.overall_SU_B                             ? 
_refine.overall_SU_ML                            0.12 
_refine.overall_SU_R_Cruickshank_DPI             ? 
_refine.overall_SU_R_free                        ? 
_refine.overall_FOM_free_R_set                   ? 
_refine.overall_FOM_work_R_set                   ? 
_refine.pdbx_average_fsc_overall                 ? 
_refine.pdbx_average_fsc_work                    ? 
_refine.pdbx_average_fsc_free                    ? 
# 
_refine_hist.pdbx_refine_id                   'X-RAY DIFFRACTION' 
_refine_hist.cycle_id                         LAST 
_refine_hist.pdbx_number_atoms_protein        714 
_refine_hist.pdbx_number_atoms_nucleic_acid   0 
_refine_hist.pdbx_number_atoms_ligand         0 
_refine_hist.number_atoms_solvent             216 
_refine_hist.number_atoms_total               930 
_refine_hist.d_res_high                       1.500 
_refine_hist.d_res_low                        29.074 
# 
loop_
_refine_ls_restr.pdbx_refine_id 
_refine_ls_restr.criterion 
_refine_ls_restr.dev_ideal 
_refine_ls_restr.dev_ideal_target 
_refine_ls_restr.number 
_refine_ls_restr.rejects 
_refine_ls_restr.type 
_refine_ls_restr.weight 
_refine_ls_restr.pdbx_restraint_function 
'X-RAY DIFFRACTION' ? 0.003  ? 748  ? f_bond_d           ? ? 
'X-RAY DIFFRACTION' ? 0.640  ? 1011 ? f_angle_d          ? ? 
'X-RAY DIFFRACTION' ? 13.001 ? 284  ? f_dihedral_angle_d ? ? 
'X-RAY DIFFRACTION' ? 0.056  ? 116  ? f_chiral_restr     ? ? 
'X-RAY DIFFRACTION' ? 0.003  ? 129  ? f_plane_restr      ? ? 
# 
loop_
_refine_ls_shell.pdbx_refine_id 
_refine_ls_shell.d_res_high 
_refine_ls_shell.d_res_low 
_refine_ls_shell.number_reflns_all 
_refine_ls_shell.number_reflns_obs 
_refine_ls_shell.number_reflns_R_free 
_refine_ls_shell.number_reflns_R_work 
_refine_ls_shell.percent_reflns_obs 
_refine_ls_shell.percent_reflns_R_free 
_refine_ls_shell.R_factor_all 
_refine_ls_shell.R_factor_obs 
_refine_ls_shell.R_factor_R_free 
_refine_ls_shell.R_factor_R_free_error 
_refine_ls_shell.R_factor_R_work 
_refine_ls_shell.redundancy_reflns_all 
_refine_ls_shell.redundancy_reflns_obs 
_refine_ls_shell.wR_factor_all 
_refine_ls_shell.wR_factor_obs 
_refine_ls_shell.wR_factor_R_free 
_refine_ls_shell.wR_factor_R_work 
_refine_ls_shell.pdbx_total_number_of_bins_used 
_refine_ls_shell.pdbx_phase_error 
_refine_ls_shell.pdbx_fsc_work 
_refine_ls_shell.pdbx_fsc_free 
'X-RAY DIFFRACTION' 1.4997 1.5439  . . 122 1101 89.00  . . . 0.2123 . 0.1860 . . . . . . . . . . 
'X-RAY DIFFRACTION' 1.5439 1.5937  . . 129 1165 97.00  . . . 0.1991 . 0.1727 . . . . . . . . . . 
'X-RAY DIFFRACTION' 1.5937 1.6506  . . 136 1220 100.00 . . . 0.1890 . 0.1583 . . . . . . . . . . 
'X-RAY DIFFRACTION' 1.6506 1.7167  . . 137 1234 100.00 . . . 0.1718 . 0.1562 . . . . . . . . . . 
'X-RAY DIFFRACTION' 1.7167 1.7948  . . 136 1221 100.00 . . . 0.1705 . 0.1631 . . . . . . . . . . 
'X-RAY DIFFRACTION' 1.7948 1.8894  . . 135 1213 100.00 . . . 0.2032 . 0.1669 . . . . . . . . . . 
'X-RAY DIFFRACTION' 1.8894 2.0078  . . 137 1232 100.00 . . . 0.2004 . 0.1679 . . . . . . . . . . 
'X-RAY DIFFRACTION' 2.0078 2.1628  . . 137 1235 100.00 . . . 0.1621 . 0.1482 . . . . . . . . . . 
'X-RAY DIFFRACTION' 2.1628 2.3803  . . 138 1245 100.00 . . . 0.1710 . 0.1536 . . . . . . . . . . 
'X-RAY DIFFRACTION' 2.3803 2.7246  . . 139 1251 100.00 . . . 0.1564 . 0.1710 . . . . . . . . . . 
'X-RAY DIFFRACTION' 2.7246 3.4318  . . 142 1273 100.00 . . . 0.1674 . 0.1649 . . . . . . . . . . 
'X-RAY DIFFRACTION' 3.4318 29.0795 . . 150 1350 100.00 . . . 0.1671 . 0.1659 . . . . . . . . . . 
# 
_struct.entry_id                     6IEW 
_struct.title                        'The crystal structure of the dNxf2 UBA domain in complex with Panoramix' 
_struct.pdbx_model_details           ? 
_struct.pdbx_formula_weight          ? 
_struct.pdbx_formula_weight_method   ? 
_struct.pdbx_model_type_details      ? 
_struct.pdbx_CASP_flag               N 
# 
_struct_keywords.entry_id        6IEW 
_struct_keywords.text            'piRNA, PROTEIN BINDING' 
_struct_keywords.pdbx_keywords   'PROTEIN BINDING' 
# 
loop_
_struct_asym.id 
_struct_asym.pdbx_blank_PDB_chainid_flag 
_struct_asym.pdbx_modified 
_struct_asym.entity_id 
_struct_asym.details 
A N N 1 ? 
B N N 2 ? 
C N N 3 ? 
# 
loop_
_struct_ref.id 
_struct_ref.db_name 
_struct_ref.db_code 
_struct_ref.pdbx_db_accession 
_struct_ref.pdbx_db_isoform 
_struct_ref.entity_id 
_struct_ref.pdbx_seq_one_letter_code 
_struct_ref.pdbx_align_begin 
1 UNP NXF2_DROME Q9VV73 ? 1 DVKDHKLLLFQEVTGLISTWVTSIVEEADWDFERALKLFIQKNADHEIPDLAFA 788 
2 UNP PANX_DROME Q9W2H9 ? 1 LSKADKRSLAVARAELVLEQIQQKANK                            315 
# 
loop_
_struct_ref_seq.align_id 
_struct_ref_seq.ref_id 
_struct_ref_seq.pdbx_PDB_id_code 
_struct_ref_seq.pdbx_strand_id 
_struct_ref_seq.seq_align_beg 
_struct_ref_seq.pdbx_seq_align_beg_ins_code 
_struct_ref_seq.seq_align_end 
_struct_ref_seq.pdbx_seq_align_end_ins_code 
_struct_ref_seq.pdbx_db_accession 
_struct_ref_seq.db_align_beg 
_struct_ref_seq.pdbx_db_align_beg_ins_code 
_struct_ref_seq.db_align_end 
_struct_ref_seq.pdbx_db_align_end_ins_code 
_struct_ref_seq.pdbx_auth_seq_align_beg 
_struct_ref_seq.pdbx_auth_seq_align_end 
1 1 6IEW A 6  ? 59 ? Q9VV73 788 ? 841 ? 793 846 
2 2 6IEW A 68 ? 94 ? Q9W2H9 315 ? 341 ? 315 341 
# 
loop_
_struct_ref_seq_dif.align_id 
_struct_ref_seq_dif.pdbx_pdb_id_code 
_struct_ref_seq_dif.mon_id 
_struct_ref_seq_dif.pdbx_pdb_strand_id 
_struct_ref_seq_dif.seq_num 
_struct_ref_seq_dif.pdbx_pdb_ins_code 
_struct_ref_seq_dif.pdbx_seq_db_name 
_struct_ref_seq_dif.pdbx_seq_db_accession_code 
_struct_ref_seq_dif.db_mon_id 
_struct_ref_seq_dif.pdbx_seq_db_seq_num 
_struct_ref_seq_dif.details 
_struct_ref_seq_dif.pdbx_auth_seq_num 
_struct_ref_seq_dif.pdbx_ordinal 
1 6IEW GLY A 1  ? UNP Q9VV73 ? ? 'expression tag' 788 1  
1 6IEW PRO A 2  ? UNP Q9VV73 ? ? 'expression tag' 789 2  
1 6IEW LEU A 3  ? UNP Q9VV73 ? ? 'expression tag' 790 3  
1 6IEW GLY A 4  ? UNP Q9VV73 ? ? 'expression tag' 791 4  
1 6IEW SER A 5  ? UNP Q9VV73 ? ? 'expression tag' 792 5  
1 6IEW GLY A 60 ? UNP Q9VV73 ? ? linker           847 6  
1 6IEW SER A 61 ? UNP Q9VV73 ? ? linker           848 7  
1 6IEW GLY A 62 ? UNP Q9VV73 ? ? linker           849 8  
1 6IEW SER A 63 ? UNP Q9VV73 ? ? linker           850 9  
1 6IEW GLY A 64 ? UNP Q9VV73 ? ? linker           851 10 
1 6IEW SER A 65 ? UNP Q9VV73 ? ? linker           852 11 
1 6IEW GLY A 66 ? UNP Q9VV73 ? ? linker           853 12 
1 6IEW SER A 67 ? UNP Q9VV73 ? ? linker           854 13 
# 
_pdbx_struct_assembly.id                   1 
_pdbx_struct_assembly.details              author_and_software_defined_assembly 
_pdbx_struct_assembly.method_details       PISA 
_pdbx_struct_assembly.oligomeric_details   monomeric 
_pdbx_struct_assembly.oligomeric_count     1 
# 
loop_
_pdbx_struct_assembly_prop.biol_id 
_pdbx_struct_assembly_prop.type 
_pdbx_struct_assembly_prop.value 
_pdbx_struct_assembly_prop.details 
1 'ABSA (A^2)' 240  ? 
1 MORE         -1   ? 
1 'SSA (A^2)'  6030 ? 
# 
_pdbx_struct_assembly_gen.assembly_id       1 
_pdbx_struct_assembly_gen.oper_expression   1 
_pdbx_struct_assembly_gen.asym_id_list      A,B,C 
# 
_pdbx_struct_assembly_auth_evidence.id                     1 
_pdbx_struct_assembly_auth_evidence.assembly_id            1 
_pdbx_struct_assembly_auth_evidence.experimental_support   'gel filtration' 
_pdbx_struct_assembly_auth_evidence.details                
;In the previous gel filtration experiments, dNxf2-UBA co-migrated with Panx at a 1:1 ratio. In the construct for crystallization, we connected dNxf2-UBA (chain A) and Panx (chain B) using (Gly-Ser) linker.
;
# 
_pdbx_struct_oper_list.id                   1 
_pdbx_struct_oper_list.type                 'identity operation' 
_pdbx_struct_oper_list.name                 1_555 
_pdbx_struct_oper_list.symmetry_operation   x,y,z 
_pdbx_struct_oper_list.matrix[1][1]         1.0000000000 
_pdbx_struct_oper_list.matrix[1][2]         0.0000000000 
_pdbx_struct_oper_list.matrix[1][3]         0.0000000000 
_pdbx_struct_oper_list.vector[1]            0.0000000000 
_pdbx_struct_oper_list.matrix[2][1]         0.0000000000 
_pdbx_struct_oper_list.matrix[2][2]         1.0000000000 
_pdbx_struct_oper_list.matrix[2][3]         0.0000000000 
_pdbx_struct_oper_list.vector[2]            0.0000000000 
_pdbx_struct_oper_list.matrix[3][1]         0.0000000000 
_pdbx_struct_oper_list.matrix[3][2]         0.0000000000 
_pdbx_struct_oper_list.matrix[3][3]         1.0000000000 
_pdbx_struct_oper_list.vector[3]            0.0000000000 
# 
loop_
_struct_conf.conf_type_id 
_struct_conf.id 
_struct_conf.pdbx_PDB_helix_id 
_struct_conf.beg_label_comp_id 
_struct_conf.beg_label_asym_id 
_struct_conf.beg_label_seq_id 
_struct_conf.pdbx_beg_PDB_ins_code 
_struct_conf.end_label_comp_id 
_struct_conf.end_label_asym_id 
_struct_conf.end_label_seq_id 
_struct_conf.pdbx_end_PDB_ins_code 
_struct_conf.beg_auth_comp_id 
_struct_conf.beg_auth_asym_id 
_struct_conf.beg_auth_seq_id 
_struct_conf.end_auth_comp_id 
_struct_conf.end_auth_asym_id 
_struct_conf.end_auth_seq_id 
_struct_conf.pdbx_PDB_helix_class 
_struct_conf.details 
_struct_conf.pdbx_PDB_helix_length 
HELX_P HELX_P1 AA1 LEU A 3  ? GLY A 20 ? LEU A 790 GLY A 807 1 ? 18 
HELX_P HELX_P2 AA2 ILE A 22 ? ALA A 33 ? ILE A 809 ALA A 820 1 ? 12 
HELX_P HELX_P3 AA3 ASP A 36 ? ASP A 50 ? ASP A 823 ASP A 837 1 ? 15 
HELX_P HELX_P4 AA4 PRO A 54 ? PHE A 58 ? PRO A 841 PHE A 845 5 ? 5  
HELX_P HELX_P5 AA5 SER A 69 ? LYS A 94 ? SER A 316 LYS A 341 1 ? 26 
# 
_struct_conf_type.id          HELX_P 
_struct_conf_type.criteria    ? 
_struct_conf_type.reference   ? 
# 
_struct_site.id                   AC1 
_struct_site.pdbx_evidence_code   Software 
_struct_site.pdbx_auth_asym_id    A 
_struct_site.pdbx_auth_comp_id    GOL 
_struct_site.pdbx_auth_seq_id     1000 
_struct_site.pdbx_auth_ins_code   ? 
_struct_site.pdbx_num_residues    7 
_struct_site.details              'binding site for residue GOL A 1000' 
# 
loop_
_struct_site_gen.id 
_struct_site_gen.site_id 
_struct_site_gen.pdbx_num_res 
_struct_site_gen.label_comp_id 
_struct_site_gen.label_asym_id 
_struct_site_gen.label_seq_id 
_struct_site_gen.pdbx_auth_ins_code 
_struct_site_gen.auth_comp_id 
_struct_site_gen.auth_asym_id 
_struct_site_gen.auth_seq_id 
_struct_site_gen.label_atom_id 
_struct_site_gen.label_alt_id 
_struct_site_gen.symmetry 
_struct_site_gen.details 
1 AC1 7 ARG A 80 ? ARG A 327  . ? 1_555 ? 
2 AC1 7 GLU A 17 ? GLU A 804  . ? 1_555 ? 
3 AC1 7 HOH C .  ? HOH A 1112 . ? 3_745 ? 
4 AC1 7 HOH C .  ? HOH A 1132 . ? 1_555 ? 
5 AC1 7 HOH C .  ? HOH A 1180 . ? 1_555 ? 
6 AC1 7 HOH C .  ? HOH A 1199 . ? 1_555 ? 
7 AC1 7 HOH C .  ? HOH A 1221 . ? 1_555 ? 
# 
loop_
_pdbx_validate_close_contact.id 
_pdbx_validate_close_contact.PDB_model_num 
_pdbx_validate_close_contact.auth_atom_id_1 
_pdbx_validate_close_contact.auth_asym_id_1 
_pdbx_validate_close_contact.auth_comp_id_1 
_pdbx_validate_close_contact.auth_seq_id_1 
_pdbx_validate_close_contact.PDB_ins_code_1 
_pdbx_validate_close_contact.label_alt_id_1 
_pdbx_validate_close_contact.auth_atom_id_2 
_pdbx_validate_close_contact.auth_asym_id_2 
_pdbx_validate_close_contact.auth_comp_id_2 
_pdbx_validate_close_contact.auth_seq_id_2 
_pdbx_validate_close_contact.PDB_ins_code_2 
_pdbx_validate_close_contact.label_alt_id_2 
_pdbx_validate_close_contact.dist 
1  1 O A HOH 1125 ? ? O A HOH 1156 ? ? 1.87 
2  1 O A HOH 1237 ? ? O A HOH 1256 ? ? 1.94 
3  1 O A HOH 1106 ? ? O A HOH 1238 ? ? 1.94 
4  1 O A HOH 1257 ? ? O A HOH 1272 ? ? 2.01 
5  1 O A SER 850  ? ? O A HOH 1101 ? ? 2.03 
6  1 O A HOH 1246 ? ? O A HOH 1298 ? ? 2.04 
7  1 O A HOH 1241 ? ? O A HOH 1282 ? ? 2.09 
8  1 O A HOH 1201 ? ? O A HOH 1282 ? ? 2.16 
9  1 O A HOH 1195 ? ? O A HOH 1235 ? ? 2.16 
10 1 O A HOH 1208 ? ? O A HOH 1278 ? ? 2.19 
# 
_pdbx_distant_solvent_atoms.id                                1 
_pdbx_distant_solvent_atoms.PDB_model_num                     1 
_pdbx_distant_solvent_atoms.auth_atom_id                      O 
_pdbx_distant_solvent_atoms.label_alt_id                      ? 
_pdbx_distant_solvent_atoms.auth_asym_id                      A 
_pdbx_distant_solvent_atoms.auth_comp_id                      HOH 
_pdbx_distant_solvent_atoms.auth_seq_id                       1316 
_pdbx_distant_solvent_atoms.PDB_ins_code                      ? 
_pdbx_distant_solvent_atoms.neighbor_macromolecule_distance   7.13 
_pdbx_distant_solvent_atoms.neighbor_ligand_distance          . 
# 
loop_
_pdbx_unobs_or_zero_occ_residues.id 
_pdbx_unobs_or_zero_occ_residues.PDB_model_num 
_pdbx_unobs_or_zero_occ_residues.polymer_flag 
_pdbx_unobs_or_zero_occ_residues.occupancy_flag 
_pdbx_unobs_or_zero_occ_residues.auth_asym_id 
_pdbx_unobs_or_zero_occ_residues.auth_comp_id 
_pdbx_unobs_or_zero_occ_residues.auth_seq_id 
_pdbx_unobs_or_zero_occ_residues.PDB_ins_code 
_pdbx_unobs_or_zero_occ_residues.label_asym_id 
_pdbx_unobs_or_zero_occ_residues.label_comp_id 
_pdbx_unobs_or_zero_occ_residues.label_seq_id 
1 1 Y 1 A GLY 851 ? A GLY 64 
2 1 Y 1 A SER 852 ? A SER 65 
3 1 Y 1 A GLY 853 ? A GLY 66 
# 
loop_
_chem_comp_atom.comp_id 
_chem_comp_atom.atom_id 
_chem_comp_atom.type_symbol 
_chem_comp_atom.pdbx_aromatic_flag 
_chem_comp_atom.pdbx_stereo_config 
_chem_comp_atom.pdbx_ordinal 
ALA N    N N N 1   
ALA CA   C N S 2   
ALA C    C N N 3   
ALA O    O N N 4   
ALA CB   C N N 5   
ALA OXT  O N N 6   
ALA H    H N N 7   
ALA H2   H N N 8   
ALA HA   H N N 9   
ALA HB1  H N N 10  
ALA HB2  H N N 11  
ALA HB3  H N N 12  
ALA HXT  H N N 13  
ARG N    N N N 14  
ARG CA   C N S 15  
ARG C    C N N 16  
ARG O    O N N 17  
ARG CB   C N N 18  
ARG CG   C N N 19  
ARG CD   C N N 20  
ARG NE   N N N 21  
ARG CZ   C N N 22  
ARG NH1  N N N 23  
ARG NH2  N N N 24  
ARG OXT  O N N 25  
ARG H    H N N 26  
ARG H2   H N N 27  
ARG HA   H N N 28  
ARG HB2  H N N 29  
ARG HB3  H N N 30  
ARG HG2  H N N 31  
ARG HG3  H N N 32  
ARG HD2  H N N 33  
ARG HD3  H N N 34  
ARG HE   H N N 35  
ARG HH11 H N N 36  
ARG HH12 H N N 37  
ARG HH21 H N N 38  
ARG HH22 H N N 39  
ARG HXT  H N N 40  
ASN N    N N N 41  
ASN CA   C N S 42  
ASN C    C N N 43  
ASN O    O N N 44  
ASN CB   C N N 45  
ASN CG   C N N 46  
ASN OD1  O N N 47  
ASN ND2  N N N 48  
ASN OXT  O N N 49  
ASN H    H N N 50  
ASN H2   H N N 51  
ASN HA   H N N 52  
ASN HB2  H N N 53  
ASN HB3  H N N 54  
ASN HD21 H N N 55  
ASN HD22 H N N 56  
ASN HXT  H N N 57  
ASP N    N N N 58  
ASP CA   C N S 59  
ASP C    C N N 60  
ASP O    O N N 61  
ASP CB   C N N 62  
ASP CG   C N N 63  
ASP OD1  O N N 64  
ASP OD2  O N N 65  
ASP OXT  O N N 66  
ASP H    H N N 67  
ASP H2   H N N 68  
ASP HA   H N N 69  
ASP HB2  H N N 70  
ASP HB3  H N N 71  
ASP HD2  H N N 72  
ASP HXT  H N N 73  
GLN N    N N N 74  
GLN CA   C N S 75  
GLN C    C N N 76  
GLN O    O N N 77  
GLN CB   C N N 78  
GLN CG   C N N 79  
GLN CD   C N N 80  
GLN OE1  O N N 81  
GLN NE2  N N N 82  
GLN OXT  O N N 83  
GLN H    H N N 84  
GLN H2   H N N 85  
GLN HA   H N N 86  
GLN HB2  H N N 87  
GLN HB3  H N N 88  
GLN HG2  H N N 89  
GLN HG3  H N N 90  
GLN HE21 H N N 91  
GLN HE22 H N N 92  
GLN HXT  H N N 93  
GLU N    N N N 94  
GLU CA   C N S 95  
GLU C    C N N 96  
GLU O    O N N 97  
GLU CB   C N N 98  
GLU CG   C N N 99  
GLU CD   C N N 100 
GLU OE1  O N N 101 
GLU OE2  O N N 102 
GLU OXT  O N N 103 
GLU H    H N N 104 
GLU H2   H N N 105 
GLU HA   H N N 106 
GLU HB2  H N N 107 
GLU HB3  H N N 108 
GLU HG2  H N N 109 
GLU HG3  H N N 110 
GLU HE2  H N N 111 
GLU HXT  H N N 112 
GLY N    N N N 113 
GLY CA   C N N 114 
GLY C    C N N 115 
GLY O    O N N 116 
GLY OXT  O N N 117 
GLY H    H N N 118 
GLY H2   H N N 119 
GLY HA2  H N N 120 
GLY HA3  H N N 121 
GLY HXT  H N N 122 
GOL C1   C N N 123 
GOL O1   O N N 124 
GOL C2   C N N 125 
GOL O2   O N N 126 
GOL C3   C N N 127 
GOL O3   O N N 128 
GOL H11  H N N 129 
GOL H12  H N N 130 
GOL HO1  H N N 131 
GOL H2   H N N 132 
GOL HO2  H N N 133 
GOL H31  H N N 134 
GOL H32  H N N 135 
GOL HO3  H N N 136 
HIS N    N N N 137 
HIS CA   C N S 138 
HIS C    C N N 139 
HIS O    O N N 140 
HIS CB   C N N 141 
HIS CG   C Y N 142 
HIS ND1  N Y N 143 
HIS CD2  C Y N 144 
HIS CE1  C Y N 145 
HIS NE2  N Y N 146 
HIS OXT  O N N 147 
HIS H    H N N 148 
HIS H2   H N N 149 
HIS HA   H N N 150 
HIS HB2  H N N 151 
HIS HB3  H N N 152 
HIS HD1  H N N 153 
HIS HD2  H N N 154 
HIS HE1  H N N 155 
HIS HE2  H N N 156 
HIS HXT  H N N 157 
HOH O    O N N 158 
HOH H1   H N N 159 
HOH H2   H N N 160 
ILE N    N N N 161 
ILE CA   C N S 162 
ILE C    C N N 163 
ILE O    O N N 164 
ILE CB   C N S 165 
ILE CG1  C N N 166 
ILE CG2  C N N 167 
ILE CD1  C N N 168 
ILE OXT  O N N 169 
ILE H    H N N 170 
ILE H2   H N N 171 
ILE HA   H N N 172 
ILE HB   H N N 173 
ILE HG12 H N N 174 
ILE HG13 H N N 175 
ILE HG21 H N N 176 
ILE HG22 H N N 177 
ILE HG23 H N N 178 
ILE HD11 H N N 179 
ILE HD12 H N N 180 
ILE HD13 H N N 181 
ILE HXT  H N N 182 
LEU N    N N N 183 
LEU CA   C N S 184 
LEU C    C N N 185 
LEU O    O N N 186 
LEU CB   C N N 187 
LEU CG   C N N 188 
LEU CD1  C N N 189 
LEU CD2  C N N 190 
LEU OXT  O N N 191 
LEU H    H N N 192 
LEU H2   H N N 193 
LEU HA   H N N 194 
LEU HB2  H N N 195 
LEU HB3  H N N 196 
LEU HG   H N N 197 
LEU HD11 H N N 198 
LEU HD12 H N N 199 
LEU HD13 H N N 200 
LEU HD21 H N N 201 
LEU HD22 H N N 202 
LEU HD23 H N N 203 
LEU HXT  H N N 204 
LYS N    N N N 205 
LYS CA   C N S 206 
LYS C    C N N 207 
LYS O    O N N 208 
LYS CB   C N N 209 
LYS CG   C N N 210 
LYS CD   C N N 211 
LYS CE   C N N 212 
LYS NZ   N N N 213 
LYS OXT  O N N 214 
LYS H    H N N 215 
LYS H2   H N N 216 
LYS HA   H N N 217 
LYS HB2  H N N 218 
LYS HB3  H N N 219 
LYS HG2  H N N 220 
LYS HG3  H N N 221 
LYS HD2  H N N 222 
LYS HD3  H N N 223 
LYS HE2  H N N 224 
LYS HE3  H N N 225 
LYS HZ1  H N N 226 
LYS HZ2  H N N 227 
LYS HZ3  H N N 228 
LYS HXT  H N N 229 
PHE N    N N N 230 
PHE CA   C N S 231 
PHE C    C N N 232 
PHE O    O N N 233 
PHE CB   C N N 234 
PHE CG   C Y N 235 
PHE CD1  C Y N 236 
PHE CD2  C Y N 237 
PHE CE1  C Y N 238 
PHE CE2  C Y N 239 
PHE CZ   C Y N 240 
PHE OXT  O N N 241 
PHE H    H N N 242 
PHE H2   H N N 243 
PHE HA   H N N 244 
PHE HB2  H N N 245 
PHE HB3  H N N 246 
PHE HD1  H N N 247 
PHE HD2  H N N 248 
PHE HE1  H N N 249 
PHE HE2  H N N 250 
PHE HZ   H N N 251 
PHE HXT  H N N 252 
PRO N    N N N 253 
PRO CA   C N S 254 
PRO C    C N N 255 
PRO O    O N N 256 
PRO CB   C N N 257 
PRO CG   C N N 258 
PRO CD   C N N 259 
PRO OXT  O N N 260 
PRO H    H N N 261 
PRO HA   H N N 262 
PRO HB2  H N N 263 
PRO HB3  H N N 264 
PRO HG2  H N N 265 
PRO HG3  H N N 266 
PRO HD2  H N N 267 
PRO HD3  H N N 268 
PRO HXT  H N N 269 
SER N    N N N 270 
SER CA   C N S 271 
SER C    C N N 272 
SER O    O N N 273 
SER CB   C N N 274 
SER OG   O N N 275 
SER OXT  O N N 276 
SER H    H N N 277 
SER H2   H N N 278 
SER HA   H N N 279 
SER HB2  H N N 280 
SER HB3  H N N 281 
SER HG   H N N 282 
SER HXT  H N N 283 
THR N    N N N 284 
THR CA   C N S 285 
THR C    C N N 286 
THR O    O N N 287 
THR CB   C N R 288 
THR OG1  O N N 289 
THR CG2  C N N 290 
THR OXT  O N N 291 
THR H    H N N 292 
THR H2   H N N 293 
THR HA   H N N 294 
THR HB   H N N 295 
THR HG1  H N N 296 
THR HG21 H N N 297 
THR HG22 H N N 298 
THR HG23 H N N 299 
THR HXT  H N N 300 
TRP N    N N N 301 
TRP CA   C N S 302 
TRP C    C N N 303 
TRP O    O N N 304 
TRP CB   C N N 305 
TRP CG   C Y N 306 
TRP CD1  C Y N 307 
TRP CD2  C Y N 308 
TRP NE1  N Y N 309 
TRP CE2  C Y N 310 
TRP CE3  C Y N 311 
TRP CZ2  C Y N 312 
TRP CZ3  C Y N 313 
TRP CH2  C Y N 314 
TRP OXT  O N N 315 
TRP H    H N N 316 
TRP H2   H N N 317 
TRP HA   H N N 318 
TRP HB2  H N N 319 
TRP HB3  H N N 320 
TRP HD1  H N N 321 
TRP HE1  H N N 322 
TRP HE3  H N N 323 
TRP HZ2  H N N 324 
TRP HZ3  H N N 325 
TRP HH2  H N N 326 
TRP HXT  H N N 327 
VAL N    N N N 328 
VAL CA   C N S 329 
VAL C    C N N 330 
VAL O    O N N 331 
VAL CB   C N N 332 
VAL CG1  C N N 333 
VAL CG2  C N N 334 
VAL OXT  O N N 335 
VAL H    H N N 336 
VAL H2   H N N 337 
VAL HA   H N N 338 
VAL HB   H N N 339 
VAL HG11 H N N 340 
VAL HG12 H N N 341 
VAL HG13 H N N 342 
VAL HG21 H N N 343 
VAL HG22 H N N 344 
VAL HG23 H N N 345 
VAL HXT  H N N 346 
# 
loop_
_chem_comp_bond.comp_id 
_chem_comp_bond.atom_id_1 
_chem_comp_bond.atom_id_2 
_chem_comp_bond.value_order 
_chem_comp_bond.pdbx_aromatic_flag 
_chem_comp_bond.pdbx_stereo_config 
_chem_comp_bond.pdbx_ordinal 
ALA N   CA   sing N N 1   
ALA N   H    sing N N 2   
ALA N   H2   sing N N 3   
ALA CA  C    sing N N 4   
ALA CA  CB   sing N N 5   
ALA CA  HA   sing N N 6   
ALA C   O    doub N N 7   
ALA C   OXT  sing N N 8   
ALA CB  HB1  sing N N 9   
ALA CB  HB2  sing N N 10  
ALA CB  HB3  sing N N 11  
ALA OXT HXT  sing N N 12  
ARG N   CA   sing N N 13  
ARG N   H    sing N N 14  
ARG N   H2   sing N N 15  
ARG CA  C    sing N N 16  
ARG CA  CB   sing N N 17  
ARG CA  HA   sing N N 18  
ARG C   O    doub N N 19  
ARG C   OXT  sing N N 20  
ARG CB  CG   sing N N 21  
ARG CB  HB2  sing N N 22  
ARG CB  HB3  sing N N 23  
ARG CG  CD   sing N N 24  
ARG CG  HG2  sing N N 25  
ARG CG  HG3  sing N N 26  
ARG CD  NE   sing N N 27  
ARG CD  HD2  sing N N 28  
ARG CD  HD3  sing N N 29  
ARG NE  CZ   sing N N 30  
ARG NE  HE   sing N N 31  
ARG CZ  NH1  sing N N 32  
ARG CZ  NH2  doub N N 33  
ARG NH1 HH11 sing N N 34  
ARG NH1 HH12 sing N N 35  
ARG NH2 HH21 sing N N 36  
ARG NH2 HH22 sing N N 37  
ARG OXT HXT  sing N N 38  
ASN N   CA   sing N N 39  
ASN N   H    sing N N 40  
ASN N   H2   sing N N 41  
ASN CA  C    sing N N 42  
ASN CA  CB   sing N N 43  
ASN CA  HA   sing N N 44  
ASN C   O    doub N N 45  
ASN C   OXT  sing N N 46  
ASN CB  CG   sing N N 47  
ASN CB  HB2  sing N N 48  
ASN CB  HB3  sing N N 49  
ASN CG  OD1  doub N N 50  
ASN CG  ND2  sing N N 51  
ASN ND2 HD21 sing N N 52  
ASN ND2 HD22 sing N N 53  
ASN OXT HXT  sing N N 54  
ASP N   CA   sing N N 55  
ASP N   H    sing N N 56  
ASP N   H2   sing N N 57  
ASP CA  C    sing N N 58  
ASP CA  CB   sing N N 59  
ASP CA  HA   sing N N 60  
ASP C   O    doub N N 61  
ASP C   OXT  sing N N 62  
ASP CB  CG   sing N N 63  
ASP CB  HB2  sing N N 64  
ASP CB  HB3  sing N N 65  
ASP CG  OD1  doub N N 66  
ASP CG  OD2  sing N N 67  
ASP OD2 HD2  sing N N 68  
ASP OXT HXT  sing N N 69  
GLN N   CA   sing N N 70  
GLN N   H    sing N N 71  
GLN N   H2   sing N N 72  
GLN CA  C    sing N N 73  
GLN CA  CB   sing N N 74  
GLN CA  HA   sing N N 75  
GLN C   O    doub N N 76  
GLN C   OXT  sing N N 77  
GLN CB  CG   sing N N 78  
GLN CB  HB2  sing N N 79  
GLN CB  HB3  sing N N 80  
GLN CG  CD   sing N N 81  
GLN CG  HG2  sing N N 82  
GLN CG  HG3  sing N N 83  
GLN CD  OE1  doub N N 84  
GLN CD  NE2  sing N N 85  
GLN NE2 HE21 sing N N 86  
GLN NE2 HE22 sing N N 87  
GLN OXT HXT  sing N N 88  
GLU N   CA   sing N N 89  
GLU N   H    sing N N 90  
GLU N   H2   sing N N 91  
GLU CA  C    sing N N 92  
GLU CA  CB   sing N N 93  
GLU CA  HA   sing N N 94  
GLU C   O    doub N N 95  
GLU C   OXT  sing N N 96  
GLU CB  CG   sing N N 97  
GLU CB  HB2  sing N N 98  
GLU CB  HB3  sing N N 99  
GLU CG  CD   sing N N 100 
GLU CG  HG2  sing N N 101 
GLU CG  HG3  sing N N 102 
GLU CD  OE1  doub N N 103 
GLU CD  OE2  sing N N 104 
GLU OE2 HE2  sing N N 105 
GLU OXT HXT  sing N N 106 
GLY N   CA   sing N N 107 
GLY N   H    sing N N 108 
GLY N   H2   sing N N 109 
GLY CA  C    sing N N 110 
GLY CA  HA2  sing N N 111 
GLY CA  HA3  sing N N 112 
GLY C   O    doub N N 113 
GLY C   OXT  sing N N 114 
GLY OXT HXT  sing N N 115 
GOL C1  O1   sing N N 116 
GOL C1  C2   sing N N 117 
GOL C1  H11  sing N N 118 
GOL C1  H12  sing N N 119 
GOL O1  HO1  sing N N 120 
GOL C2  O2   sing N N 121 
GOL C2  C3   sing N N 122 
GOL C2  H2   sing N N 123 
GOL O2  HO2  sing N N 124 
GOL C3  O3   sing N N 125 
GOL C3  H31  sing N N 126 
GOL C3  H32  sing N N 127 
GOL O3  HO3  sing N N 128 
HIS N   CA   sing N N 129 
HIS N   H    sing N N 130 
HIS N   H2   sing N N 131 
HIS CA  C    sing N N 132 
HIS CA  CB   sing N N 133 
HIS CA  HA   sing N N 134 
HIS C   O    doub N N 135 
HIS C   OXT  sing N N 136 
HIS CB  CG   sing N N 137 
HIS CB  HB2  sing N N 138 
HIS CB  HB3  sing N N 139 
HIS CG  ND1  sing Y N 140 
HIS CG  CD2  doub Y N 141 
HIS ND1 CE1  doub Y N 142 
HIS ND1 HD1  sing N N 143 
HIS CD2 NE2  sing Y N 144 
HIS CD2 HD2  sing N N 145 
HIS CE1 NE2  sing Y N 146 
HIS CE1 HE1  sing N N 147 
HIS NE2 HE2  sing N N 148 
HIS OXT HXT  sing N N 149 
HOH O   H1   sing N N 150 
HOH O   H2   sing N N 151 
ILE N   CA   sing N N 152 
ILE N   H    sing N N 153 
ILE N   H2   sing N N 154 
ILE CA  C    sing N N 155 
ILE CA  CB   sing N N 156 
ILE CA  HA   sing N N 157 
ILE C   O    doub N N 158 
ILE C   OXT  sing N N 159 
ILE CB  CG1  sing N N 160 
ILE CB  CG2  sing N N 161 
ILE CB  HB   sing N N 162 
ILE CG1 CD1  sing N N 163 
ILE CG1 HG12 sing N N 164 
ILE CG1 HG13 sing N N 165 
ILE CG2 HG21 sing N N 166 
ILE CG2 HG22 sing N N 167 
ILE CG2 HG23 sing N N 168 
ILE CD1 HD11 sing N N 169 
ILE CD1 HD12 sing N N 170 
ILE CD1 HD13 sing N N 171 
ILE OXT HXT  sing N N 172 
LEU N   CA   sing N N 173 
LEU N   H    sing N N 174 
LEU N   H2   sing N N 175 
LEU CA  C    sing N N 176 
LEU CA  CB   sing N N 177 
LEU CA  HA   sing N N 178 
LEU C   O    doub N N 179 
LEU C   OXT  sing N N 180 
LEU CB  CG   sing N N 181 
LEU CB  HB2  sing N N 182 
LEU CB  HB3  sing N N 183 
LEU CG  CD1  sing N N 184 
LEU CG  CD2  sing N N 185 
LEU CG  HG   sing N N 186 
LEU CD1 HD11 sing N N 187 
LEU CD1 HD12 sing N N 188 
LEU CD1 HD13 sing N N 189 
LEU CD2 HD21 sing N N 190 
LEU CD2 HD22 sing N N 191 
LEU CD2 HD23 sing N N 192 
LEU OXT HXT  sing N N 193 
LYS N   CA   sing N N 194 
LYS N   H    sing N N 195 
LYS N   H2   sing N N 196 
LYS CA  C    sing N N 197 
LYS CA  CB   sing N N 198 
LYS CA  HA   sing N N 199 
LYS C   O    doub N N 200 
LYS C   OXT  sing N N 201 
LYS CB  CG   sing N N 202 
LYS CB  HB2  sing N N 203 
LYS CB  HB3  sing N N 204 
LYS CG  CD   sing N N 205 
LYS CG  HG2  sing N N 206 
LYS CG  HG3  sing N N 207 
LYS CD  CE   sing N N 208 
LYS CD  HD2  sing N N 209 
LYS CD  HD3  sing N N 210 
LYS CE  NZ   sing N N 211 
LYS CE  HE2  sing N N 212 
LYS CE  HE3  sing N N 213 
LYS NZ  HZ1  sing N N 214 
LYS NZ  HZ2  sing N N 215 
LYS NZ  HZ3  sing N N 216 
LYS OXT HXT  sing N N 217 
PHE N   CA   sing N N 218 
PHE N   H    sing N N 219 
PHE N   H2   sing N N 220 
PHE CA  C    sing N N 221 
PHE CA  CB   sing N N 222 
PHE CA  HA   sing N N 223 
PHE C   O    doub N N 224 
PHE C   OXT  sing N N 225 
PHE CB  CG   sing N N 226 
PHE CB  HB2  sing N N 227 
PHE CB  HB3  sing N N 228 
PHE CG  CD1  doub Y N 229 
PHE CG  CD2  sing Y N 230 
PHE CD1 CE1  sing Y N 231 
PHE CD1 HD1  sing N N 232 
PHE CD2 CE2  doub Y N 233 
PHE CD2 HD2  sing N N 234 
PHE CE1 CZ   doub Y N 235 
PHE CE1 HE1  sing N N 236 
PHE CE2 CZ   sing Y N 237 
PHE CE2 HE2  sing N N 238 
PHE CZ  HZ   sing N N 239 
PHE OXT HXT  sing N N 240 
PRO N   CA   sing N N 241 
PRO N   CD   sing N N 242 
PRO N   H    sing N N 243 
PRO CA  C    sing N N 244 
PRO CA  CB   sing N N 245 
PRO CA  HA   sing N N 246 
PRO C   O    doub N N 247 
PRO C   OXT  sing N N 248 
PRO CB  CG   sing N N 249 
PRO CB  HB2  sing N N 250 
PRO CB  HB3  sing N N 251 
PRO CG  CD   sing N N 252 
PRO CG  HG2  sing N N 253 
PRO CG  HG3  sing N N 254 
PRO CD  HD2  sing N N 255 
PRO CD  HD3  sing N N 256 
PRO OXT HXT  sing N N 257 
SER N   CA   sing N N 258 
SER N   H    sing N N 259 
SER N   H2   sing N N 260 
SER CA  C    sing N N 261 
SER CA  CB   sing N N 262 
SER CA  HA   sing N N 263 
SER C   O    doub N N 264 
SER C   OXT  sing N N 265 
SER CB  OG   sing N N 266 
SER CB  HB2  sing N N 267 
SER CB  HB3  sing N N 268 
SER OG  HG   sing N N 269 
SER OXT HXT  sing N N 270 
THR N   CA   sing N N 271 
THR N   H    sing N N 272 
THR N   H2   sing N N 273 
THR CA  C    sing N N 274 
THR CA  CB   sing N N 275 
THR CA  HA   sing N N 276 
THR C   O    doub N N 277 
THR C   OXT  sing N N 278 
THR CB  OG1  sing N N 279 
THR CB  CG2  sing N N 280 
THR CB  HB   sing N N 281 
THR OG1 HG1  sing N N 282 
THR CG2 HG21 sing N N 283 
THR CG2 HG22 sing N N 284 
THR CG2 HG23 sing N N 285 
THR OXT HXT  sing N N 286 
TRP N   CA   sing N N 287 
TRP N   H    sing N N 288 
TRP N   H2   sing N N 289 
TRP CA  C    sing N N 290 
TRP CA  CB   sing N N 291 
TRP CA  HA   sing N N 292 
TRP C   O    doub N N 293 
TRP C   OXT  sing N N 294 
TRP CB  CG   sing N N 295 
TRP CB  HB2  sing N N 296 
TRP CB  HB3  sing N N 297 
TRP CG  CD1  doub Y N 298 
TRP CG  CD2  sing Y N 299 
TRP CD1 NE1  sing Y N 300 
TRP CD1 HD1  sing N N 301 
TRP CD2 CE2  doub Y N 302 
TRP CD2 CE3  sing Y N 303 
TRP NE1 CE2  sing Y N 304 
TRP NE1 HE1  sing N N 305 
TRP CE2 CZ2  sing Y N 306 
TRP CE3 CZ3  doub Y N 307 
TRP CE3 HE3  sing N N 308 
TRP CZ2 CH2  doub Y N 309 
TRP CZ2 HZ2  sing N N 310 
TRP CZ3 CH2  sing Y N 311 
TRP CZ3 HZ3  sing N N 312 
TRP CH2 HH2  sing N N 313 
TRP OXT HXT  sing N N 314 
VAL N   CA   sing N N 315 
VAL N   H    sing N N 316 
VAL N   H2   sing N N 317 
VAL CA  C    sing N N 318 
VAL CA  CB   sing N N 319 
VAL CA  HA   sing N N 320 
VAL C   O    doub N N 321 
VAL C   OXT  sing N N 322 
VAL CB  CG1  sing N N 323 
VAL CB  CG2  sing N N 324 
VAL CB  HB   sing N N 325 
VAL CG1 HG11 sing N N 326 
VAL CG1 HG12 sing N N 327 
VAL CG1 HG13 sing N N 328 
VAL CG2 HG21 sing N N 329 
VAL CG2 HG22 sing N N 330 
VAL CG2 HG23 sing N N 331 
VAL OXT HXT  sing N N 332 
# 
loop_
_pdbx_audit_support.funding_organization 
_pdbx_audit_support.country 
_pdbx_audit_support.grant_number 
_pdbx_audit_support.ordinal 
'National Natural Science Foundation of China' China 91640102 1 
'National Natural Science Foundation of China' China 31870741 2 
# 
_atom_sites.entry_id                    6IEW 
_atom_sites.fract_transf_matrix[1][1]   0.03327062 
_atom_sites.fract_transf_matrix[1][2]   -0.00124526 
_atom_sites.fract_transf_matrix[1][3]   -0.00863316 
_atom_sites.fract_transf_matrix[2][1]   -0.00188804 
_atom_sites.fract_transf_matrix[2][2]   0.02200666 
_atom_sites.fract_transf_matrix[2][3]   -0.01045043 
_atom_sites.fract_transf_matrix[3][1]   0.00290694 
_atom_sites.fract_transf_matrix[3][2]   0.00521231 
_atom_sites.fract_transf_matrix[3][3]   0.01045097 
_atom_sites.fract_transf_vector[1]      1.281193 
_atom_sites.fract_transf_vector[2]      0.009647 
_atom_sites.fract_transf_vector[3]      0.177758 
# 
loop_
_atom_type.symbol 
C 
N 
O 
S 
# 
loop_
_atom_site.group_PDB 
_atom_site.id 
_atom_site.type_symbol 
_atom_site.label_atom_id 
_atom_site.label_alt_id 
_atom_site.label_comp_id 
_atom_site.label_asym_id 
_atom_site.label_entity_id 
_atom_site.label_seq_id 
_atom_site.pdbx_PDB_ins_code 
_atom_site.Cartn_x 
_atom_site.Cartn_y 
_atom_site.Cartn_z 
_atom_site.occupancy 
_atom_site.B_iso_or_equiv 
_atom_site.pdbx_formal_charge 
_atom_site.auth_seq_id 
_atom_site.auth_comp_id 
_atom_site.auth_asym_id 
_atom_site.auth_atom_id 
_atom_site.pdbx_PDB_model_num 
ATOM   1   N N   . GLY A 1 1  ? -20.555 9.890   -10.017 1.00 37.48 ? 788  GLY A N   1 
ATOM   2   C CA  . GLY A 1 1  ? -21.473 10.188  -8.934  1.00 38.24 ? 788  GLY A CA  1 
ATOM   3   C C   . GLY A 1 1  ? -20.903 11.160  -7.920  1.00 26.66 ? 788  GLY A C   1 
ATOM   4   O O   . GLY A 1 1  ? -19.685 11.279  -7.784  1.00 25.17 ? 788  GLY A O   1 
ATOM   5   N N   . PRO A 1 2  ? -21.781 11.855  -7.191  1.00 24.06 ? 789  PRO A N   1 
ATOM   6   C CA  . PRO A 1 2  ? -21.306 12.837  -6.205  1.00 21.03 ? 789  PRO A CA  1 
ATOM   7   C C   . PRO A 1 2  ? -20.573 12.216  -5.025  1.00 14.67 ? 789  PRO A C   1 
ATOM   8   O O   . PRO A 1 2  ? -19.907 12.950  -4.283  1.00 17.92 ? 789  PRO A O   1 
ATOM   9   C CB  . PRO A 1 2  ? -22.593 13.539  -5.759  1.00 21.38 ? 789  PRO A CB  1 
ATOM   10  C CG  . PRO A 1 2  ? -23.658 12.518  -5.971  1.00 28.47 ? 789  PRO A CG  1 
ATOM   11  C CD  . PRO A 1 2  ? -23.251 11.741  -7.196  1.00 27.77 ? 789  PRO A CD  1 
ATOM   12  N N   . LEU A 1 3  ? -20.673 10.901  -4.828  1.00 18.60 ? 790  LEU A N   1 
ATOM   13  C CA  . LEU A 1 3  ? -19.951 10.213  -3.767  1.00 14.50 ? 790  LEU A CA  1 
ATOM   14  C C   . LEU A 1 3  ? -18.704 9.495   -4.264  1.00 19.45 ? 790  LEU A C   1 
ATOM   15  O O   . LEU A 1 3  ? -17.965 8.938   -3.445  1.00 14.13 ? 790  LEU A O   1 
ATOM   16  C CB  . LEU A 1 3  ? -20.871 9.202   -3.067  1.00 14.63 ? 790  LEU A CB  1 
ATOM   17  C CG  . LEU A 1 3  ? -22.179 9.793   -2.542  1.00 16.33 ? 790  LEU A CG  1 
ATOM   18  C CD1 . LEU A 1 3  ? -22.991 8.743   -1.785  1.00 18.03 ? 790  LEU A CD1 1 
ATOM   19  C CD2 . LEU A 1 3  ? -21.880 10.988  -1.664  1.00 14.71 ? 790  LEU A CD2 1 
ATOM   20  N N   . GLY A 1 4  ? -18.449 9.513   -5.572  1.00 18.00 ? 791  GLY A N   1 
ATOM   21  C CA  . GLY A 1 4  ? -17.368 8.707   -6.120  1.00 15.90 ? 791  GLY A CA  1 
ATOM   22  C C   . GLY A 1 4  ? -15.999 9.128   -5.628  1.00 16.14 ? 791  GLY A C   1 
ATOM   23  O O   . GLY A 1 4  ? -15.133 8.283   -5.380  1.00 15.26 ? 791  GLY A O   1 
ATOM   24  N N   . SER A 1 5  ? -15.775 10.437  -5.484  1.00 14.54 ? 792  SER A N   1 
ATOM   25  C CA  . SER A 1 5  ? -14.462 10.903  -5.049  1.00 15.58 ? 792  SER A CA  1 
ATOM   26  C C   . SER A 1 5  ? -14.193 10.550  -3.591  1.00 14.69 ? 792  SER A C   1 
ATOM   27  O O   . SER A 1 5  ? -13.050 10.249  -3.228  1.00 13.07 ? 792  SER A O   1 
ATOM   28  C CB  . SER A 1 5  ? -14.308 12.407  -5.288  1.00 22.14 ? 792  SER A CB  1 
ATOM   29  O OG  . SER A 1 5  ? -15.092 13.155  -4.375  1.00 24.29 ? 792  SER A OG  1 
ATOM   30  N N   . ASP A 1 6  ? -15.223 10.578  -2.744  1.00 12.32 ? 793  ASP A N   1 
ATOM   31  C CA  . ASP A 1 6  ? -15.035 10.171  -1.355  1.00 11.24 ? 793  ASP A CA  1 
ATOM   32  C C   . ASP A 1 6  ? -14.763 8.675   -1.253  1.00 11.37 ? 793  ASP A C   1 
ATOM   33  O O   . ASP A 1 6  ? -13.989 8.234   -0.396  1.00 11.09 ? 793  ASP A O   1 
ATOM   34  C CB  . ASP A 1 6  ? -16.246 10.585  -0.515  1.00 11.89 ? 793  ASP A CB  1 
ATOM   35  C CG  . ASP A 1 6  ? -16.301 12.085  -0.282  1.00 12.79 ? 793  ASP A CG  1 
ATOM   36  O OD1 . ASP A 1 6  ? -15.600 12.574  0.629   1.00 12.30 ? 793  ASP A OD1 1 
ATOM   37  O OD2 . ASP A 1 6  ? -17.030 12.779  -1.023  1.00 16.81 ? 793  ASP A OD2 1 
ATOM   38  N N   . VAL A 1 7  ? -15.386 7.878   -2.124  1.00 10.63 ? 794  VAL A N   1 
ATOM   39  C CA  . VAL A 1 7  ? -15.071 6.453   -2.173  1.00 10.03 ? 794  VAL A CA  1 
ATOM   40  C C   . VAL A 1 7  ? -13.633 6.240   -2.628  1.00 11.55 ? 794  VAL A C   1 
ATOM   41  O O   . VAL A 1 7  ? -12.907 5.408   -2.069  1.00 11.88 ? 794  VAL A O   1 
ATOM   42  C CB  . VAL A 1 7  ? -16.083 5.699   -3.056  1.00 12.30 ? 794  VAL A CB  1 
ATOM   43  C CG1 . VAL A 1 7  ? -15.625 4.273   -3.286  1.00 13.64 ? 794  VAL A CG1 1 
ATOM   44  C CG2 . VAL A 1 7  ? -17.467 5.722   -2.412  1.00 17.17 ? 794  VAL A CG2 1 
ATOM   45  N N   . LYS A 1 8  ? -13.194 6.990   -3.642  1.00 11.66 ? 795  LYS A N   1 
ATOM   46  C CA  . LYS A 1 8  ? -11.810 6.870   -4.093  1.00 9.52  ? 795  LYS A CA  1 
ATOM   47  C C   . LYS A 1 8  ? -10.832 7.298   -3.006  1.00 11.14 ? 795  LYS A C   1 
ATOM   48  O O   . LYS A 1 8  ? -9.820  6.622   -2.777  1.00 12.19 ? 795  LYS A O   1 
ATOM   49  C CB  . LYS A 1 8  ? -11.591 7.665   -5.381  1.00 12.16 ? 795  LYS A CB  1 
ATOM   50  C CG  . LYS A 1 8  ? -12.098 6.947   -6.617  1.00 16.28 ? 795  LYS A CG  1 
ATOM   51  C CD  . LYS A 1 8  ? -11.860 7.760   -7.875  1.00 25.44 ? 795  LYS A CD  1 
ATOM   52  C CE  . LYS A 1 8  ? -12.305 6.990   -9.108  1.00 35.64 ? 795  LYS A CE  1 
ATOM   53  N NZ  . LYS A 1 8  ? -11.826 7.636   -10.361 1.00 47.03 ? 795  LYS A NZ  1 
ATOM   54  N N   . ASP A 1 9  ? -11.115 8.417   -2.328  1.00 10.16 ? 796  ASP A N   1 
ATOM   55  C CA  . ASP A 1 9  ? -10.283 8.836   -1.203  1.00 9.28  ? 796  ASP A CA  1 
ATOM   56  C C   . ASP A 1 9  ? -10.105 7.693   -0.215  1.00 11.14 ? 796  ASP A C   1 
ATOM   57  O O   . ASP A 1 9  ? -8.996  7.431   0.265   1.00 11.55 ? 796  ASP A O   1 
ATOM   58  C CB  . ASP A 1 9  ? -10.914 10.028  -0.475  1.00 9.80  ? 796  ASP A CB  1 
ATOM   59  C CG  . ASP A 1 9  ? -10.886 11.314  -1.283  1.00 13.03 ? 796  ASP A CG  1 
ATOM   60  O OD1 . ASP A 1 9  ? -10.081 11.434  -2.235  1.00 14.59 ? 796  ASP A OD1 1 
ATOM   61  O OD2 . ASP A 1 9  ? -11.676 12.221  -0.941  1.00 15.54 ? 796  ASP A OD2 1 
ATOM   62  N N   . HIS A 1 10 ? -11.202 6.994   0.088   1.00 10.28 ? 797  HIS A N   1 
ATOM   63  C CA  . HIS A 1 10 ? -11.170 5.917   1.071   1.00 10.37 ? 797  HIS A CA  1 
ATOM   64  C C   . HIS A 1 10 ? -10.316 4.751   0.591   1.00 10.74 ? 797  HIS A C   1 
ATOM   65  O O   . HIS A 1 10 ? -9.519  4.196   1.357   1.00 11.48 ? 797  HIS A O   1 
ATOM   66  C CB  . HIS A 1 10 ? -12.598 5.457   1.374   1.00 12.45 ? 797  HIS A CB  1 
ATOM   67  C CG  . HIS A 1 10 ? -12.662 4.227   2.222   1.00 9.76  ? 797  HIS A CG  1 
ATOM   68  N ND1 . HIS A 1 10 ? -12.302 4.223   3.552   1.00 12.91 ? 797  HIS A ND1 1 
ATOM   69  C CD2 . HIS A 1 10 ? -13.031 2.958   1.927   1.00 10.84 ? 797  HIS A CD2 1 
ATOM   70  C CE1 . HIS A 1 10 ? -12.450 3.005   4.041   1.00 11.36 ? 797  HIS A CE1 1 
ATOM   71  N NE2 . HIS A 1 10 ? -12.888 2.218   3.075   1.00 10.38 ? 797  HIS A NE2 1 
ATOM   72  N N   . LYS A 1 11 ? -10.473 4.359   -0.677  1.00 10.11 ? 798  LYS A N   1 
ATOM   73  C CA  A LYS A 1 11 ? -9.706  3.234   -1.205  0.41 11.20 ? 798  LYS A CA  1 
ATOM   74  C CA  B LYS A 1 11 ? -9.705  3.234   -1.204  0.59 11.21 ? 798  LYS A CA  1 
ATOM   75  C C   . LYS A 1 11 ? -8.214  3.547   -1.234  1.00 11.53 ? 798  LYS A C   1 
ATOM   76  O O   . LYS A 1 11 ? -7.383  2.652   -1.032  1.00 11.53 ? 798  LYS A O   1 
ATOM   77  C CB  A LYS A 1 11 ? -10.208 2.863   -2.597  0.41 9.68  ? 798  LYS A CB  1 
ATOM   78  C CB  B LYS A 1 11 ? -10.208 2.853   -2.593  0.59 9.65  ? 798  LYS A CB  1 
ATOM   79  C CG  A LYS A 1 11 ? -11.590 2.233   -2.602  0.41 11.11 ? 798  LYS A CG  1 
ATOM   80  C CG  B LYS A 1 11 ? -11.596 2.239   -2.590  0.59 11.08 ? 798  LYS A CG  1 
ATOM   81  C CD  A LYS A 1 11 ? -12.114 2.089   -4.020  0.41 14.58 ? 798  LYS A CD  1 
ATOM   82  C CD  B LYS A 1 11 ? -12.053 1.888   -3.992  0.59 14.72 ? 798  LYS A CD  1 
ATOM   83  C CE  A LYS A 1 11 ? -13.453 1.371   -4.046  0.41 18.70 ? 798  LYS A CE  1 
ATOM   84  C CE  B LYS A 1 11 ? -13.456 1.299   -3.967  0.59 18.58 ? 798  LYS A CE  1 
ATOM   85  N NZ  A LYS A 1 11 ? -13.322 -0.041  -3.603  0.41 14.75 ? 798  LYS A NZ  1 
ATOM   86  N NZ  B LYS A 1 11 ? -13.999 1.088   -5.335  0.59 17.25 ? 798  LYS A NZ  1 
ATOM   87  N N   . LEU A 1 12 ? -7.860  4.807   -1.485  1.00 10.71 ? 799  LEU A N   1 
ATOM   88  C CA  . LEU A 1 12 ? -6.454  5.199   -1.422  1.00 8.76  ? 799  LEU A CA  1 
ATOM   89  C C   . LEU A 1 12 ? -5.934  5.099   0.007   1.00 9.42  ? 799  LEU A C   1 
ATOM   90  O O   . LEU A 1 12 ? -4.854  4.552   0.253   1.00 10.56 ? 799  LEU A O   1 
ATOM   91  C CB  . LEU A 1 12 ? -6.287  6.622   -1.960  1.00 10.11 ? 799  LEU A CB  1 
ATOM   92  C CG  . LEU A 1 12 ? -6.538  6.812   -3.458  1.00 10.05 ? 799  LEU A CG  1 
ATOM   93  C CD1 . LEU A 1 12 ? -6.793  8.277   -3.770  1.00 11.30 ? 799  LEU A CD1 1 
ATOM   94  C CD2 . LEU A 1 12 ? -5.362  6.303   -4.278  1.00 10.60 ? 799  LEU A CD2 1 
ATOM   95  N N   . LEU A 1 13 ? -6.708  5.608   0.968   1.00 10.26 ? 800  LEU A N   1 
ATOM   96  C CA  . LEU A 1 13 ? -6.288  5.562   2.366   1.00 10.77 ? 800  LEU A CA  1 
ATOM   97  C C   . LEU A 1 13 ? -6.228  4.135   2.904   1.00 9.97  ? 800  LEU A C   1 
ATOM   98  O O   . LEU A 1 13 ? -5.370  3.823   3.734   1.00 11.26 ? 800  LEU A O   1 
ATOM   99  C CB  . LEU A 1 13 ? -7.193  6.435   3.236   1.00 15.62 ? 800  LEU A CB  1 
ATOM   100 C CG  . LEU A 1 13 ? -6.983  7.948   3.191   1.00 15.62 ? 800  LEU A CG  1 
ATOM   101 C CD1 . LEU A 1 13 ? -7.568  8.602   4.435   1.00 17.94 ? 800  LEU A CD1 1 
ATOM   102 C CD2 . LEU A 1 13 ? -5.505  8.267   3.059   1.00 18.15 ? 800  LEU A CD2 1 
ATOM   103 N N   . LEU A 1 14 ? -7.148  3.267   2.478   1.00 12.34 ? 801  LEU A N   1 
ATOM   104 C CA  . LEU A 1 14 ? -7.080  1.849   2.826   1.00 12.72 ? 801  LEU A CA  1 
ATOM   105 C C   . LEU A 1 14 ? -5.695  1.291   2.524   1.00 11.29 ? 801  LEU A C   1 
ATOM   106 O O   . LEU A 1 14 ? -5.062  0.645   3.369   1.00 11.94 ? 801  LEU A O   1 
ATOM   107 C CB  . LEU A 1 14 ? -8.109  1.106   1.977   1.00 17.91 ? 801  LEU A CB  1 
ATOM   108 C CG  . LEU A 1 14 ? -9.114  0.067   2.463   1.00 35.59 ? 801  LEU A CG  1 
ATOM   109 C CD1 . LEU A 1 14 ? -9.496  0.267   3.919   1.00 20.42 ? 801  LEU A CD1 1 
ATOM   110 C CD2 . LEU A 1 14 ? -10.332 0.178   1.556   1.00 25.09 ? 801  LEU A CD2 1 
ATOM   111 N N   . PHE A 1 15 ? -5.204  1.556   1.316   1.00 10.47 ? 802  PHE A N   1 
ATOM   112 C CA  . PHE A 1 15 ? -3.901  1.057   0.901   1.00 8.98  ? 802  PHE A CA  1 
ATOM   113 C C   . PHE A 1 15 ? -2.778  1.819   1.589   1.00 10.16 ? 802  PHE A C   1 
ATOM   114 O O   . PHE A 1 15 ? -1.776  1.221   2.006   1.00 9.93  ? 802  PHE A O   1 
ATOM   115 C CB  . PHE A 1 15 ? -3.799  1.181   -0.619  1.00 9.59  ? 802  PHE A CB  1 
ATOM   116 C CG  . PHE A 1 15 ? -2.451  0.847   -1.179  1.00 10.00 ? 802  PHE A CG  1 
ATOM   117 C CD1 . PHE A 1 15 ? -2.142  -0.454  -1.544  1.00 10.85 ? 802  PHE A CD1 1 
ATOM   118 C CD2 . PHE A 1 15 ? -1.503  1.839   -1.374  1.00 11.85 ? 802  PHE A CD2 1 
ATOM   119 C CE1 . PHE A 1 15 ? -0.904  -0.761  -2.075  1.00 12.23 ? 802  PHE A CE1 1 
ATOM   120 C CE2 . PHE A 1 15 ? -0.259  1.538   -1.905  1.00 11.39 ? 802  PHE A CE2 1 
ATOM   121 C CZ  . PHE A 1 15 ? 0.038   0.235   -2.255  1.00 12.39 ? 802  PHE A CZ  1 
ATOM   122 N N   . GLN A 1 16 ? -2.928  3.142   1.715   1.00 8.86  ? 803  GLN A N   1 
ATOM   123 C CA  . GLN A 1 16 ? -1.901  3.938   2.375   1.00 9.22  ? 803  GLN A CA  1 
ATOM   124 C C   . GLN A 1 16 ? -1.707  3.505   3.822   1.00 10.22 ? 803  GLN A C   1 
ATOM   125 O O   . GLN A 1 16 ? -0.573  3.452   4.314   1.00 10.74 ? 803  GLN A O   1 
ATOM   126 C CB  . GLN A 1 16 ? -2.244  5.430   2.300   1.00 11.52 ? 803  GLN A CB  1 
ATOM   127 C CG  . GLN A 1 16 ? -1.166  6.325   2.913   1.00 12.51 ? 803  GLN A CG  1 
ATOM   128 C CD  . GLN A 1 16 ? -1.357  7.803   2.612   1.00 23.11 ? 803  GLN A CD  1 
ATOM   129 O OE1 . GLN A 1 16 ? -2.365  8.399   2.974   1.00 28.41 ? 803  GLN A OE1 1 
ATOM   130 N NE2 . GLN A 1 16 ? -0.369  8.403   1.957   1.00 26.48 ? 803  GLN A NE2 1 
ATOM   131 N N   . GLU A 1 17 ? -2.802  3.189   4.521   1.00 10.54 ? 804  GLU A N   1 
ATOM   132 C CA  A GLU A 1 17 ? -2.696  2.806   5.925   0.55 10.53 ? 804  GLU A CA  1 
ATOM   133 C CA  B GLU A 1 17 ? -2.687  2.812   5.924   0.45 10.54 ? 804  GLU A CA  1 
ATOM   134 C C   . GLU A 1 17 ? -1.934  1.496   6.083   1.00 11.19 ? 804  GLU A C   1 
ATOM   135 O O   . GLU A 1 17 ? -1.125  1.347   7.005   1.00 11.52 ? 804  GLU A O   1 
ATOM   136 C CB  A GLU A 1 17 ? -4.092  2.704   6.545   0.55 11.77 ? 804  GLU A CB  1 
ATOM   137 C CB  B GLU A 1 17 ? -4.070  2.734   6.571   0.45 11.80 ? 804  GLU A CB  1 
ATOM   138 C CG  A GLU A 1 17 ? -4.104  2.534   8.062   0.55 15.21 ? 804  GLU A CG  1 
ATOM   139 C CG  B GLU A 1 17 ? -4.049  2.358   8.050   0.45 15.05 ? 804  GLU A CG  1 
ATOM   140 C CD  A GLU A 1 17 ? -3.888  1.096   8.505   0.55 20.72 ? 804  GLU A CD  1 
ATOM   141 C CD  B GLU A 1 17 ? -3.430  3.434   8.928   0.45 16.95 ? 804  GLU A CD  1 
ATOM   142 O OE1 A GLU A 1 17 ? -4.199  0.173   7.721   0.55 15.17 ? 804  GLU A OE1 1 
ATOM   143 O OE1 B GLU A 1 17 ? -3.422  4.613   8.517   0.45 19.72 ? 804  GLU A OE1 1 
ATOM   144 O OE2 A GLU A 1 17 ? -3.403  0.890   9.638   0.55 25.95 ? 804  GLU A OE2 1 
ATOM   145 O OE2 B GLU A 1 17 ? -2.950  3.099   10.034  0.45 20.71 ? 804  GLU A OE2 1 
ATOM   146 N N   . VAL A 1 18 ? -2.182  0.535   5.193   1.00 10.05 ? 805  VAL A N   1 
ATOM   147 C CA  . VAL A 1 18 ? -1.505  -0.757  5.284   1.00 10.22 ? 805  VAL A CA  1 
ATOM   148 C C   . VAL A 1 18 ? -0.017  -0.606  5.005   1.00 12.01 ? 805  VAL A C   1 
ATOM   149 O O   . VAL A 1 18 ? 0.826   -1.123  5.747   1.00 11.03 ? 805  VAL A O   1 
ATOM   150 C CB  . VAL A 1 18 ? -2.158  -1.775  4.332   1.00 9.63  ? 805  VAL A CB  1 
ATOM   151 C CG1 . VAL A 1 18 ? -1.328  -3.059  4.273   1.00 11.08 ? 805  VAL A CG1 1 
ATOM   152 C CG2 . VAL A 1 18 ? -3.586  -2.060  4.765   1.00 12.21 ? 805  VAL A CG2 1 
ATOM   153 N N   . THR A 1 19 ? 0.327   0.110   3.934   1.00 9.89  ? 806  THR A N   1 
ATOM   154 C CA  . THR A 1 19 ? 1.690   0.109   3.419   1.00 8.77  ? 806  THR A CA  1 
ATOM   155 C C   . THR A 1 19 ? 2.583   1.170   4.045   1.00 12.68 ? 806  THR A C   1 
ATOM   156 O O   . THR A 1 19 ? 3.803   0.986   4.090   1.00 12.28 ? 806  THR A O   1 
ATOM   157 C CB  . THR A 1 19 ? 1.687   0.298   1.896   1.00 10.24 ? 806  THR A CB  1 
ATOM   158 O OG1 . THR A 1 19 ? 1.093   1.562   1.561   1.00 10.11 ? 806  THR A OG1 1 
ATOM   159 C CG2 . THR A 1 19 ? 0.915   -0.818  1.209   1.00 12.82 ? 806  THR A CG2 1 
ATOM   160 N N   . GLY A 1 20 ? 2.027   2.280   4.515   1.00 10.11 ? 807  GLY A N   1 
ATOM   161 C CA  . GLY A 1 20 ? 2.875   3.356   4.985   1.00 10.09 ? 807  GLY A CA  1 
ATOM   162 C C   . GLY A 1 20 ? 3.629   4.055   3.877   1.00 10.78 ? 807  GLY A C   1 
ATOM   163 O O   . GLY A 1 20 ? 4.714   4.596   4.118   1.00 11.53 ? 807  GLY A O   1 
ATOM   164 N N   . LEU A 1 21 ? 3.095   4.038   2.660   1.00 9.08  ? 808  LEU A N   1 
ATOM   165 C CA  . LEU A 1 21 ? 3.693   4.750   1.541   1.00 9.42  ? 808  LEU A CA  1 
ATOM   166 C C   . LEU A 1 21 ? 3.154   6.172   1.477   1.00 10.33 ? 808  LEU A C   1 
ATOM   167 O O   . LEU A 1 21 ? 2.040   6.455   1.927   1.00 10.80 ? 808  LEU A O   1 
ATOM   168 C CB  . LEU A 1 21 ? 3.378   4.040   0.223   1.00 11.37 ? 808  LEU A CB  1 
ATOM   169 C CG  . LEU A 1 21 ? 4.027   2.670   0.016   1.00 11.08 ? 808  LEU A CG  1 
ATOM   170 C CD1 . LEU A 1 21 ? 3.360   1.941   -1.144  1.00 15.01 ? 808  LEU A CD1 1 
ATOM   171 C CD2 . LEU A 1 21 ? 5.520   2.829   -0.237  1.00 12.57 ? 808  LEU A CD2 1 
ATOM   172 N N   . ILE A 1 22 ? 3.967   7.072   0.919   1.00 9.94  ? 809  ILE A N   1 
ATOM   173 C CA  . ILE A 1 22 ? 3.508   8.437   0.700   1.00 8.63  ? 809  ILE A CA  1 
ATOM   174 C C   . ILE A 1 22 ? 2.438   8.457   -0.385  1.00 9.56  ? 809  ILE A C   1 
ATOM   175 O O   . ILE A 1 22 ? 2.335   7.551   -1.222  1.00 9.95  ? 809  ILE A O   1 
ATOM   176 C CB  . ILE A 1 22 ? 4.664   9.398   0.371   1.00 9.58  ? 809  ILE A CB  1 
ATOM   177 C CG1 . ILE A 1 22 ? 5.307   9.046   -0.976  1.00 11.06 ? 809  ILE A CG1 1 
ATOM   178 C CG2 . ILE A 1 22 ? 5.697   9.390   1.489   1.00 11.13 ? 809  ILE A CG2 1 
ATOM   179 C CD1 . ILE A 1 22 ? 6.359   10.049  -1.421  1.00 11.72 ? 809  ILE A CD1 1 
ATOM   180 N N   . SER A 1 23 ? 1.634   9.526   -0.375  1.00 10.14 ? 810  SER A N   1 
ATOM   181 C CA  A SER A 1 23 ? 0.485   9.593   -1.271  0.69 9.47  ? 810  SER A CA  1 
ATOM   182 C CA  B SER A 1 23 ? 0.486   9.602   -1.272  0.31 9.54  ? 810  SER A CA  1 
ATOM   183 C C   . SER A 1 23 ? 0.889   9.436   -2.730  1.00 9.16  ? 810  SER A C   1 
ATOM   184 O O   . SER A 1 23 ? 0.125   8.872   -3.523  1.00 10.09 ? 810  SER A O   1 
ATOM   185 C CB  A SER A 1 23 ? -0.269  10.906  -1.066  0.69 11.55 ? 810  SER A CB  1 
ATOM   186 C CB  B SER A 1 23 ? -0.245  10.928  -1.076  0.31 11.61 ? 810  SER A CB  1 
ATOM   187 O OG  A SER A 1 23 ? 0.436   11.994  -1.639  0.69 7.78  ? 810  SER A OG  1 
ATOM   188 O OG  B SER A 1 23 ? -0.613  11.106  0.279   0.31 16.55 ? 810  SER A OG  1 
ATOM   189 N N   . THR A 1 24 ? 2.079   9.917   -3.099  1.00 8.25  ? 811  THR A N   1 
ATOM   190 C CA  . THR A 1 24 ? 2.533   9.832   -4.485  1.00 9.23  ? 811  THR A CA  1 
ATOM   191 C C   . THR A 1 24 ? 2.538   8.391   -4.980  1.00 9.20  ? 811  THR A C   1 
ATOM   192 O O   . THR A 1 24 ? 2.092   8.103   -6.100  1.00 11.59 ? 811  THR A O   1 
ATOM   193 C CB  . THR A 1 24 ? 3.934   10.427  -4.598  1.00 9.91  ? 811  THR A CB  1 
ATOM   194 O OG1 . THR A 1 24 ? 3.966   11.690  -3.930  1.00 10.81 ? 811  THR A OG1 1 
ATOM   195 C CG2 . THR A 1 24 ? 4.321   10.614  -6.057  1.00 10.86 ? 811  THR A CG2 1 
ATOM   196 N N   . TRP A 1 25 ? 3.053   7.468   -4.164  1.00 8.69  ? 812  TRP A N   1 
ATOM   197 C CA  . TRP A 1 25 ? 3.079   6.077   -4.600  1.00 9.71  ? 812  TRP A CA  1 
ATOM   198 C C   . TRP A 1 25 ? 1.765   5.360   -4.338  1.00 10.00 ? 812  TRP A C   1 
ATOM   199 O O   . TRP A 1 25 ? 1.458   4.378   -5.021  1.00 10.56 ? 812  TRP A O   1 
ATOM   200 C CB  . TRP A 1 25 ? 4.280   5.327   -4.015  1.00 11.90 ? 812  TRP A CB  1 
ATOM   201 C CG  . TRP A 1 25 ? 5.424   5.354   -4.967  1.00 11.04 ? 812  TRP A CG  1 
ATOM   202 C CD1 . TRP A 1 25 ? 5.744   4.405   -5.896  1.00 13.19 ? 812  TRP A CD1 1 
ATOM   203 C CD2 . TRP A 1 25 ? 6.369   6.414   -5.132  1.00 10.20 ? 812  TRP A CD2 1 
ATOM   204 N NE1 . TRP A 1 25 ? 6.845   4.803   -6.616  1.00 13.01 ? 812  TRP A NE1 1 
ATOM   205 C CE2 . TRP A 1 25 ? 7.246   6.034   -6.167  1.00 12.36 ? 812  TRP A CE2 1 
ATOM   206 C CE3 . TRP A 1 25 ? 6.565   7.644   -4.497  1.00 10.51 ? 812  TRP A CE3 1 
ATOM   207 C CZ2 . TRP A 1 25 ? 8.304   6.837   -6.578  1.00 14.63 ? 812  TRP A CZ2 1 
ATOM   208 C CZ3 . TRP A 1 25 ? 7.614   8.443   -4.909  1.00 10.69 ? 812  TRP A CZ3 1 
ATOM   209 C CH2 . TRP A 1 25 ? 8.470   8.038   -5.939  1.00 14.52 ? 812  TRP A CH2 1 
ATOM   210 N N   . VAL A 1 26 ? 0.981   5.839   -3.368  1.00 8.66  ? 813  VAL A N   1 
ATOM   211 C CA  . VAL A 1 26 ? -0.371  5.320   -3.180  1.00 9.21  ? 813  VAL A CA  1 
ATOM   212 C C   . VAL A 1 26 ? -1.189  5.517   -4.449  1.00 9.58  ? 813  VAL A C   1 
ATOM   213 O O   . VAL A 1 26 ? -1.821  4.582   -4.955  1.00 9.88  ? 813  VAL A O   1 
ATOM   214 C CB  . VAL A 1 26 ? -1.030  5.982   -1.957  1.00 8.80  ? 813  VAL A CB  1 
ATOM   215 C CG1 . VAL A 1 26 ? -2.495  5.582   -1.849  1.00 9.18  ? 813  VAL A CG1 1 
ATOM   216 C CG2 . VAL A 1 26 ? -0.271  5.617   -0.694  1.00 10.57 ? 813  VAL A CG2 1 
ATOM   217 N N   . THR A 1 27 ? -1.167  6.732   -5.004  1.00 9.00  ? 814  THR A N   1 
ATOM   218 C CA  . THR A 1 27 ? -1.890  6.995   -6.244  1.00 8.84  ? 814  THR A CA  1 
ATOM   219 C C   . THR A 1 27 ? -1.391  6.103   -7.371  1.00 10.26 ? 814  THR A C   1 
ATOM   220 O O   . THR A 1 27 ? -2.184  5.489   -8.092  1.00 10.94 ? 814  THR A O   1 
ATOM   221 C CB  . THR A 1 27 ? -1.726  8.460   -6.640  1.00 10.56 ? 814  THR A CB  1 
ATOM   222 O OG1 . THR A 1 27 ? -2.262  9.301   -5.614  1.00 12.62 ? 814  THR A OG1 1 
ATOM   223 C CG2 . THR A 1 27 ? -2.441  8.745   -7.960  1.00 12.59 ? 814  THR A CG2 1 
ATOM   224 N N   . SER A 1 28 ? -0.069  6.015   -7.531  1.00 10.06 ? 815  SER A N   1 
ATOM   225 C CA  . SER A 1 28 ? 0.509   5.245   -8.626  1.00 9.40  ? 815  SER A CA  1 
ATOM   226 C C   . SER A 1 28 ? 0.074   3.783   -8.574  1.00 9.34  ? 815  SER A C   1 
ATOM   227 O O   . SER A 1 28 ? -0.393  3.221   -9.571  1.00 11.38 ? 815  SER A O   1 
ATOM   228 C CB  . SER A 1 28 ? 2.034   5.355   -8.567  1.00 12.48 ? 815  SER A CB  1 
ATOM   229 O OG  . SER A 1 28 ? 2.643   4.486   -9.502  1.00 14.64 ? 815  SER A OG  1 
ATOM   230 N N   . ILE A 1 29 ? 0.205   3.156   -7.406  1.00 9.97  ? 816  ILE A N   1 
ATOM   231 C CA  . ILE A 1 29 ? -0.049  1.724   -7.303  1.00 9.50  ? 816  ILE A CA  1 
ATOM   232 C C   . ILE A 1 29 ? -1.541  1.423   -7.341  1.00 9.55  ? 816  ILE A C   1 
ATOM   233 O O   . ILE A 1 29 ? -1.980  0.494   -8.031  1.00 10.25 ? 816  ILE A O   1 
ATOM   234 C CB  . ILE A 1 29 ? 0.637   1.157   -6.050  1.00 9.98  ? 816  ILE A CB  1 
ATOM   235 C CG1 . ILE A 1 29 ? 2.156   1.314   -6.176  1.00 9.10  ? 816  ILE A CG1 1 
ATOM   236 C CG2 . ILE A 1 29 ? 0.254   -0.309  -5.844  1.00 10.86 ? 816  ILE A CG2 1 
ATOM   237 C CD1 . ILE A 1 29 ? 2.913   1.023   -4.896  1.00 10.56 ? 816  ILE A CD1 1 
ATOM   238 N N   . VAL A 1 30 ? -2.345  2.198   -6.611  1.00 10.29 ? 817  VAL A N   1 
ATOM   239 C CA  . VAL A 1 30 ? -3.783  1.943   -6.567  1.00 9.38  ? 817  VAL A CA  1 
ATOM   240 C C   . VAL A 1 30 ? -4.406  2.132   -7.945  1.00 10.77 ? 817  VAL A C   1 
ATOM   241 O O   . VAL A 1 30 ? -5.241  1.329   -8.381  1.00 12.63 ? 817  VAL A O   1 
ATOM   242 C CB  . VAL A 1 30 ? -4.449  2.821   -5.491  1.00 9.51  ? 817  VAL A CB  1 
ATOM   243 C CG1 . VAL A 1 30 ? -5.970  2.813   -5.633  1.00 11.09 ? 817  VAL A CG1 1 
ATOM   244 C CG2 . VAL A 1 30 ? -4.038  2.345   -4.104  1.00 11.67 ? 817  VAL A CG2 1 
ATOM   245 N N   . GLU A 1 31 ? -4.008  3.187   -8.658  1.00 10.73 ? 818  GLU A N   1 
ATOM   246 C CA  . GLU A 1 31 ? -4.559  3.407   -9.993  1.00 10.73 ? 818  GLU A CA  1 
ATOM   247 C C   . GLU A 1 31 ? -4.115  2.319   -10.963 1.00 12.81 ? 818  GLU A C   1 
ATOM   248 O O   . GLU A 1 31 ? -4.911  1.856   -11.788 1.00 14.54 ? 818  GLU A O   1 
ATOM   249 C CB  . GLU A 1 31 ? -4.196  4.802   -10.507 1.00 10.56 ? 818  GLU A CB  1 
ATOM   250 C CG  . GLU A 1 31 ? -4.919  5.916   -9.769  1.00 11.97 ? 818  GLU A CG  1 
ATOM   251 C CD  . GLU A 1 31 ? -4.746  7.282   -10.414 1.00 17.50 ? 818  GLU A CD  1 
ATOM   252 O OE1 . GLU A 1 31 ? -3.873  7.433   -11.295 1.00 17.60 ? 818  GLU A OE1 1 
ATOM   253 O OE2 . GLU A 1 31 ? -5.496  8.206   -10.038 1.00 22.25 ? 818  GLU A OE2 1 
ATOM   254 N N   . GLU A 1 32 ? -2.852  1.889   -10.876 1.00 12.07 ? 819  GLU A N   1 
ATOM   255 C CA  . GLU A 1 32 ? -2.377  0.837   -11.768 1.00 11.93 ? 819  GLU A CA  1 
ATOM   256 C C   . GLU A 1 32 ? -3.097  -0.481  -11.513 1.00 13.70 ? 819  GLU A C   1 
ATOM   257 O O   . GLU A 1 32 ? -3.284  -1.276  -12.443 1.00 15.81 ? 819  GLU A O   1 
ATOM   258 C CB  . GLU A 1 32 ? -0.860  0.677   -11.636 1.00 13.57 ? 819  GLU A CB  1 
ATOM   259 C CG  . GLU A 1 32 ? -0.239  -0.298  -12.636 1.00 15.69 ? 819  GLU A CG  1 
ATOM   260 C CD  . GLU A 1 32 ? 1.270   -0.413  -12.489 1.00 15.46 ? 819  GLU A CD  1 
ATOM   261 O OE1 . GLU A 1 32 ? 1.913   0.580   -12.084 1.00 18.53 ? 819  GLU A OE1 1 
ATOM   262 O OE2 . GLU A 1 32 ? 1.812   -1.501  -12.776 1.00 23.09 ? 819  GLU A OE2 1 
ATOM   263 N N   . ALA A 1 33 ? -3.516  -0.726  -10.273 1.00 12.17 ? 820  ALA A N   1 
ATOM   264 C CA  . ALA A 1 33 ? -4.243  -1.935  -9.913  1.00 12.68 ? 820  ALA A CA  1 
ATOM   265 C C   . ALA A 1 33 ? -5.746  -1.793  -10.103 1.00 15.77 ? 820  ALA A C   1 
ATOM   266 O O   . ALA A 1 33 ? -6.504  -2.661  -9.657  1.00 17.14 ? 820  ALA A O   1 
ATOM   267 C CB  . ALA A 1 33 ? -3.927  -2.336  -8.470  1.00 13.60 ? 820  ALA A CB  1 
ATOM   268 N N   . ASP A 1 34 ? -6.185  -0.716  -10.750 1.00 13.21 ? 821  ASP A N   1 
ATOM   269 C CA  . ASP A 1 34 ? -7.600  -0.469  -11.021 1.00 14.64 ? 821  ASP A CA  1 
ATOM   270 C C   . ASP A 1 34 ? -8.438  -0.458  -9.747  1.00 15.03 ? 821  ASP A C   1 
ATOM   271 O O   . ASP A 1 34 ? -9.538  -1.014  -9.697  1.00 16.72 ? 821  ASP A O   1 
ATOM   272 C CB  . ASP A 1 34 ? -8.178  -1.431  -12.058 1.00 19.47 ? 821  ASP A CB  1 
ATOM   273 C CG  . ASP A 1 34 ? -9.496  -0.932  -12.628 1.00 37.54 ? 821  ASP A CG  1 
ATOM   274 O OD1 . ASP A 1 34 ? -9.678  0.303   -12.695 1.00 33.93 ? 821  ASP A OD1 1 
ATOM   275 O OD2 . ASP A 1 34 ? -10.359 -1.760  -12.985 1.00 49.04 ? 821  ASP A OD2 1 
ATOM   276 N N   . TRP A 1 35 ? -7.910  0.179   -8.702  1.00 14.31 ? 822  TRP A N   1 
ATOM   277 C CA  . TRP A 1 35 ? -8.662  0.499   -7.493  1.00 13.80 ? 822  TRP A CA  1 
ATOM   278 C C   . TRP A 1 35 ? -9.058  -0.724  -6.680  1.00 12.62 ? 822  TRP A C   1 
ATOM   279 O O   . TRP A 1 35 ? -9.964  -0.641  -5.842  1.00 16.22 ? 822  TRP A O   1 
ATOM   280 C CB  . TRP A 1 35 ? -9.883  1.366   -7.812  1.00 15.30 ? 822  TRP A CB  1 
ATOM   281 C CG  . TRP A 1 35 ? -9.470  2.653   -8.384  1.00 13.09 ? 822  TRP A CG  1 
ATOM   282 C CD1 . TRP A 1 35 ? -9.262  2.951   -9.702  1.00 17.30 ? 822  TRP A CD1 1 
ATOM   283 C CD2 . TRP A 1 35 ? -9.161  3.826   -7.650  1.00 11.98 ? 822  TRP A CD2 1 
ATOM   284 N NE1 . TRP A 1 35 ? -8.853  4.258   -9.827  1.00 20.35 ? 822  TRP A NE1 1 
ATOM   285 C CE2 . TRP A 1 35 ? -8.786  4.817   -8.577  1.00 13.75 ? 822  TRP A CE2 1 
ATOM   286 C CE3 . TRP A 1 35 ? -9.179  4.142   -6.291  1.00 12.17 ? 822  TRP A CE3 1 
ATOM   287 C CZ2 . TRP A 1 35 ? -8.427  6.100   -8.185  1.00 16.25 ? 822  TRP A CZ2 1 
ATOM   288 C CZ3 . TRP A 1 35 ? -8.824  5.404   -5.904  1.00 17.53 ? 822  TRP A CZ3 1 
ATOM   289 C CH2 . TRP A 1 35 ? -8.453  6.373   -6.843  1.00 14.06 ? 822  TRP A CH2 1 
ATOM   290 N N   . ASP A 1 36 ? -8.404  -1.858  -6.901  1.00 11.82 ? 823  ASP A N   1 
ATOM   291 C CA  . ASP A 1 36 ? -8.673  -3.065  -6.135  1.00 12.78 ? 823  ASP A CA  1 
ATOM   292 C C   . ASP A 1 36 ? -7.637  -3.199  -5.030  1.00 10.49 ? 823  ASP A C   1 
ATOM   293 O O   . ASP A 1 36 ? -6.433  -3.257  -5.303  1.00 11.74 ? 823  ASP A O   1 
ATOM   294 C CB  . ASP A 1 36 ? -8.682  -4.314  -7.011  1.00 14.77 ? 823  ASP A CB  1 
ATOM   295 C CG  . ASP A 1 36 ? -9.112  -5.545  -6.238  1.00 18.39 ? 823  ASP A CG  1 
ATOM   296 O OD1 . ASP A 1 36 ? -10.332 -5.753  -6.070  1.00 22.89 ? 823  ASP A OD1 1 
ATOM   297 O OD2 . ASP A 1 36 ? -8.232  -6.284  -5.768  1.00 15.30 ? 823  ASP A OD2 1 
ATOM   298 N N   . PHE A 1 37 ? -8.124  -3.252  -3.790  1.00 12.56 ? 824  PHE A N   1 
ATOM   299 C CA  . PHE A 1 37 ? -7.264  -3.260  -2.611  1.00 10.39 ? 824  PHE A CA  1 
ATOM   300 C C   . PHE A 1 37 ? -6.291  -4.432  -2.644  1.00 12.19 ? 824  PHE A C   1 
ATOM   301 O O   . PHE A 1 37 ? -5.073  -4.248  -2.521  1.00 10.54 ? 824  PHE A O   1 
ATOM   302 C CB  . PHE A 1 37 ? -8.170  -3.319  -1.377  1.00 12.00 ? 824  PHE A CB  1 
ATOM   303 C CG  . PHE A 1 37 ? -7.443  -3.342  -0.062  1.00 10.47 ? 824  PHE A CG  1 
ATOM   304 C CD1 . PHE A 1 37 ? -6.492  -2.386  0.248   1.00 10.84 ? 824  PHE A CD1 1 
ATOM   305 C CD2 . PHE A 1 37 ? -7.759  -4.301  0.889   1.00 12.63 ? 824  PHE A CD2 1 
ATOM   306 C CE1 . PHE A 1 37 ? -5.850  -2.404  1.474   1.00 11.69 ? 824  PHE A CE1 1 
ATOM   307 C CE2 . PHE A 1 37 ? -7.121  -4.321  2.111   1.00 13.57 ? 824  PHE A CE2 1 
ATOM   308 C CZ  . PHE A 1 37 ? -6.165  -3.373  2.404   1.00 11.50 ? 824  PHE A CZ  1 
ATOM   309 N N   . GLU A 1 38 ? -6.812  -5.647  -2.825  1.00 11.17 ? 825  GLU A N   1 
ATOM   310 C CA  . GLU A 1 38 ? -5.954  -6.829  -2.817  1.00 10.24 ? 825  GLU A CA  1 
ATOM   311 C C   . GLU A 1 38 ? -4.940  -6.786  -3.956  1.00 11.00 ? 825  GLU A C   1 
ATOM   312 O O   . GLU A 1 38 ? -3.750  -7.053  -3.755  1.00 11.00 ? 825  GLU A O   1 
ATOM   313 C CB  . GLU A 1 38 ? -6.808  -8.094  -2.894  1.00 13.13 ? 825  GLU A CB  1 
ATOM   314 C CG  . GLU A 1 38 ? -6.005  -9.375  -2.878  1.00 14.66 ? 825  GLU A CG  1 
ATOM   315 C CD  . GLU A 1 38 ? -6.878  -10.599 -2.998  1.00 24.99 ? 825  GLU A CD  1 
ATOM   316 O OE1 . GLU A 1 38 ? -8.045  -10.454 -3.419  1.00 22.98 ? 825  GLU A OE1 1 
ATOM   317 O OE2 . GLU A 1 38 ? -6.402  -11.704 -2.666  1.00 23.46 ? 825  GLU A OE2 1 
ATOM   318 N N   . ARG A 1 39 ? -5.390  -6.441  -5.163  1.00 11.17 ? 826  ARG A N   1 
ATOM   319 C CA  . ARG A 1 39 ? -4.457  -6.373  -6.284  1.00 10.05 ? 826  ARG A CA  1 
ATOM   320 C C   . ARG A 1 39 ? -3.397  -5.302  -6.060  1.00 11.07 ? 826  ARG A C   1 
ATOM   321 O O   . ARG A 1 39 ? -2.240  -5.476  -6.457  1.00 12.70 ? 826  ARG A O   1 
ATOM   322 C CB  . ARG A 1 39 ? -5.205  -6.145  -7.597  1.00 13.87 ? 826  ARG A CB  1 
ATOM   323 C CG  . ARG A 1 39 ? -6.047  -7.333  -8.024  1.00 21.21 ? 826  ARG A CG  1 
ATOM   324 C CD  . ARG A 1 39 ? -6.301  -7.336  -9.525  1.00 27.74 ? 826  ARG A CD  1 
ATOM   325 N NE  . ARG A 1 39 ? -6.902  -6.089  -9.989  1.00 24.97 ? 826  ARG A NE  1 
ATOM   326 C CZ  . ARG A 1 39 ? -8.206  -5.829  -9.951  1.00 23.69 ? 826  ARG A CZ  1 
ATOM   327 N NH1 . ARG A 1 39 ? -9.052  -6.725  -9.456  1.00 26.29 ? 826  ARG A NH1 1 
ATOM   328 N NH2 . ARG A 1 39 ? -8.665  -4.670  -10.393 1.00 19.41 ? 826  ARG A NH2 1 
ATOM   329 N N   . ALA A 1 40 ? -3.771  -4.192  -5.416  1.00 9.91  ? 827  ALA A N   1 
ATOM   330 C CA  . ALA A 1 40 ? -2.800  -3.135  -5.145  1.00 9.31  ? 827  ALA A CA  1 
ATOM   331 C C   . ALA A 1 40 ? -1.724  -3.603  -4.174  1.00 9.13  ? 827  ALA A C   1 
ATOM   332 O O   . ALA A 1 40 ? -0.540  -3.294  -4.356  1.00 9.29  ? 827  ALA A O   1 
ATOM   333 C CB  . ALA A 1 40 ? -3.508  -1.888  -4.618  1.00 10.41 ? 827  ALA A CB  1 
ATOM   334 N N   . LEU A 1 41 ? -2.111  -4.351  -3.139  1.00 8.38  ? 828  LEU A N   1 
ATOM   335 C CA  . LEU A 1 41 ? -1.121  -4.875  -2.204  1.00 9.87  ? 828  LEU A CA  1 
ATOM   336 C C   . LEU A 1 41 ? -0.161  -5.826  -2.906  1.00 9.60  ? 828  LEU A C   1 
ATOM   337 O O   . LEU A 1 41 ? 1.060   -5.750  -2.716  1.00 9.72  ? 828  LEU A O   1 
ATOM   338 C CB  . LEU A 1 41 ? -1.817  -5.569  -1.032  1.00 9.48  ? 828  LEU A CB  1 
ATOM   339 C CG  . LEU A 1 41 ? -2.645  -4.651  -0.134  1.00 11.80 ? 828  LEU A CG  1 
ATOM   340 C CD1 . LEU A 1 41 ? -3.410  -5.472  0.894   1.00 11.04 ? 828  LEU A CD1 1 
ATOM   341 C CD2 . LEU A 1 41 ? -1.767  -3.615  0.555   1.00 12.07 ? 828  LEU A CD2 1 
ATOM   342 N N   . LYS A 1 42 ? -0.697  -6.728  -3.735  1.00 10.24 ? 829  LYS A N   1 
ATOM   343 C CA  . LYS A 1 42 ? 0.159   -7.633  -4.494  1.00 10.81 ? 829  LYS A CA  1 
ATOM   344 C C   . LYS A 1 42 ? 1.080   -6.864  -5.431  1.00 9.51  ? 829  LYS A C   1 
ATOM   345 O O   . LYS A 1 42 ? 2.256   -7.221  -5.598  1.00 11.03 ? 829  LYS A O   1 
ATOM   346 C CB  . LYS A 1 42 ? -0.692  -8.615  -5.299  1.00 12.17 ? 829  LYS A CB  1 
ATOM   347 C CG  . LYS A 1 42 ? -1.487  -9.594  -4.464  1.00 12.63 ? 829  LYS A CG  1 
ATOM   348 C CD  . LYS A 1 42 ? -2.273  -10.533 -5.361  1.00 13.84 ? 829  LYS A CD  1 
ATOM   349 C CE  . LYS A 1 42 ? -3.045  -11.555 -4.546  1.00 20.37 ? 829  LYS A CE  1 
ATOM   350 N NZ  . LYS A 1 42 ? -3.850  -12.453 -5.423  1.00 21.69 ? 829  LYS A NZ  1 
ATOM   351 N N   . LEU A 1 43 ? 0.557   -5.817  -6.068  1.00 9.36  ? 830  LEU A N   1 
ATOM   352 C CA  . LEU A 1 43 ? 1.369   -5.024  -6.981  1.00 11.23 ? 830  LEU A CA  1 
ATOM   353 C C   . LEU A 1 43 ? 2.487   -4.303  -6.240  1.00 10.01 ? 830  LEU A C   1 
ATOM   354 O O   . LEU A 1 43 ? 3.616   -4.219  -6.738  1.00 11.34 ? 830  LEU A O   1 
ATOM   355 C CB  . LEU A 1 43 ? 0.475   -4.037  -7.732  1.00 10.17 ? 830  LEU A CB  1 
ATOM   356 C CG  . LEU A 1 43 ? 1.175   -3.129  -8.739  1.00 13.79 ? 830  LEU A CG  1 
ATOM   357 C CD1 . LEU A 1 43 ? 1.913   -3.944  -9.791  1.00 13.58 ? 830  LEU A CD1 1 
ATOM   358 C CD2 . LEU A 1 43 ? 0.176   -2.188  -9.393  1.00 12.92 ? 830  LEU A CD2 1 
ATOM   359 N N   . PHE A 1 44 ? 2.194   -3.782  -5.048  1.00 9.46  ? 831  PHE A N   1 
ATOM   360 C CA  . PHE A 1 44 ? 3.235   -3.166  -4.228  1.00 8.37  ? 831  PHE A CA  1 
ATOM   361 C C   . PHE A 1 44 ? 4.351   -4.155  -3.920  1.00 9.00  ? 831  PHE A C   1 
ATOM   362 O O   . PHE A 1 44 ? 5.538   -3.827  -4.035  1.00 10.22 ? 831  PHE A O   1 
ATOM   363 C CB  . PHE A 1 44 ? 2.624   -2.627  -2.932  1.00 8.74  ? 831  PHE A CB  1 
ATOM   364 C CG  . PHE A 1 44 ? 3.633   -2.388  -1.839  1.00 9.31  ? 831  PHE A CG  1 
ATOM   365 C CD1 . PHE A 1 44 ? 4.703   -1.523  -2.031  1.00 9.46  ? 831  PHE A CD1 1 
ATOM   366 C CD2 . PHE A 1 44 ? 3.506   -3.024  -0.615  1.00 10.03 ? 831  PHE A CD2 1 
ATOM   367 C CE1 . PHE A 1 44 ? 5.632   -1.312  -1.023  1.00 12.42 ? 831  PHE A CE1 1 
ATOM   368 C CE2 . PHE A 1 44 ? 4.422   -2.813  0.396   1.00 11.06 ? 831  PHE A CE2 1 
ATOM   369 C CZ  . PHE A 1 44 ? 5.492   -1.961  0.193   1.00 12.00 ? 831  PHE A CZ  1 
ATOM   370 N N   . ILE A 1 45 ? 3.986   -5.375  -3.523  1.00 9.42  ? 832  ILE A N   1 
ATOM   371 C CA  . ILE A 1 45 ? 4.993   -6.378  -3.183  1.00 10.31 ? 832  ILE A CA  1 
ATOM   372 C C   . ILE A 1 45 ? 5.855   -6.716  -4.394  1.00 10.84 ? 832  ILE A C   1 
ATOM   373 O O   . ILE A 1 45 ? 7.081   -6.862  -4.283  1.00 12.30 ? 832  ILE A O   1 
ATOM   374 C CB  . ILE A 1 45 ? 4.316   -7.615  -2.565  1.00 11.82 ? 832  ILE A CB  1 
ATOM   375 C CG1 . ILE A 1 45 ? 3.752   -7.255  -1.192  1.00 13.51 ? 832  ILE A CG1 1 
ATOM   376 C CG2 . ILE A 1 45 ? 5.293   -8.781  -2.474  1.00 17.22 ? 832  ILE A CG2 1 
ATOM   377 C CD1 . ILE A 1 45 ? 2.711   -8.216  -0.701  1.00 15.93 ? 832  ILE A CD1 1 
ATOM   378 N N   . GLN A 1 46 ? 5.235   -6.828  -5.571  1.00 10.80 ? 833  GLN A N   1 
ATOM   379 C CA  . GLN A 1 46 ? 5.995   -7.133  -6.778  1.00 12.42 ? 833  GLN A CA  1 
ATOM   380 C C   . GLN A 1 46 ? 6.922   -5.983  -7.147  1.00 11.92 ? 833  GLN A C   1 
ATOM   381 O O   . GLN A 1 46 ? 8.111   -6.192  -7.418  1.00 13.25 ? 833  GLN A O   1 
ATOM   382 C CB  . GLN A 1 46 ? 5.047   -7.451  -7.932  1.00 13.04 ? 833  GLN A CB  1 
ATOM   383 C CG  . GLN A 1 46 ? 5.770   -7.854  -9.206  1.00 15.71 ? 833  GLN A CG  1 
ATOM   384 C CD  . GLN A 1 46 ? 6.551   -9.138  -9.034  1.00 28.00 ? 833  GLN A CD  1 
ATOM   385 O OE1 . GLN A 1 46 ? 6.010   -10.148 -8.584  1.00 26.88 ? 833  GLN A OE1 1 
ATOM   386 N NE2 . GLN A 1 46 ? 7.833   -9.105  -9.378  1.00 30.31 ? 833  GLN A NE2 1 
ATOM   387 N N   . LYS A 1 47 ? 6.390   -4.755  -7.168  1.00 10.36 ? 834  LYS A N   1 
ATOM   388 C CA  . LYS A 1 47 ? 7.222   -3.594  -7.469  1.00 10.36 ? 834  LYS A CA  1 
ATOM   389 C C   . LYS A 1 47 ? 8.370   -3.470  -6.477  1.00 11.07 ? 834  LYS A C   1 
ATOM   390 O O   . LYS A 1 47 ? 9.499   -3.134  -6.858  1.00 10.79 ? 834  LYS A O   1 
ATOM   391 C CB  . LYS A 1 47 ? 6.372   -2.326  -7.446  1.00 10.37 ? 834  LYS A CB  1 
ATOM   392 C CG  . LYS A 1 47 ? 5.426   -2.172  -8.622  1.00 12.18 ? 834  LYS A CG  1 
ATOM   393 C CD  . LYS A 1 47 ? 4.483   -0.994  -8.379  1.00 15.64 ? 834  LYS A CD  1 
ATOM   394 C CE  . LYS A 1 47 ? 3.650   -0.649  -9.605  1.00 20.91 ? 834  LYS A CE  1 
ATOM   395 N NZ  . LYS A 1 47 ? 4.374   0.237   -10.560 1.00 18.30 ? 834  LYS A NZ  1 
ATOM   396 N N   . ASN A 1 48 ? 8.104   -3.750  -5.202  1.00 10.92 ? 835  ASN A N   1 
ATOM   397 C CA  . ASN A 1 48 ? 9.155   -3.680  -4.197  1.00 10.73 ? 835  ASN A CA  1 
ATOM   398 C C   . ASN A 1 48 ? 10.274  -4.666  -4.509  1.00 9.97  ? 835  ASN A C   1 
ATOM   399 O O   . ASN A 1 48 ? 11.460  -4.322  -4.438  1.00 12.01 ? 835  ASN A O   1 
ATOM   400 C CB  . ASN A 1 48 ? 8.565   -3.944  -2.812  1.00 11.34 ? 835  ASN A CB  1 
ATOM   401 C CG  . ASN A 1 48 ? 9.595   -3.834  -1.716  1.00 12.86 ? 835  ASN A CG  1 
ATOM   402 O OD1 . ASN A 1 48 ? 9.981   -2.734  -1.324  1.00 14.32 ? 835  ASN A OD1 1 
ATOM   403 N ND2 . ASN A 1 48 ? 10.046  -4.979  -1.210  1.00 13.06 ? 835  ASN A ND2 1 
ATOM   404 N N   . ALA A 1 49 ? 9.909   -5.896  -4.880  1.00 11.61 ? 836  ALA A N   1 
ATOM   405 C CA  . ALA A 1 49 ? 10.918  -6.911  -5.170  1.00 10.62 ? 836  ALA A CA  1 
ATOM   406 C C   . ALA A 1 49 ? 11.731  -6.561  -6.408  1.00 12.83 ? 836  ALA A C   1 
ATOM   407 O O   . ALA A 1 49 ? 12.897  -6.959  -6.517  1.00 15.37 ? 836  ALA A O   1 
ATOM   408 C CB  . ALA A 1 49 ? 10.251  -8.277  -5.337  1.00 13.25 ? 836  ALA A CB  1 
ATOM   409 N N   . ASP A 1 50 ? 11.138  -5.825  -7.346  1.00 12.11 ? 837  ASP A N   1 
ATOM   410 C CA  . ASP A 1 50 ? 11.797  -5.438  -8.587  1.00 14.28 ? 837  ASP A CA  1 
ATOM   411 C C   . ASP A 1 50 ? 12.574  -4.128  -8.467  1.00 12.71 ? 837  ASP A C   1 
ATOM   412 O O   . ASP A 1 50 ? 13.006  -3.583  -9.489  1.00 14.28 ? 837  ASP A O   1 
ATOM   413 C CB  . ASP A 1 50 ? 10.776  -5.338  -9.725  1.00 15.54 ? 837  ASP A CB  1 
ATOM   414 C CG  . ASP A 1 50 ? 10.171  -6.681  -10.092 1.00 18.74 ? 837  ASP A CG  1 
ATOM   415 O OD1 . ASP A 1 50 ? 10.810  -7.717  -9.825  1.00 24.55 ? 837  ASP A OD1 1 
ATOM   416 O OD2 . ASP A 1 50 ? 9.060   -6.698  -10.659 1.00 22.26 ? 837  ASP A OD2 1 
ATOM   417 N N   . HIS A 1 51 ? 12.745  -3.606  -7.251  1.00 12.58 ? 838  HIS A N   1 
ATOM   418 C CA  . HIS A 1 51 ? 13.497  -2.371  -7.012  1.00 11.06 ? 838  HIS A CA  1 
ATOM   419 C C   . HIS A 1 51 ? 12.855  -1.156  -7.673  1.00 13.31 ? 838  HIS A C   1 
ATOM   420 O O   . HIS A 1 51 ? 13.546  -0.238  -8.123  1.00 13.87 ? 838  HIS A O   1 
ATOM   421 C CB  . HIS A 1 51 ? 14.979  -2.516  -7.372  1.00 12.45 ? 838  HIS A CB  1 
ATOM   422 C CG  . HIS A 1 51 ? 15.675  -3.555  -6.556  1.00 12.77 ? 838  HIS A CG  1 
ATOM   423 N ND1 . HIS A 1 51 ? 15.753  -3.485  -5.183  1.00 16.19 ? 838  HIS A ND1 1 
ATOM   424 C CD2 . HIS A 1 51 ? 16.307  -4.698  -6.914  1.00 16.98 ? 838  HIS A CD2 1 
ATOM   425 C CE1 . HIS A 1 51 ? 16.412  -4.537  -4.729  1.00 16.39 ? 838  HIS A CE1 1 
ATOM   426 N NE2 . HIS A 1 51 ? 16.756  -5.289  -5.758  1.00 18.06 ? 838  HIS A NE2 1 
ATOM   427 N N   . GLU A 1 52 ? 11.524  -1.136  -7.715  1.00 10.70 ? 839  GLU A N   1 
ATOM   428 C CA  A GLU A 1 52 ? 10.781  -0.024  -8.290  0.54 11.92 ? 839  GLU A CA  1 
ATOM   429 C CA  B GLU A 1 52 ? 10.759  -0.038  -8.291  0.46 11.93 ? 839  GLU A CA  1 
ATOM   430 C C   . GLU A 1 52 ? 10.148  0.883   -7.243  1.00 11.96 ? 839  GLU A C   1 
ATOM   431 O O   . GLU A 1 52 ? 9.470   1.847   -7.609  1.00 13.62 ? 839  GLU A O   1 
ATOM   432 C CB  A GLU A 1 52 ? 9.723   -0.539  -9.274  0.54 15.18 ? 839  GLU A CB  1 
ATOM   433 C CB  B GLU A 1 52 ? 9.654   -0.588  -9.202  0.46 15.09 ? 839  GLU A CB  1 
ATOM   434 C CG  A GLU A 1 52 ? 10.320  -1.052  -10.580 0.54 17.38 ? 839  GLU A CG  1 
ATOM   435 C CG  B GLU A 1 52 ? 10.170  -1.346  -10.417 0.46 16.85 ? 839  GLU A CG  1 
ATOM   436 C CD  A GLU A 1 52 ? 9.368   -1.933  -11.362 0.54 20.11 ? 839  GLU A CD  1 
ATOM   437 C CD  B GLU A 1 52 ? 10.729  -0.426  -11.486 0.46 19.11 ? 839  GLU A CD  1 
ATOM   438 O OE1 A GLU A 1 52 ? 8.211   -2.103  -10.924 0.54 25.89 ? 839  GLU A OE1 1 
ATOM   439 O OE1 B GLU A 1 52 ? 10.306  0.747   -11.545 0.46 23.67 ? 839  GLU A OE1 1 
ATOM   440 O OE2 A GLU A 1 52 ? 9.782   -2.463  -12.415 0.54 25.19 ? 839  GLU A OE2 1 
ATOM   441 O OE2 B GLU A 1 52 ? 11.591  -0.880  -12.269 0.46 28.20 ? 839  GLU A OE2 1 
ATOM   442 N N   . ILE A 1 53 ? 10.361  0.611   -5.957  1.00 10.92 ? 840  ILE A N   1 
ATOM   443 C CA  . ILE A 1 53 ? 9.850   1.461   -4.883  1.00 10.57 ? 840  ILE A CA  1 
ATOM   444 C C   . ILE A 1 53 ? 11.025  2.178   -4.229  1.00 9.72  ? 840  ILE A C   1 
ATOM   445 O O   . ILE A 1 53 ? 11.779  1.561   -3.459  1.00 10.84 ? 840  ILE A O   1 
ATOM   446 C CB  . ILE A 1 53 ? 9.056   0.653   -3.846  1.00 10.07 ? 840  ILE A CB  1 
ATOM   447 C CG1 . ILE A 1 53 ? 7.944   -0.161  -4.518  1.00 11.01 ? 840  ILE A CG1 1 
ATOM   448 C CG2 . ILE A 1 53 ? 8.466   1.584   -2.786  1.00 13.56 ? 840  ILE A CG2 1 
ATOM   449 C CD1 . ILE A 1 53 ? 6.832   0.683   -5.121  1.00 12.92 ? 840  ILE A CD1 1 
ATOM   450 N N   . PRO A 1 54 ? 11.224  3.467   -4.494  1.00 9.00  ? 841  PRO A N   1 
ATOM   451 C CA  . PRO A 1 54 ? 12.349  4.180   -3.882  1.00 9.49  ? 841  PRO A CA  1 
ATOM   452 C C   . PRO A 1 54 ? 12.228  4.230   -2.366  1.00 9.76  ? 841  PRO A C   1 
ATOM   453 O O   . PRO A 1 54 ? 11.131  4.158   -1.808  1.00 9.81  ? 841  PRO A O   1 
ATOM   454 C CB  . PRO A 1 54 ? 12.242  5.590   -4.477  1.00 11.82 ? 841  PRO A CB  1 
ATOM   455 C CG  . PRO A 1 54 ? 11.440  5.418   -5.733  1.00 12.65 ? 841  PRO A CG  1 
ATOM   456 C CD  . PRO A 1 54 ? 10.471  4.319   -5.432  1.00 10.42 ? 841  PRO A CD  1 
ATOM   457 N N   . ASP A 1 55 ? 13.381  4.362   -1.702  1.00 8.67  ? 842  ASP A N   1 
ATOM   458 C CA  . ASP A 1 55 ? 13.396  4.591   -0.261  1.00 9.46  ? 842  ASP A CA  1 
ATOM   459 C C   . ASP A 1 55 ? 12.464  5.734   0.130   1.00 11.48 ? 842  ASP A C   1 
ATOM   460 O O   . ASP A 1 55 ? 11.738  5.644   1.127   1.00 9.67  ? 842  ASP A O   1 
ATOM   461 C CB  . ASP A 1 55 ? 14.813  4.933   0.206   1.00 9.71  ? 842  ASP A CB  1 
ATOM   462 C CG  . ASP A 1 55 ? 15.684  3.713   0.431   1.00 11.92 ? 842  ASP A CG  1 
ATOM   463 O OD1 . ASP A 1 55 ? 15.265  2.586   0.103   1.00 14.78 ? 842  ASP A OD1 1 
ATOM   464 O OD2 . ASP A 1 55 ? 16.805  3.894   0.954   1.00 13.58 ? 842  ASP A OD2 1 
ATOM   465 N N   . LEU A 1 56 ? 12.470  6.823   -0.644  1.00 9.05  ? 843  LEU A N   1 
ATOM   466 C CA  . LEU A 1 56 ? 11.684  7.993   -0.272  1.00 8.54  ? 843  LEU A CA  1 
ATOM   467 C C   . LEU A 1 56 ? 10.181  7.762   -0.374  1.00 9.58  ? 843  LEU A C   1 
ATOM   468 O O   . LEU A 1 56 ? 9.411   8.619   0.072   1.00 10.26 ? 843  LEU A O   1 
ATOM   469 C CB  . LEU A 1 56 ? 12.101  9.229   -1.087  1.00 11.08 ? 843  LEU A CB  1 
ATOM   470 C CG  . LEU A 1 56 ? 12.003  9.262   -2.617  1.00 10.15 ? 843  LEU A CG  1 
ATOM   471 C CD1 . LEU A 1 56 ? 10.565  9.357   -3.119  1.00 11.03 ? 843  LEU A CD1 1 
ATOM   472 C CD2 . LEU A 1 56 ? 12.808  10.440  -3.146  1.00 10.71 ? 843  LEU A CD2 1 
ATOM   473 N N   . ALA A 1 57 ? 9.747   6.646   -0.963  1.00 8.69  ? 844  ALA A N   1 
ATOM   474 C CA  . ALA A 1 57 ? 8.321   6.363   -1.015  1.00 8.98  ? 844  ALA A CA  1 
ATOM   475 C C   . ALA A 1 57 ? 7.748   5.986   0.339   1.00 10.54 ? 844  ALA A C   1 
ATOM   476 O O   . ALA A 1 57 ? 6.524   5.967   0.483   1.00 9.34  ? 844  ALA A O   1 
ATOM   477 C CB  . ALA A 1 57 ? 8.038   5.257   -2.032  1.00 8.33  ? 844  ALA A CB  1 
ATOM   478 N N   . PHE A 1 58 ? 8.586   5.698   1.329   1.00 7.43  ? 845  PHE A N   1 
ATOM   479 C CA  . PHE A 1 58 ? 8.108   5.247   2.629   1.00 8.64  ? 845  PHE A CA  1 
ATOM   480 C C   . PHE A 1 58 ? 7.957   6.436   3.565   1.00 9.76  ? 845  PHE A C   1 
ATOM   481 O O   . PHE A 1 58 ? 8.914   7.188   3.791   1.00 9.94  ? 845  PHE A O   1 
ATOM   482 C CB  . PHE A 1 58 ? 9.042   4.178   3.192   1.00 9.64  ? 845  PHE A CB  1 
ATOM   483 C CG  . PHE A 1 58 ? 9.047   2.927   2.371   1.00 9.07  ? 845  PHE A CG  1 
ATOM   484 C CD1 . PHE A 1 58 ? 8.034   1.993   2.516   1.00 10.57 ? 845  PHE A CD1 1 
ATOM   485 C CD2 . PHE A 1 58 ? 10.027  2.708   1.419   1.00 11.96 ? 845  PHE A CD2 1 
ATOM   486 C CE1 . PHE A 1 58 ? 8.015   0.852   1.744   1.00 8.99  ? 845  PHE A CE1 1 
ATOM   487 C CE2 . PHE A 1 58 ? 10.011  1.565   0.644   1.00 11.29 ? 845  PHE A CE2 1 
ATOM   488 C CZ  . PHE A 1 58 ? 9.002   0.638   0.809   1.00 11.85 ? 845  PHE A CZ  1 
ATOM   489 N N   . ALA A 1 59 ? 6.748   6.609   4.088   1.00 10.84 ? 846  ALA A N   1 
ATOM   490 C CA  . ALA A 1 59 ? 6.436   7.726   4.959   1.00 11.01 ? 846  ALA A CA  1 
ATOM   491 C C   . ALA A 1 59 ? 7.160   7.594   6.292   1.00 11.80 ? 846  ALA A C   1 
ATOM   492 O O   . ALA A 1 59 ? 7.538   6.501   6.727   1.00 14.04 ? 846  ALA A O   1 
ATOM   493 C CB  . ALA A 1 59 ? 4.928   7.793   5.206   1.00 12.55 ? 846  ALA A CB  1 
ATOM   494 N N   . GLY A 1 60 ? 7.347   8.737   6.951   1.00 14.10 ? 847  GLY A N   1 
ATOM   495 C CA  . GLY A 1 60 ? 8.000   8.785   8.238   1.00 17.59 ? 847  GLY A CA  1 
ATOM   496 C C   . GLY A 1 60 ? 7.179   9.562   9.254   1.00 19.05 ? 847  GLY A C   1 
ATOM   497 O O   . GLY A 1 60 ? 6.132   10.132  8.936   1.00 19.25 ? 847  GLY A O   1 
ATOM   498 N N   . SER A 1 61 ? 7.682   9.560   10.489  1.00 20.32 ? 848  SER A N   1 
ATOM   499 C CA  . SER A 1 61 ? 7.057   10.312  11.569  1.00 23.76 ? 848  SER A CA  1 
ATOM   500 C C   . SER A 1 61 ? 8.092   11.040  12.422  1.00 29.14 ? 848  SER A C   1 
ATOM   501 O O   . SER A 1 61 ? 7.811   11.358  13.584  1.00 40.81 ? 848  SER A O   1 
ATOM   502 C CB  . SER A 1 61 ? 6.179   9.407   12.441  1.00 24.02 ? 848  SER A CB  1 
ATOM   503 O OG  . SER A 1 61 ? 6.850   8.201   12.766  1.00 31.45 ? 848  SER A OG  1 
ATOM   504 N N   . GLY A 1 62 ? 9.263   11.312  11.877  1.00 33.29 ? 849  GLY A N   1 
ATOM   505 C CA  . GLY A 1 62 ? 10.348  11.933  12.613  1.00 32.20 ? 849  GLY A CA  1 
ATOM   506 C C   . GLY A 1 62 ? 11.653  11.225  12.312  1.00 37.14 ? 849  GLY A C   1 
ATOM   507 O O   . GLY A 1 62 ? 11.689  10.070  11.891  1.00 23.83 ? 849  GLY A O   1 
ATOM   508 N N   . SER A 1 63 ? 12.751  11.939  12.526  1.00 34.39 ? 850  SER A N   1 
ATOM   509 C CA  . SER A 1 63 ? 14.077  11.381  12.297  1.00 39.11 ? 850  SER A CA  1 
ATOM   510 C C   . SER A 1 63 ? 14.924  11.517  13.553  1.00 34.34 ? 850  SER A C   1 
ATOM   511 O O   . SER A 1 63 ? 14.402  11.449  14.666  1.00 37.28 ? 850  SER A O   1 
ATOM   512 C CB  . SER A 1 63 ? 14.754  12.080  11.117  1.00 33.39 ? 850  SER A CB  1 
ATOM   513 O OG  . SER A 1 63 ? 14.536  13.480  11.162  1.00 58.35 ? 850  SER A OG  1 
ATOM   514 N N   . SER A 1 67 ? 13.701  6.350   15.699  1.00 23.18 ? 854  SER A N   1 
ATOM   515 C CA  . SER A 1 67 ? 12.968  6.287   14.439  1.00 19.74 ? 854  SER A CA  1 
ATOM   516 C C   . SER A 1 67 ? 13.534  5.181   13.557  1.00 20.25 ? 854  SER A C   1 
ATOM   517 O O   . SER A 1 67 ? 14.693  4.793   13.705  1.00 23.05 ? 854  SER A O   1 
ATOM   518 C CB  . SER A 1 67 ? 13.027  7.633   13.711  1.00 22.87 ? 854  SER A CB  1 
ATOM   519 O OG  . SER A 1 67 ? 14.356  7.954   13.340  1.00 27.35 ? 854  SER A OG  1 
ATOM   520 N N   . LEU A 1 68 ? 12.716  4.678   12.638  1.00 18.03 ? 315  LEU A N   1 
ATOM   521 C CA  . LEU A 1 68 ? 13.113  3.549   11.809  1.00 15.48 ? 315  LEU A CA  1 
ATOM   522 C C   . LEU A 1 68 ? 13.931  4.010   10.612  1.00 15.10 ? 315  LEU A C   1 
ATOM   523 O O   . LEU A 1 68 ? 13.672  5.066   10.028  1.00 14.72 ? 315  LEU A O   1 
ATOM   524 C CB  . LEU A 1 68 ? 11.878  2.800   11.303  1.00 12.32 ? 315  LEU A CB  1 
ATOM   525 C CG  . LEU A 1 68 ? 10.972  2.139   12.335  1.00 14.99 ? 315  LEU A CG  1 
ATOM   526 C CD1 . LEU A 1 68 ? 9.890   1.328   11.637  1.00 15.52 ? 315  LEU A CD1 1 
ATOM   527 C CD2 . LEU A 1 68 ? 11.782  1.265   13.274  1.00 16.54 ? 315  LEU A CD2 1 
ATOM   528 N N   . SER A 1 69 ? 14.918  3.199   10.247  1.00 11.98 ? 316  SER A N   1 
ATOM   529 C CA  . SER A 1 69 ? 15.626  3.401   8.997   1.00 11.43 ? 316  SER A CA  1 
ATOM   530 C C   . SER A 1 69 ? 14.688  3.130   7.824   1.00 10.98 ? 316  SER A C   1 
ATOM   531 O O   . SER A 1 69 ? 13.624  2.524   7.970   1.00 11.36 ? 316  SER A O   1 
ATOM   532 C CB  . SER A 1 69 ? 16.809  2.442   8.902   1.00 13.01 ? 316  SER A CB  1 
ATOM   533 O OG  . SER A 1 69 ? 16.355  1.097   8.836   1.00 12.80 ? 316  SER A OG  1 
ATOM   534 N N   . LYS A 1 70 ? 15.098  3.595   6.643   1.00 11.62 ? 317  LYS A N   1 
ATOM   535 C CA  . LYS A 1 70 ? 14.318  3.315   5.443   1.00 10.33 ? 317  LYS A CA  1 
ATOM   536 C C   . LYS A 1 70 ? 14.224  1.814   5.185   1.00 10.65 ? 317  LYS A C   1 
ATOM   537 O O   . LYS A 1 70 ? 13.162  1.311   4.800   1.00 11.25 ? 317  LYS A O   1 
ATOM   538 C CB  . LYS A 1 70 ? 14.912  4.050   4.239   1.00 9.77  ? 317  LYS A CB  1 
ATOM   539 C CG  . LYS A 1 70 ? 14.646  5.555   4.220   1.00 12.40 ? 317  LYS A CG  1 
ATOM   540 C CD  . LYS A 1 70 ? 13.159  5.850   4.057   1.00 12.01 ? 317  LYS A CD  1 
ATOM   541 C CE  . LYS A 1 70 ? 12.903  7.266   3.531   1.00 14.55 ? 317  LYS A CE  1 
ATOM   542 N NZ  . LYS A 1 70 ? 13.129  8.345   4.531   1.00 18.82 ? 317  LYS A NZ  1 
ATOM   543 N N   . ALA A 1 71 ? 15.313  1.079   5.423   1.00 11.47 ? 318  ALA A N   1 
ATOM   544 C CA  . ALA A 1 71 ? 15.286  -0.368  5.220   1.00 10.14 ? 318  ALA A CA  1 
ATOM   545 C C   . ALA A 1 71 ? 14.277  -1.041  6.141   1.00 11.27 ? 318  ALA A C   1 
ATOM   546 O O   . ALA A 1 71 ? 13.570  -1.969  5.727   1.00 12.10 ? 318  ALA A O   1 
ATOM   547 C CB  . ALA A 1 71 ? 16.681  -0.960  5.426   1.00 13.60 ? 318  ALA A CB  1 
ATOM   548 N N   . ASP A 1 72 ? 14.195  -0.592  7.393   1.00 10.85 ? 319  ASP A N   1 
ATOM   549 C CA  . ASP A 1 72 ? 13.247  -1.197  8.322   1.00 9.59  ? 319  ASP A CA  1 
ATOM   550 C C   . ASP A 1 72 ? 11.818  -0.741  8.067   1.00 10.06 ? 319  ASP A C   1 
ATOM   551 O O   . ASP A 1 72 ? 10.877  -1.492  8.346   1.00 10.31 ? 319  ASP A O   1 
ATOM   552 C CB  . ASP A 1 72 ? 13.676  -0.946  9.766   1.00 9.70  ? 319  ASP A CB  1 
ATOM   553 C CG  . ASP A 1 72 ? 14.877  -1.791  10.166  1.00 10.41 ? 319  ASP A CG  1 
ATOM   554 O OD1 . ASP A 1 72 ? 15.247  -2.700  9.394   1.00 14.09 ? 319  ASP A OD1 1 
ATOM   555 O OD2 . ASP A 1 72 ? 15.447  -1.540  11.243  1.00 13.98 ? 319  ASP A OD2 1 
ATOM   556 N N   . LYS A 1 73 ? 11.633  0.474   7.549   1.00 9.01  ? 320  LYS A N   1 
ATOM   557 C CA  . LYS A 1 73 ? 10.306  0.881   7.101   1.00 7.46  ? 320  LYS A CA  1 
ATOM   558 C C   . LYS A 1 73 ? 9.846   0.026   5.929   1.00 9.04  ? 320  LYS A C   1 
ATOM   559 O O   . LYS A 1 73 ? 8.674   -0.369  5.856   1.00 8.75  ? 320  LYS A O   1 
ATOM   560 C CB  . LYS A 1 73 ? 10.317  2.357   6.705   1.00 10.44 ? 320  LYS A CB  1 
ATOM   561 C CG  . LYS A 1 73 ? 10.424  3.313   7.883   1.00 10.31 ? 320  LYS A CG  1 
ATOM   562 C CD  . LYS A 1 73 ? 10.651  4.745   7.425   1.00 9.54  ? 320  LYS A CD  1 
ATOM   563 C CE  . LYS A 1 73 ? 10.620  5.693   8.608   1.00 12.11 ? 320  LYS A CE  1 
ATOM   564 N NZ  . LYS A 1 73 ? 11.047  7.069   8.230   1.00 13.54 ? 320  LYS A NZ  1 
ATOM   565 N N   . ARG A 1 74 ? 10.755  -0.257  4.995   1.00 9.52  ? 321  ARG A N   1 
ATOM   566 C CA  . ARG A 1 74 ? 10.418  -1.089  3.847   1.00 9.17  ? 321  ARG A CA  1 
ATOM   567 C C   . ARG A 1 74 ? 10.020  -2.489  4.289   1.00 9.79  ? 321  ARG A C   1 
ATOM   568 O O   . ARG A 1 74 ? 9.001   -3.028  3.842   1.00 10.51 ? 321  ARG A O   1 
ATOM   569 C CB  . ARG A 1 74 ? 11.615  -1.148  2.897   1.00 8.68  ? 321  ARG A CB  1 
ATOM   570 C CG  . ARG A 1 74 ? 11.375  -1.951  1.637   1.00 9.36  ? 321  ARG A CG  1 
ATOM   571 C CD  . ARG A 1 74 ? 12.643  -2.041  0.798   1.00 8.27  ? 321  ARG A CD  1 
ATOM   572 N NE  . ARG A 1 74 ? 13.137  -0.731  0.376   1.00 9.40  ? 321  ARG A NE  1 
ATOM   573 C CZ  . ARG A 1 74 ? 12.739  -0.100  -0.725  1.00 10.53 ? 321  ARG A CZ  1 
ATOM   574 N NH1 . ARG A 1 74 ? 11.827  -0.644  -1.522  1.00 10.99 ? 321  ARG A NH1 1 
ATOM   575 N NH2 . ARG A 1 74 ? 13.251  1.085   -1.030  1.00 11.00 ? 321  ARG A NH2 1 
ATOM   576 N N   . SER A 1 75 ? 10.819  -3.099  5.168   1.00 10.05 ? 322  SER A N   1 
ATOM   577 C CA  . SER A 1 75 ? 10.502  -4.442  5.641   1.00 7.71  ? 322  SER A CA  1 
ATOM   578 C C   . SER A 1 75 ? 9.169   -4.468  6.370   1.00 9.62  ? 322  SER A C   1 
ATOM   579 O O   . SER A 1 75 ? 8.385   -5.412  6.212   1.00 11.25 ? 322  SER A O   1 
ATOM   580 C CB  . SER A 1 75 ? 11.611  -4.956  6.554   1.00 11.24 ? 322  SER A CB  1 
ATOM   581 O OG  . SER A 1 75 ? 12.797  -5.201  5.821   1.00 13.18 ? 322  SER A OG  1 
ATOM   582 N N   . LEU A 1 76 ? 8.897   -3.441  7.177   1.00 9.76  ? 323  LEU A N   1 
ATOM   583 C CA  . LEU A 1 76 ? 7.628   -3.392  7.895   1.00 7.88  ? 323  LEU A CA  1 
ATOM   584 C C   . LEU A 1 76 ? 6.457   -3.237  6.932   1.00 9.00  ? 323  LEU A C   1 
ATOM   585 O O   . LEU A 1 76 ? 5.407   -3.866  7.115   1.00 10.24 ? 323  LEU A O   1 
ATOM   586 C CB  . LEU A 1 76 ? 7.648   -2.253  8.913   1.00 9.05  ? 323  LEU A CB  1 
ATOM   587 C CG  . LEU A 1 76 ? 6.376   -2.043  9.741   1.00 10.47 ? 323  LEU A CG  1 
ATOM   588 C CD1 . LEU A 1 76 ? 6.005   -3.301  10.519  1.00 10.95 ? 323  LEU A CD1 1 
ATOM   589 C CD2 . LEU A 1 76 ? 6.543   -0.860  10.683  1.00 12.50 ? 323  LEU A CD2 1 
ATOM   590 N N   . ALA A 1 77 ? 6.624   -2.410  5.897   1.00 9.73  ? 324  ALA A N   1 
ATOM   591 C CA  . ALA A 1 77 ? 5.555   -2.197  4.926   1.00 9.03  ? 324  ALA A CA  1 
ATOM   592 C C   . ALA A 1 77 ? 5.224   -3.485  4.184   1.00 10.34 ? 324  ALA A C   1 
ATOM   593 O O   . ALA A 1 77 ? 4.051   -3.834  4.005   1.00 10.10 ? 324  ALA A O   1 
ATOM   594 C CB  . ALA A 1 77 ? 5.980   -1.115  3.932   1.00 9.59  ? 324  ALA A CB  1 
ATOM   595 N N   . VAL A 1 78 ? 6.256   -4.188  3.720   1.00 10.46 ? 325  VAL A N   1 
ATOM   596 C CA  . VAL A 1 78 ? 6.051   -5.462  3.038   1.00 8.70  ? 325  VAL A CA  1 
ATOM   597 C C   . VAL A 1 78 ? 5.367   -6.456  3.964   1.00 9.88  ? 325  VAL A C   1 
ATOM   598 O O   . VAL A 1 78 ? 4.424   -7.153  3.568   1.00 9.20  ? 325  VAL A O   1 
ATOM   599 C CB  . VAL A 1 78 ? 7.397   -5.994  2.512   1.00 9.15  ? 325  VAL A CB  1 
ATOM   600 C CG1 . VAL A 1 78 ? 7.262   -7.441  2.041   1.00 12.09 ? 325  VAL A CG1 1 
ATOM   601 C CG2 . VAL A 1 78 ? 7.913   -5.103  1.391   1.00 12.71 ? 325  VAL A CG2 1 
ATOM   602 N N   . ALA A 1 79 ? 5.821   -6.525  5.219   1.00 8.94  ? 326  ALA A N   1 
ATOM   603 C CA  . ALA A 1 79 ? 5.250   -7.479  6.165   1.00 9.64  ? 326  ALA A CA  1 
ATOM   604 C C   . ALA A 1 79 ? 3.782   -7.178  6.442   1.00 7.79  ? 326  ALA A C   1 
ATOM   605 O O   . ALA A 1 79 ? 2.961   -8.099  6.544   1.00 9.55  ? 326  ALA A O   1 
ATOM   606 C CB  . ALA A 1 79 ? 6.050   -7.459  7.465   1.00 12.40 ? 326  ALA A CB  1 
ATOM   607 N N   . ARG A 1 80 ? 3.438   -5.897  6.584   1.00 8.38  ? 327  ARG A N   1 
ATOM   608 C CA  . ARG A 1 80 ? 2.044   -5.533  6.808   1.00 7.61  ? 327  ARG A CA  1 
ATOM   609 C C   . ARG A 1 80 ? 1.189   -5.880  5.598   1.00 8.83  ? 327  ARG A C   1 
ATOM   610 O O   . ARG A 1 80 ? 0.089   -6.432  5.744   1.00 9.73  ? 327  ARG A O   1 
ATOM   611 C CB  . ARG A 1 80 ? 1.935   -4.042  7.140   1.00 8.51  ? 327  ARG A CB  1 
ATOM   612 C CG  . ARG A 1 80 ? 2.408   -3.695  8.539   1.00 9.00  ? 327  ARG A CG  1 
ATOM   613 C CD  . ARG A 1 80 ? 2.611   -2.198  8.732   1.00 9.99  ? 327  ARG A CD  1 
ATOM   614 N NE  . ARG A 1 80 ? 1.393   -1.418  8.523   1.00 10.87 ? 327  ARG A NE  1 
ATOM   615 C CZ  . ARG A 1 80 ? 0.567   -1.040  9.495   1.00 12.89 ? 327  ARG A CZ  1 
ATOM   616 N NH1 . ARG A 1 80 ? 0.815   -1.378  10.755  1.00 13.97 ? 327  ARG A NH1 1 
ATOM   617 N NH2 . ARG A 1 80 ? -0.506  -0.317  9.209   1.00 12.18 ? 327  ARG A NH2 1 
ATOM   618 N N   . ALA A 1 81 ? 1.678   -5.571  4.396   1.00 8.49  ? 328  ALA A N   1 
ATOM   619 C CA  . ALA A 1 81 ? 0.926   -5.898  3.190   1.00 8.54  ? 328  ALA A CA  1 
ATOM   620 C C   . ALA A 1 81 ? 0.745   -7.403  3.049   1.00 9.43  ? 328  ALA A C   1 
ATOM   621 O O   . ALA A 1 81 ? -0.340  -7.875  2.692   1.00 10.42 ? 328  ALA A O   1 
ATOM   622 C CB  . ALA A 1 81 ? 1.634   -5.316  1.965   1.00 8.73  ? 328  ALA A CB  1 
ATOM   623 N N   . GLU A 1 82 ? 1.797   -8.174  3.335   1.00 8.98  ? 329  GLU A N   1 
ATOM   624 C CA  . GLU A 1 82 ? 1.696   -9.626  3.226   1.00 9.24  ? 329  GLU A CA  1 
ATOM   625 C C   . GLU A 1 82 ? 0.742   -10.205 4.264   1.00 10.34 ? 329  GLU A C   1 
ATOM   626 O O   . GLU A 1 82 ? 0.019   -11.167 3.978   1.00 10.61 ? 329  GLU A O   1 
ATOM   627 C CB  . GLU A 1 82 ? 3.082   -10.262 3.327   1.00 9.88  ? 329  GLU A CB  1 
ATOM   628 C CG  . GLU A 1 82 ? 3.932   -10.049 2.088   1.00 12.26 ? 329  GLU A CG  1 
ATOM   629 C CD  . GLU A 1 82 ? 5.345   -10.565 2.248   1.00 13.78 ? 329  GLU A CD  1 
ATOM   630 O OE1 . GLU A 1 82 ? 5.775   -10.761 3.405   1.00 13.45 ? 329  GLU A OE1 1 
ATOM   631 O OE2 . GLU A 1 82 ? 6.022   -10.775 1.219   1.00 15.39 ? 329  GLU A OE2 1 
ATOM   632 N N   . LEU A 1 83 ? 0.720   -9.638  5.476   1.00 9.17  ? 330  LEU A N   1 
ATOM   633 C CA  . LEU A 1 83 ? -0.206  -10.140 6.490   1.00 8.81  ? 330  LEU A CA  1 
ATOM   634 C C   . LEU A 1 83 ? -1.653  -9.865  6.103   1.00 10.43 ? 330  LEU A C   1 
ATOM   635 O O   . LEU A 1 83 ? -2.525  -10.719 6.300   1.00 12.35 ? 330  LEU A O   1 
ATOM   636 C CB  . LEU A 1 83 ? 0.107   -9.540  7.863   1.00 10.28 ? 330  LEU A CB  1 
ATOM   637 C CG  . LEU A 1 83 ? -0.690  -10.149 9.022   1.00 9.21  ? 330  LEU A CG  1 
ATOM   638 C CD1 . LEU A 1 83 ? -0.166  -11.542 9.361   1.00 13.42 ? 330  LEU A CD1 1 
ATOM   639 C CD2 . LEU A 1 83 ? -0.664  -9.247  10.246  1.00 10.73 ? 330  LEU A CD2 1 
ATOM   640 N N   . VAL A 1 84 ? -1.927  -8.678  5.555   1.00 10.16 ? 331  VAL A N   1 
ATOM   641 C CA  . VAL A 1 84 ? -3.290  -8.364  5.135   1.00 8.94  ? 331  VAL A CA  1 
ATOM   642 C C   . VAL A 1 84 ? -3.726  -9.288  4.007   1.00 11.18 ? 331  VAL A C   1 
ATOM   643 O O   . VAL A 1 84 ? -4.874  -9.745  3.969   1.00 11.04 ? 331  VAL A O   1 
ATOM   644 C CB  . VAL A 1 84 ? -3.415  -6.875  4.761   1.00 9.40  ? 331  VAL A CB  1 
ATOM   645 C CG1 . VAL A 1 84 ? -4.751  -6.600  4.082   1.00 10.14 ? 331  VAL A CG1 1 
ATOM   646 C CG2 . VAL A 1 84 ? -3.270  -6.014  6.001   1.00 11.24 ? 331  VAL A CG2 1 
ATOM   647 N N   . LEU A 1 85 ? -2.817  -9.583  3.071   1.00 11.61 ? 332  LEU A N   1 
ATOM   648 C CA  . LEU A 1 85 ? -3.139  -10.529 2.008   1.00 11.60 ? 332  LEU A CA  1 
ATOM   649 C C   . LEU A 1 85 ? -3.496  -11.898 2.577   1.00 15.39 ? 332  LEU A C   1 
ATOM   650 O O   . LEU A 1 85 ? -4.436  -12.550 2.104   1.00 14.14 ? 332  LEU A O   1 
ATOM   651 C CB  . LEU A 1 85 ? -1.981  -10.629 1.015   1.00 11.00 ? 332  LEU A CB  1 
ATOM   652 C CG  . LEU A 1 85 ? -1.797  -9.431  0.078   1.00 11.17 ? 332  LEU A CG  1 
ATOM   653 C CD1 . LEU A 1 85 ? -0.556  -9.605  -0.763  1.00 13.55 ? 332  LEU A CD1 1 
ATOM   654 C CD2 . LEU A 1 85 ? -3.014  -9.272  -0.817  1.00 12.41 ? 332  LEU A CD2 1 
ATOM   655 N N   . GLU A 1 86 ? -2.763  -12.344 3.601   1.00 12.09 ? 333  GLU A N   1 
ATOM   656 C CA  . GLU A 1 86 ? -3.095  -13.606 4.254   1.00 15.01 ? 333  GLU A CA  1 
ATOM   657 C C   . GLU A 1 86 ? -4.461  -13.534 4.922   1.00 15.35 ? 333  GLU A C   1 
ATOM   658 O O   . GLU A 1 86 ? -5.247  -14.487 4.852   1.00 15.21 ? 333  GLU A O   1 
ATOM   659 C CB  . GLU A 1 86 ? -2.025  -13.964 5.285   1.00 15.53 ? 333  GLU A CB  1 
ATOM   660 C CG  . GLU A 1 86 ? -0.706  -14.428 4.695   1.00 20.48 ? 333  GLU A CG  1 
ATOM   661 C CD  . GLU A 1 86 ? 0.347   -14.683 5.759   1.00 26.61 ? 333  GLU A CD  1 
ATOM   662 O OE1 . GLU A 1 86 ? 0.120   -14.311 6.931   1.00 20.89 ? 333  GLU A OE1 1 
ATOM   663 O OE2 . GLU A 1 86 ? 1.404   -15.257 5.421   1.00 31.38 ? 333  GLU A OE2 1 
ATOM   664 N N   . GLN A 1 87 ? -4.757  -12.411 5.580   1.00 11.21 ? 334  GLN A N   1 
ATOM   665 C CA  . GLN A 1 87 ? -6.056  -12.242 6.222   1.00 13.25 ? 334  GLN A CA  1 
ATOM   666 C C   . GLN A 1 87 ? -7.183  -12.267 5.199   1.00 19.77 ? 334  GLN A C   1 
ATOM   667 O O   . GLN A 1 87 ? -8.247  -12.848 5.452   1.00 19.31 ? 334  GLN A O   1 
ATOM   668 C CB  . GLN A 1 87 ? -6.075  -10.936 7.014   1.00 13.05 ? 334  GLN A CB  1 
ATOM   669 C CG  . GLN A 1 87 ? -5.112  -10.914 8.189   1.00 12.96 ? 334  GLN A CG  1 
ATOM   670 C CD  . GLN A 1 87 ? -4.935  -9.531  8.776   1.00 12.54 ? 334  GLN A CD  1 
ATOM   671 O OE1 . GLN A 1 87 ? -5.415  -8.541  8.222   1.00 16.37 ? 334  GLN A OE1 1 
ATOM   672 N NE2 . GLN A 1 87 ? -4.238  -9.453  9.904   1.00 14.16 ? 334  GLN A NE2 1 
ATOM   673 N N   . ILE A 1 88 ? -6.972  -11.637 4.041   1.00 14.03 ? 335  ILE A N   1 
ATOM   674 C CA  . ILE A 1 88 ? -7.996  -11.627 2.996   1.00 15.78 ? 335  ILE A CA  1 
ATOM   675 C C   . ILE A 1 88 ? -8.281  -13.044 2.523   1.00 20.62 ? 335  ILE A C   1 
ATOM   676 O O   . ILE A 1 88 ? -9.441  -13.451 2.378   1.00 24.68 ? 335  ILE A O   1 
ATOM   677 C CB  . ILE A 1 88 ? -7.575  -10.701 1.840   1.00 18.74 ? 335  ILE A CB  1 
ATOM   678 C CG1 . ILE A 1 88 ? -7.592  -9.240  2.299   1.00 14.66 ? 335  ILE A CG1 1 
ATOM   679 C CG2 . ILE A 1 88 ? -8.468  -10.910 0.623   1.00 22.96 ? 335  ILE A CG2 1 
ATOM   680 C CD1 . ILE A 1 88 ? -6.980  -8.276  1.300   1.00 13.80 ? 335  ILE A CD1 1 
ATOM   681 N N   . GLN A 1 89 ? -7.226  -13.826 2.293   1.00 18.93 ? 336  GLN A N   1 
ATOM   682 C CA  . GLN A 1 89 ? -7.403  -15.220 1.904   1.00 26.62 ? 336  GLN A CA  1 
ATOM   683 C C   . GLN A 1 89 ? -8.102  -16.012 3.003   1.00 28.84 ? 336  GLN A C   1 
ATOM   684 O O   . GLN A 1 89 ? -9.005  -16.813 2.731   1.00 30.38 ? 336  GLN A O   1 
ATOM   685 C CB  . GLN A 1 89 ? -6.046  -15.838 1.569   1.00 28.43 ? 336  GLN A CB  1 
ATOM   686 C CG  . GLN A 1 89 ? -6.139  -17.191 0.896   1.00 30.33 ? 336  GLN A CG  1 
ATOM   687 C CD  . GLN A 1 89 ? -7.022  -17.155 -0.334  1.00 45.37 ? 336  GLN A CD  1 
ATOM   688 O OE1 . GLN A 1 89 ? -6.682  -16.533 -1.339  1.00 43.40 ? 336  GLN A OE1 1 
ATOM   689 N NE2 . GLN A 1 89 ? -8.172  -17.816 -0.255  1.00 44.97 ? 336  GLN A NE2 1 
ATOM   690 N N   . GLN A 1 90 ? -7.704  -15.793 4.258   1.00 19.26 ? 337  GLN A N   1 
ATOM   691 C CA  . GLN A 1 90 ? -8.307  -16.530 5.365   1.00 28.43 ? 337  GLN A CA  1 
ATOM   692 C C   . GLN A 1 90 ? -9.781  -16.176 5.534   1.00 29.15 ? 337  GLN A C   1 
ATOM   693 O O   . GLN A 1 90 ? -10.596 -17.040 5.879   1.00 27.22 ? 337  GLN A O   1 
ATOM   694 C CB  . GLN A 1 90 ? -7.523  -16.281 6.653   1.00 22.50 ? 337  GLN A CB  1 
ATOM   695 C CG  . GLN A 1 90 ? -6.143  -16.919 6.652   1.00 23.25 ? 337  GLN A CG  1 
ATOM   696 C CD  . GLN A 1 90 ? -5.177  -16.228 7.596   1.00 25.57 ? 337  GLN A CD  1 
ATOM   697 O OE1 . GLN A 1 90 ? -5.577  -15.416 8.430   1.00 29.40 ? 337  GLN A OE1 1 
ATOM   698 N NE2 . GLN A 1 90 ? -3.896  -16.541 7.462   1.00 26.16 ? 337  GLN A NE2 1 
ATOM   699 N N   . LYS A 1 91 ? -10.143 -14.915 5.295   1.00 23.42 ? 338  LYS A N   1 
ATOM   700 C CA  . LYS A 1 91 ? -11.549 -14.534 5.375   1.00 28.70 ? 338  LYS A CA  1 
ATOM   701 C C   . LYS A 1 91 ? -12.358 -15.161 4.246   1.00 35.88 ? 338  LYS A C   1 
ATOM   702 O O   . LYS A 1 91 ? -13.491 -15.609 4.461   1.00 30.49 ? 338  LYS A O   1 
ATOM   703 C CB  . LYS A 1 91 ? -11.688 -13.011 5.379   1.00 27.69 ? 338  LYS A CB  1 
ATOM   704 C CG  . LYS A 1 91 ? -13.111 -12.517 5.169   1.00 40.45 ? 338  LYS A CG  1 
ATOM   705 C CD  . LYS A 1 91 ? -13.257 -11.067 5.595   1.00 45.37 ? 338  LYS A CD  1 
ATOM   706 C CE  . LYS A 1 91 ? -14.266 -10.940 6.724   1.00 47.03 ? 338  LYS A CE  1 
ATOM   707 N NZ  . LYS A 1 91 ? -14.169 -9.629  7.423   1.00 56.38 ? 338  LYS A NZ  1 
ATOM   708 N N   . ALA A 1 92 ? -11.790 -15.207 3.038   1.00 30.58 ? 339  ALA A N   1 
ATOM   709 C CA  . ALA A 1 92 ? -12.464 -15.873 1.928   1.00 36.48 ? 339  ALA A CA  1 
ATOM   710 C C   . ALA A 1 92 ? -12.714 -17.343 2.234   1.00 39.57 ? 339  ALA A C   1 
ATOM   711 O O   . ALA A 1 92 ? -13.764 -17.891 1.874   1.00 43.00 ? 339  ALA A O   1 
ATOM   712 C CB  . ALA A 1 92 ? -11.635 -15.732 0.651   1.00 32.72 ? 339  ALA A CB  1 
ATOM   713 N N   . ASN A 1 93 ? -11.764 -18.000 2.905   1.00 27.62 ? 340  ASN A N   1 
ATOM   714 C CA  . ASN A 1 93 ? -11.898 -19.432 3.152   1.00 30.04 ? 340  ASN A CA  1 
ATOM   715 C C   . ASN A 1 93 ? -12.971 -19.740 4.189   1.00 39.69 ? 340  ASN A C   1 
ATOM   716 O O   . ASN A 1 93 ? -13.599 -20.802 4.126   1.00 46.70 ? 340  ASN A O   1 
ATOM   717 C CB  . ASN A 1 93 ? -10.554 -20.038 3.558   1.00 40.66 ? 340  ASN A CB  1 
ATOM   718 C CG  . ASN A 1 93 ? -9.548  -20.036 2.424   1.00 34.41 ? 340  ASN A CG  1 
ATOM   719 O OD1 . ASN A 1 93 ? -9.904  -19.841 1.261   1.00 40.71 ? 340  ASN A OD1 1 
ATOM   720 N ND2 . ASN A 1 93 ? -8.282  -20.262 2.755   1.00 46.61 ? 340  ASN A ND2 1 
ATOM   721 N N   . LYS A 1 94 ? -13.195 -18.842 5.141   1.00 40.29 ? 341  LYS A N   1 
ATOM   722 C CA  . LYS A 1 94 ? -14.243 -19.049 6.137   1.00 39.51 ? 341  LYS A CA  1 
ATOM   723 C C   . LYS A 1 94 ? -15.624 -18.908 5.504   1.00 42.78 ? 341  LYS A C   1 
ATOM   724 O O   . LYS A 1 94 ? -16.602 -19.474 5.994   1.00 41.34 ? 341  LYS A O   1 
ATOM   725 C CB  . LYS A 1 94 ? -14.095 -18.070 7.305   1.00 41.42 ? 341  LYS A CB  1 
ATOM   726 C CG  . LYS A 1 94 ? -13.117 -18.522 8.380   1.00 39.37 ? 341  LYS A CG  1 
ATOM   727 C CD  . LYS A 1 94 ? -12.960 -17.454 9.454   1.00 47.36 ? 341  LYS A CD  1 
ATOM   728 C CE  . LYS A 1 94 ? -11.986 -17.885 10.542  1.00 41.33 ? 341  LYS A CE  1 
ATOM   729 N NZ  . LYS A 1 94 ? -11.778 -16.800 11.543  1.00 35.59 ? 341  LYS A NZ  1 
HETATM 730 C C1  . GOL B 2 .  ? -2.843  -2.746  8.424   1.00 21.25 ? 1000 GOL A C1  1 
HETATM 731 O O1  . GOL B 2 .  ? -4.020  -2.052  8.658   1.00 38.02 ? 1000 GOL A O1  1 
HETATM 732 C C2  . GOL B 2 .  ? -2.607  -3.646  9.655   1.00 23.53 ? 1000 GOL A C2  1 
HETATM 733 O O2  . GOL B 2 .  ? -3.776  -4.274  10.078  1.00 32.37 ? 1000 GOL A O2  1 
HETATM 734 C C3  . GOL B 2 .  ? -1.543  -4.656  9.189   1.00 18.17 ? 1000 GOL A C3  1 
HETATM 735 O O3  . GOL B 2 .  ? -1.348  -5.537  10.238  1.00 20.75 ? 1000 GOL A O3  1 
HETATM 736 O O   . HOH C 3 .  ? 15.130  10.314  16.180  1.00 38.33 ? 1101 HOH A O   1 
HETATM 737 O O   . HOH C 3 .  ? -10.151 -3.777  -13.870 1.00 25.93 ? 1102 HOH A O   1 
HETATM 738 O O   . HOH C 3 .  ? -7.216  -14.333 9.527   1.00 28.99 ? 1103 HOH A O   1 
HETATM 739 O O   . HOH C 3 .  ? 2.752   -14.003 4.060   1.00 30.69 ? 1104 HOH A O   1 
HETATM 740 O O   . HOH C 3 .  ? -0.599  12.214  2.509   1.00 38.20 ? 1105 HOH A O   1 
HETATM 741 O O   . HOH C 3 .  ? -1.450  -15.336 8.571   1.00 27.96 ? 1106 HOH A O   1 
HETATM 742 O O   . HOH C 3 .  ? -12.213 -4.277  -6.900  1.00 39.27 ? 1107 HOH A O   1 
HETATM 743 O O   . HOH C 3 .  ? 14.079  7.655   10.834  1.00 32.08 ? 1108 HOH A O   1 
HETATM 744 O O   . HOH C 3 .  ? 6.779   -0.166  -11.799 1.00 33.58 ? 1109 HOH A O   1 
HETATM 745 O O   . HOH C 3 .  ? -6.631  3.086   -13.240 1.00 31.49 ? 1110 HOH A O   1 
HETATM 746 O O   . HOH C 3 .  ? -10.871 -17.997 13.640  1.00 28.54 ? 1111 HOH A O   1 
HETATM 747 O O   . HOH C 3 .  ? -13.191 11.923  1.331   1.00 11.52 ? 1112 HOH A O   1 
HETATM 748 O O   . HOH C 3 .  ? -5.357  6.119   7.666   1.00 32.74 ? 1113 HOH A O   1 
HETATM 749 O O   . HOH C 3 .  ? -17.456 12.357  -3.649  1.00 17.40 ? 1114 HOH A O   1 
HETATM 750 O O   . HOH C 3 .  ? 2.801   5.463   -11.909 1.00 30.45 ? 1115 HOH A O   1 
HETATM 751 O O   . HOH C 3 .  ? -17.507 12.434  -6.919  1.00 27.30 ? 1116 HOH A O   1 
HETATM 752 O O   . HOH C 3 .  ? 14.783  -7.778  -8.134  1.00 25.75 ? 1117 HOH A O   1 
HETATM 753 O O   . HOH C 3 .  ? -3.059  10.937  2.633   1.00 28.75 ? 1118 HOH A O   1 
HETATM 754 O O   . HOH C 3 .  ? -2.832  6.569   10.210  1.00 38.02 ? 1119 HOH A O   1 
HETATM 755 O O   . HOH C 3 .  ? -7.461  11.437  -1.808  1.00 19.80 ? 1120 HOH A O   1 
HETATM 756 O O   . HOH C 3 .  ? -12.704 -0.922  -6.493  1.00 31.17 ? 1121 HOH A O   1 
HETATM 757 O O   . HOH C 3 .  ? 3.638   9.539   8.204   1.00 37.67 ? 1122 HOH A O   1 
HETATM 758 O O   . HOH C 3 .  ? 9.379   9.630   2.542   1.00 10.87 ? 1123 HOH A O   1 
HETATM 759 O O   . HOH C 3 .  ? -9.018  -8.839  -5.729  1.00 23.69 ? 1124 HOH A O   1 
HETATM 760 O O   . HOH C 3 .  ? 13.342  -3.283  -12.125 1.00 39.80 ? 1125 HOH A O   1 
HETATM 761 O O   . HOH C 3 .  ? -11.607 -12.053 1.654   1.00 30.61 ? 1126 HOH A O   1 
HETATM 762 O O   . HOH C 3 .  ? -4.661  -12.532 -0.807  1.00 24.08 ? 1127 HOH A O   1 
HETATM 763 O O   . HOH C 3 .  ? 17.754  2.048   2.648   1.00 27.42 ? 1128 HOH A O   1 
HETATM 764 O O   . HOH C 3 .  ? -11.017 -3.411  -10.140 1.00 35.22 ? 1129 HOH A O   1 
HETATM 765 O O   . HOH C 3 .  ? 7.567   -10.045 5.270   1.00 12.03 ? 1130 HOH A O   1 
HETATM 766 O O   . HOH C 3 .  ? -10.109 13.293  -4.173  1.00 39.61 ? 1131 HOH A O   1 
HETATM 767 O O   . HOH C 3 .  ? -5.727  -5.962  8.910   1.00 24.43 ? 1132 HOH A O   1 
HETATM 768 O O   . HOH C 3 .  ? -13.171 13.958  -2.350  1.00 21.37 ? 1133 HOH A O   1 
HETATM 769 O O   . HOH C 3 .  ? 18.599  -0.391  8.795   1.00 17.98 ? 1134 HOH A O   1 
HETATM 770 O O   . HOH C 3 .  ? 10.581  8.188   5.825   1.00 12.05 ? 1135 HOH A O   1 
HETATM 771 O O   . HOH C 3 .  ? 18.661  5.236   -0.500  1.00 14.87 ? 1136 HOH A O   1 
HETATM 772 O O   . HOH C 3 .  ? 14.149  -8.487  -4.652  1.00 31.19 ? 1137 HOH A O   1 
HETATM 773 O O   . HOH C 3 .  ? 10.163  8.116   10.778  1.00 16.51 ? 1138 HOH A O   1 
HETATM 774 O O   . HOH C 3 .  ? -4.788  -5.384  -11.550 1.00 20.73 ? 1139 HOH A O   1 
HETATM 775 O O   . HOH C 3 .  ? -1.194  7.058   -11.592 1.00 19.28 ? 1140 HOH A O   1 
HETATM 776 O O   . HOH C 3 .  ? 5.260   -13.250 4.384   1.00 18.48 ? 1141 HOH A O   1 
HETATM 777 O O   . HOH C 3 .  ? 0.625   3.167   8.029   1.00 16.44 ? 1142 HOH A O   1 
HETATM 778 O O   . HOH C 3 .  ? 14.624  -3.635  3.839   1.00 23.90 ? 1143 HOH A O   1 
HETATM 779 O O   . HOH C 3 .  ? 1.287   9.781   -8.110  1.00 15.20 ? 1144 HOH A O   1 
HETATM 780 O O   . HOH C 3 .  ? -6.574  8.943   -7.626  1.00 28.62 ? 1145 HOH A O   1 
HETATM 781 O O   . HOH C 3 .  ? -0.488  4.449   -12.022 1.00 16.14 ? 1146 HOH A O   1 
HETATM 782 O O   . HOH C 3 .  ? 2.919   -9.879  -5.337  1.00 16.94 ? 1147 HOH A O   1 
HETATM 783 O O   . HOH C 3 .  ? -7.449  0.147   -2.173  1.00 18.84 ? 1148 HOH A O   1 
HETATM 784 O O   . HOH C 3 .  ? 7.417   3.174   -8.891  1.00 15.59 ? 1149 HOH A O   1 
HETATM 785 O O   . HOH C 3 .  ? -1.517  -7.076  -8.598  1.00 16.05 ? 1150 HOH A O   1 
HETATM 786 O O   . HOH C 3 .  ? 4.671   -12.153 -0.767  1.00 30.47 ? 1151 HOH A O   1 
HETATM 787 O O   . HOH C 3 .  ? -13.493 -0.422  3.658   1.00 13.27 ? 1152 HOH A O   1 
HETATM 788 O O   . HOH C 3 .  ? -6.243  -0.013  5.860   1.00 14.81 ? 1153 HOH A O   1 
HETATM 789 O O   . HOH C 3 .  ? 0.536   -3.636  -14.002 1.00 31.73 ? 1154 HOH A O   1 
HETATM 790 O O   . HOH C 3 .  ? -13.327 9.292   2.082   1.00 10.52 ? 1155 HOH A O   1 
HETATM 791 O O   . HOH C 3 .  ? 14.558  -4.594  -11.565 1.00 40.94 ? 1156 HOH A O   1 
HETATM 792 O O   . HOH C 3 .  ? 18.217  5.282   2.912   1.00 27.35 ? 1157 HOH A O   1 
HETATM 793 O O   . HOH C 3 .  ? 8.168   -12.466 1.774   1.00 24.88 ? 1158 HOH A O   1 
HETATM 794 O O   . HOH C 3 .  ? -15.653 5.888   -6.720  1.00 20.41 ? 1159 HOH A O   1 
HETATM 795 O O   . HOH C 3 .  ? 15.897  1.110   12.002  1.00 17.46 ? 1160 HOH A O   1 
HETATM 796 O O   . HOH C 3 .  ? -8.210  5.724   -12.123 1.00 36.28 ? 1161 HOH A O   1 
HETATM 797 O O   . HOH C 3 .  ? -7.698  -7.836  6.764   1.00 27.13 ? 1162 HOH A O   1 
HETATM 798 O O   . HOH C 3 .  ? 0.873   -13.000 2.041   1.00 19.01 ? 1163 HOH A O   1 
HETATM 799 O O   . HOH C 3 .  ? -10.194 -9.158  -2.166  1.00 31.90 ? 1164 HOH A O   1 
HETATM 800 O O   . HOH C 3 .  ? 9.274   -7.871  5.198   1.00 12.69 ? 1165 HOH A O   1 
HETATM 801 O O   . HOH C 3 .  ? 6.712   3.827   5.937   1.00 12.82 ? 1166 HOH A O   1 
HETATM 802 O O   . HOH C 3 .  ? -3.169  9.298   -2.952  1.00 17.68 ? 1167 HOH A O   1 
HETATM 803 O O   . HOH C 3 .  ? 2.654   -17.256 6.956   1.00 16.93 ? 1168 HOH A O   1 
HETATM 804 O O   . HOH C 3 .  ? 1.629   11.258  1.980   1.00 18.10 ? 1169 HOH A O   1 
HETATM 805 O O   . HOH C 3 .  ? 6.851   1.353   7.147   1.00 12.99 ? 1170 HOH A O   1 
HETATM 806 O O   . HOH C 3 .  ? 1.670   6.882   4.692   1.00 17.62 ? 1171 HOH A O   1 
HETATM 807 O O   . HOH C 3 .  ? 7.987   -9.753  -0.533  1.00 19.91 ? 1172 HOH A O   1 
HETATM 808 O O   . HOH C 3 .  ? -16.993 15.469  -1.896  1.00 20.04 ? 1173 HOH A O   1 
HETATM 809 O O   . HOH C 3 .  ? -4.824  10.367  -6.162  1.00 16.74 ? 1174 HOH A O   1 
HETATM 810 O O   . HOH C 3 .  ? 11.876  -1.521  -4.430  1.00 11.54 ? 1175 HOH A O   1 
HETATM 811 O O   . HOH C 3 .  ? -10.064 -0.732  -3.007  1.00 21.32 ? 1176 HOH A O   1 
HETATM 812 O O   . HOH C 3 .  ? 8.633   -7.501  -1.994  1.00 14.52 ? 1177 HOH A O   1 
HETATM 813 O O   . HOH C 3 .  ? 7.905   -8.461  -12.563 1.00 38.62 ? 1178 HOH A O   1 
HETATM 814 O O   . HOH C 3 .  ? 3.631   -11.113 -9.805  1.00 35.74 ? 1179 HOH A O   1 
HETATM 815 O O   . HOH C 3 .  ? -3.277  -7.102  11.629  1.00 16.28 ? 1180 HOH A O   1 
HETATM 816 O O   . HOH C 3 .  ? 4.640   2.556   -8.873  1.00 21.46 ? 1181 HOH A O   1 
HETATM 817 O O   . HOH C 3 .  ? -19.373 15.620  -3.435  1.00 23.47 ? 1182 HOH A O   1 
HETATM 818 O O   . HOH C 3 .  ? 17.420  5.246   6.515   1.00 19.22 ? 1183 HOH A O   1 
HETATM 819 O O   . HOH C 3 .  ? 1.673   3.208   -13.187 1.00 30.66 ? 1184 HOH A O   1 
HETATM 820 O O   . HOH C 3 .  ? 17.978  -3.179  8.678   1.00 20.40 ? 1185 HOH A O   1 
HETATM 821 O O   . HOH C 3 .  ? -11.915 -6.622  -9.335  1.00 39.52 ? 1186 HOH A O   1 
HETATM 822 O O   . HOH C 3 .  ? 3.598   -10.832 7.139   1.00 11.73 ? 1187 HOH A O   1 
HETATM 823 O O   . HOH C 3 .  ? -8.088  -2.111  -14.704 1.00 44.98 ? 1188 HOH A O   1 
HETATM 824 O O   . HOH C 3 .  ? -9.715  -19.425 7.211   1.00 39.20 ? 1189 HOH A O   1 
HETATM 825 O O   . HOH C 3 .  ? -22.144 8.778   -6.081  1.00 30.41 ? 1190 HOH A O   1 
HETATM 826 O O   . HOH C 3 .  ? 4.458   -2.578  -12.481 1.00 29.67 ? 1191 HOH A O   1 
HETATM 827 O O   . HOH C 3 .  ? -15.172 16.004  -4.007  1.00 32.49 ? 1192 HOH A O   1 
HETATM 828 O O   . HOH C 3 .  ? -3.537  10.240  -11.831 1.00 28.83 ? 1193 HOH A O   1 
HETATM 829 O O   . HOH C 3 .  ? 12.145  -5.641  0.651   1.00 23.83 ? 1194 HOH A O   1 
HETATM 830 O O   . HOH C 3 .  ? 17.980  -7.752  -4.887  1.00 29.46 ? 1195 HOH A O   1 
HETATM 831 O O   . HOH C 3 .  ? 17.586  0.981   -0.549  1.00 24.48 ? 1196 HOH A O   1 
HETATM 832 O O   . HOH C 3 .  ? 4.294   0.384   6.882   1.00 13.93 ? 1197 HOH A O   1 
HETATM 833 O O   . HOH C 3 .  ? 13.079  -5.474  2.946   1.00 34.51 ? 1198 HOH A O   1 
HETATM 834 O O   . HOH C 3 .  ? -5.603  -3.016  11.956  1.00 36.26 ? 1199 HOH A O   1 
HETATM 835 O O   . HOH C 3 .  ? 12.395  9.724   9.088   1.00 29.24 ? 1200 HOH A O   1 
HETATM 836 O O   . HOH C 3 .  ? -13.978 3.700   -6.632  1.00 23.98 ? 1201 HOH A O   1 
HETATM 837 O O   . HOH C 3 .  ? -2.170  6.460   6.623   1.00 31.47 ? 1202 HOH A O   1 
HETATM 838 O O   . HOH C 3 .  ? -11.116 6.656   4.678   1.00 14.05 ? 1203 HOH A O   1 
HETATM 839 O O   . HOH C 3 .  ? 15.635  -0.168  1.808   1.00 21.43 ? 1204 HOH A O   1 
HETATM 840 O O   . HOH C 3 .  ? 6.335   11.117  5.544   1.00 14.98 ? 1205 HOH A O   1 
HETATM 841 O O   . HOH C 3 .  ? -3.535  -0.293  -15.213 1.00 35.13 ? 1206 HOH A O   1 
HETATM 842 O O   . HOH C 3 .  ? -9.267  -12.993 8.238   1.00 27.03 ? 1207 HOH A O   1 
HETATM 843 O O   . HOH C 3 .  ? -9.594  10.604  -5.045  1.00 34.06 ? 1208 HOH A O   1 
HETATM 844 O O   . HOH C 3 .  ? 14.648  7.028   -2.664  1.00 10.81 ? 1209 HOH A O   1 
HETATM 845 O O   . HOH C 3 .  ? 18.058  2.239   5.411   1.00 16.82 ? 1210 HOH A O   1 
HETATM 846 O O   . HOH C 3 .  ? -9.755  -6.124  -2.952  1.00 18.96 ? 1211 HOH A O   1 
HETATM 847 O O   . HOH C 3 .  ? -6.911  9.561   0.098   1.00 18.55 ? 1212 HOH A O   1 
HETATM 848 O O   . HOH C 3 .  ? 5.536   -10.879 -5.725  1.00 30.48 ? 1213 HOH A O   1 
HETATM 849 O O   . HOH C 3 .  ? -3.485  -12.112 11.050  1.00 17.07 ? 1214 HOH A O   1 
HETATM 850 O O   . HOH C 3 .  ? 6.352   6.762   15.345  1.00 44.66 ? 1215 HOH A O   1 
HETATM 851 O O   . HOH C 3 .  ? -15.820 -8.681  9.758   1.00 36.57 ? 1216 HOH A O   1 
HETATM 852 O O   . HOH C 3 .  ? -11.113 -3.307  -3.361  1.00 20.78 ? 1217 HOH A O   1 
HETATM 853 O O   . HOH C 3 .  ? 9.966   5.920   12.494  1.00 18.30 ? 1218 HOH A O   1 
HETATM 854 O O   . HOH C 3 .  ? 10.118  11.651  8.997   1.00 31.00 ? 1219 HOH A O   1 
HETATM 855 O O   . HOH C 3 .  ? 12.369  14.018  14.688  1.00 42.64 ? 1220 HOH A O   1 
HETATM 856 O O   . HOH C 3 .  ? -6.939  -2.236  9.442   1.00 40.52 ? 1221 HOH A O   1 
HETATM 857 O O   . HOH C 3 .  ? 15.414  1.994   14.668  1.00 26.52 ? 1222 HOH A O   1 
HETATM 858 O O   . HOH C 3 .  ? 6.562   -13.051 -9.328  1.00 46.82 ? 1223 HOH A O   1 
HETATM 859 O O   . HOH C 3 .  ? -5.793  1.602   11.401  1.00 37.04 ? 1224 HOH A O   1 
HETATM 860 O O   . HOH C 3 .  ? -12.381 -0.143  -11.207 1.00 41.16 ? 1225 HOH A O   1 
HETATM 861 O O   . HOH C 3 .  ? -8.997  -13.409 -2.290  1.00 39.31 ? 1226 HOH A O   1 
HETATM 862 O O   . HOH C 3 .  ? -6.579  -0.153  -4.879  1.00 24.78 ? 1227 HOH A O   1 
HETATM 863 O O   . HOH C 3 .  ? -16.650 14.990  -6.398  1.00 39.25 ? 1228 HOH A O   1 
HETATM 864 O O   . HOH C 3 .  ? 0.385   -17.801 3.841   1.00 36.93 ? 1229 HOH A O   1 
HETATM 865 O O   . HOH C 3 .  ? -4.905  -3.835  -13.367 1.00 30.03 ? 1230 HOH A O   1 
HETATM 866 O O   . HOH C 3 .  ? -14.173 -14.762 12.055  1.00 44.57 ? 1231 HOH A O   1 
HETATM 867 O O   . HOH C 3 .  ? -1.814  14.047  0.543   1.00 30.11 ? 1232 HOH A O   1 
HETATM 868 O O   . HOH C 3 .  ? 13.602  -4.860  -2.112  1.00 29.28 ? 1233 HOH A O   1 
HETATM 869 O O   . HOH C 3 .  ? 16.920  13.447  8.831   1.00 24.29 ? 1234 HOH A O   1 
HETATM 870 O O   . HOH C 3 .  ? 17.603  -8.363  -6.923  1.00 32.27 ? 1235 HOH A O   1 
HETATM 871 O O   . HOH C 3 .  ? -11.399 -14.518 9.041   1.00 36.60 ? 1236 HOH A O   1 
HETATM 872 O O   . HOH C 3 .  ? 16.213  -1.222  -1.050  1.00 35.19 ? 1237 HOH A O   1 
HETATM 873 O O   . HOH C 3 .  ? -2.571  -13.843 9.115   1.00 36.06 ? 1238 HOH A O   1 
HETATM 874 O O   . HOH C 3 .  ? 9.414   7.149   14.819  1.00 34.17 ? 1239 HOH A O   1 
HETATM 875 O O   . HOH C 3 .  ? -10.602 8.894   2.947   1.00 12.42 ? 1240 HOH A O   1 
HETATM 876 O O   . HOH C 3 .  ? -14.416 2.344   -8.528  1.00 45.38 ? 1241 HOH A O   1 
HETATM 877 O O   . HOH C 3 .  ? 13.898  -7.062  -11.291 1.00 39.53 ? 1242 HOH A O   1 
HETATM 878 O O   . HOH C 3 .  ? 11.707  -8.184  4.366   1.00 27.25 ? 1243 HOH A O   1 
HETATM 879 O O   . HOH C 3 .  ? 1.086   -7.749  -8.951  1.00 23.43 ? 1244 HOH A O   1 
HETATM 880 O O   . HOH C 3 .  ? -7.193  4.712   6.616   1.00 19.55 ? 1245 HOH A O   1 
HETATM 881 O O   . HOH C 3 .  ? -9.616  -9.628  5.901   1.00 35.34 ? 1246 HOH A O   1 
HETATM 882 O O   . HOH C 3 .  ? 0.490   5.686   6.845   1.00 25.08 ? 1247 HOH A O   1 
HETATM 883 O O   . HOH C 3 .  ? 2.909   1.794   8.801   1.00 18.08 ? 1248 HOH A O   1 
HETATM 884 O O   . HOH C 3 .  ? 5.025   3.239   -12.374 1.00 42.41 ? 1249 HOH A O   1 
HETATM 885 O O   . HOH C 3 .  ? -5.650  -6.031  12.556  1.00 24.45 ? 1250 HOH A O   1 
HETATM 886 O O   . HOH C 3 .  ? 6.424   13.609  9.730   1.00 34.89 ? 1251 HOH A O   1 
HETATM 887 O O   . HOH C 3 .  ? -20.179 7.083   -7.828  1.00 42.98 ? 1252 HOH A O   1 
HETATM 888 O O   . HOH C 3 .  ? -8.036  -12.850 -6.095  1.00 39.28 ? 1253 HOH A O   1 
HETATM 889 O O   . HOH C 3 .  ? -3.984  8.867   -0.202  1.00 22.74 ? 1254 HOH A O   1 
HETATM 890 O O   . HOH C 3 .  ? -17.652 -8.874  7.970   1.00 39.02 ? 1255 HOH A O   1 
HETATM 891 O O   . HOH C 3 .  ? 15.395  -2.954  -1.374  1.00 34.60 ? 1256 HOH A O   1 
HETATM 892 O O   . HOH C 3 .  ? -17.027 -14.967 4.895   1.00 42.44 ? 1257 HOH A O   1 
HETATM 893 O O   . HOH C 3 .  ? 18.808  0.824   11.531  1.00 27.19 ? 1258 HOH A O   1 
HETATM 894 O O   . HOH C 3 .  ? -2.478  3.774   -13.993 1.00 25.42 ? 1259 HOH A O   1 
HETATM 895 O O   . HOH C 3 .  ? 1.868   9.664   4.588   1.00 25.95 ? 1260 HOH A O   1 
HETATM 896 O O   . HOH C 3 .  ? 14.865  17.067  10.324  1.00 36.20 ? 1261 HOH A O   1 
HETATM 897 O O   . HOH C 3 .  ? 13.157  15.526  8.326   1.00 42.19 ? 1262 HOH A O   1 
HETATM 898 O O   . HOH C 3 .  ? -13.521 -0.228  -8.845  1.00 38.43 ? 1263 HOH A O   1 
HETATM 899 O O   . HOH C 3 .  ? -3.637  13.031  -0.994  1.00 27.34 ? 1264 HOH A O   1 
HETATM 900 O O   . HOH C 3 .  ? 7.973   4.921   11.170  1.00 32.90 ? 1265 HOH A O   1 
HETATM 901 O O   . HOH C 3 .  ? -2.237  1.351   13.352  1.00 32.71 ? 1266 HOH A O   1 
HETATM 902 O O   . HOH C 3 .  ? 9.951   3.975   -13.600 1.00 32.35 ? 1267 HOH A O   1 
HETATM 903 O O   . HOH C 3 .  ? -12.943 -6.716  9.641   1.00 38.26 ? 1268 HOH A O   1 
HETATM 904 O O   . HOH C 3 .  ? -14.481 -12.590 1.959   1.00 35.41 ? 1269 HOH A O   1 
HETATM 905 O O   . HOH C 3 .  ? 1.732   -10.385 -7.848  1.00 28.67 ? 1270 HOH A O   1 
HETATM 906 O O   . HOH C 3 .  ? -2.059  9.029   6.829   1.00 34.61 ? 1271 HOH A O   1 
HETATM 907 O O   . HOH C 3 .  ? -16.620 -13.292 3.855   1.00 34.42 ? 1272 HOH A O   1 
HETATM 908 O O   . HOH C 3 .  ? -7.963  -10.454 10.841  1.00 24.64 ? 1273 HOH A O   1 
HETATM 909 O O   . HOH C 3 .  ? -7.689  -7.550  11.343  1.00 32.48 ? 1274 HOH A O   1 
HETATM 910 O O   . HOH C 3 .  ? -6.215  -12.626 11.344  1.00 22.98 ? 1275 HOH A O   1 
HETATM 911 O O   . HOH C 3 .  ? -17.044 -7.823  5.227   1.00 34.25 ? 1276 HOH A O   1 
HETATM 912 O O   . HOH C 3 .  ? 16.450  -2.574  1.857   1.00 39.56 ? 1277 HOH A O   1 
HETATM 913 O O   . HOH C 3 .  ? -10.948 11.461  -6.543  1.00 40.94 ? 1278 HOH A O   1 
HETATM 914 O O   . HOH C 3 .  ? 7.532   3.779   -11.620 1.00 34.40 ? 1279 HOH A O   1 
HETATM 915 O O   . HOH C 3 .  ? -9.041  -6.735  8.939   1.00 39.50 ? 1280 HOH A O   1 
HETATM 916 O O   . HOH C 3 .  ? -6.738  11.520  -4.636  1.00 19.94 ? 1281 HOH A O   1 
HETATM 917 O O   . HOH C 3 .  ? -12.725 3.558   -8.381  1.00 37.76 ? 1282 HOH A O   1 
HETATM 918 O O   . HOH C 3 .  ? -6.543  -4.176  6.142   1.00 33.09 ? 1283 HOH A O   1 
HETATM 919 O O   . HOH C 3 .  ? -7.855  2.014   6.982   1.00 18.99 ? 1284 HOH A O   1 
HETATM 920 O O   . HOH C 3 .  ? -2.346  -13.866 -1.253  1.00 29.26 ? 1285 HOH A O   1 
HETATM 921 O O   . HOH C 3 .  ? -15.861 6.912   -9.253  1.00 43.07 ? 1286 HOH A O   1 
HETATM 922 O O   . HOH C 3 .  ? -9.743  -10.469 8.553   1.00 34.67 ? 1287 HOH A O   1 
HETATM 923 O O   . HOH C 3 .  ? -2.145  -5.363  -10.702 1.00 25.71 ? 1288 HOH A O   1 
HETATM 924 O O   . HOH C 3 .  ? -12.328 -10.569 11.134  1.00 40.29 ? 1289 HOH A O   1 
HETATM 925 O O   . HOH C 3 .  ? -11.347 -12.166 -1.198  1.00 35.00 ? 1290 HOH A O   1 
HETATM 926 O O   . HOH C 3 .  ? 19.897  0.538   6.550   1.00 29.68 ? 1291 HOH A O   1 
HETATM 927 O O   . HOH C 3 .  ? 20.710  4.021   2.644   1.00 36.02 ? 1292 HOH A O   1 
HETATM 928 O O   . HOH C 3 .  ? -7.701  -2.302  6.501   1.00 24.67 ? 1293 HOH A O   1 
HETATM 929 O O   . HOH C 3 .  ? 0.785   8.841   -10.654 1.00 20.65 ? 1294 HOH A O   1 
HETATM 930 O O   . HOH C 3 .  ? 3.747   11.341  5.514   1.00 30.29 ? 1295 HOH A O   1 
HETATM 931 O O   . HOH C 3 .  ? 4.481   4.093   8.670   1.00 33.07 ? 1296 HOH A O   1 
HETATM 932 O O   . HOH C 3 .  ? -0.034  -12.766 -7.523  1.00 40.58 ? 1297 HOH A O   1 
HETATM 933 O O   . HOH C 3 .  ? -10.946 -8.884  4.552   1.00 39.75 ? 1298 HOH A O   1 
HETATM 934 O O   . HOH C 3 .  ? -16.700 -13.060 6.068   1.00 41.60 ? 1299 HOH A O   1 
HETATM 935 O O   . HOH C 3 .  ? -7.725  2.055   9.589   1.00 32.64 ? 1300 HOH A O   1 
HETATM 936 O O   . HOH C 3 .  ? 12.803  -5.966  -13.484 1.00 42.52 ? 1301 HOH A O   1 
HETATM 937 O O   . HOH C 3 .  ? 18.326  11.278  10.013  1.00 30.57 ? 1302 HOH A O   1 
HETATM 938 O O   . HOH C 3 .  ? 2.860   8.018   -12.385 1.00 32.35 ? 1303 HOH A O   1 
HETATM 939 O O   . HOH C 3 .  ? -2.093  1.868   -15.587 1.00 35.95 ? 1304 HOH A O   1 
HETATM 940 O O   . HOH C 3 .  ? 7.867   -11.436 -2.969  1.00 35.29 ? 1305 HOH A O   1 
HETATM 941 O O   . HOH C 3 .  ? -3.121  -9.367  -8.869  1.00 23.09 ? 1306 HOH A O   1 
HETATM 942 O O   . HOH C 3 .  ? 4.768   -5.199  -11.796 1.00 29.36 ? 1307 HOH A O   1 
HETATM 943 O O   . HOH C 3 .  ? 6.949   2.837   9.661   1.00 21.76 ? 1308 HOH A O   1 
HETATM 944 O O   . HOH C 3 .  ? 1.874   -11.252 -3.133  1.00 31.57 ? 1309 HOH A O   1 
HETATM 945 O O   . HOH C 3 .  ? -11.836 -9.297  2.433   1.00 40.37 ? 1310 HOH A O   1 
HETATM 946 O O   . HOH C 3 .  ? 0.098   -5.987  -12.617 1.00 36.05 ? 1311 HOH A O   1 
HETATM 947 O O   . HOH C 3 .  ? 19.624  -7.291  -2.280  1.00 35.29 ? 1312 HOH A O   1 
HETATM 948 O O   . HOH C 3 .  ? 2.651   -7.047  -11.136 1.00 25.01 ? 1313 HOH A O   1 
HETATM 949 O O   . HOH C 3 .  ? -3.733  15.101  2.230   1.00 41.79 ? 1314 HOH A O   1 
HETATM 950 O O   . HOH C 3 .  ? -13.404 -13.650 -2.206  1.00 40.57 ? 1315 HOH A O   1 
HETATM 951 O O   . HOH C 3 .  ? -15.173 -13.424 -3.498  1.00 46.78 ? 1316 HOH A O   1 
# 
